data_3VGY
# 
_entry.id   3VGY 
# 
_audit_conform.dict_name       mmcif_pdbx.dic 
_audit_conform.dict_version    5.381 
_audit_conform.dict_location   http://mmcif.pdb.org/dictionaries/ascii/mmcif_pdbx.dic 
# 
loop_
_database_2.database_id 
_database_2.database_code 
_database_2.pdbx_database_accession 
_database_2.pdbx_DOI 
PDB   3VGY         pdb_00003vgy 10.2210/pdb3vgy/pdb 
RCSB  RCSB095031   ?            ?                   
WWPDB D_1000095031 ?            ?                   
# 
loop_
_pdbx_database_related.db_name 
_pdbx_database_related.db_id 
_pdbx_database_related.details 
_pdbx_database_related.content_type 
PDB 3VGX . unspecified 
PDB 3VH7 . unspecified 
# 
_pdbx_database_status.status_code                     REL 
_pdbx_database_status.entry_id                        3VGY 
_pdbx_database_status.recvd_initial_deposition_date   2011-08-22 
_pdbx_database_status.deposit_site                    PDBJ 
_pdbx_database_status.process_site                    PDBJ 
_pdbx_database_status.status_code_sf                  REL 
_pdbx_database_status.status_code_mr                  ? 
_pdbx_database_status.SG_entry                        ? 
_pdbx_database_status.status_code_cs                  ? 
_pdbx_database_status.methods_development_category    ? 
_pdbx_database_status.pdb_format_compatible           Y 
_pdbx_database_status.status_code_nmr_data            ? 
# 
loop_
_audit_author.name 
_audit_author.pdbx_ordinal 
'Yao, X.'           1 
'Waltersperger, S.' 2 
'Wang, M.T.'        3 
'Cui, S.'           4 
# 
_citation.id                        primary 
_citation.title                     'Structural basis of potent and broad HIV-1 fusion inhibitor CP32M' 
_citation.journal_abbrev            J.Biol.Chem. 
_citation.journal_volume            287 
_citation.page_first                26618 
_citation.page_last                 26629 
_citation.year                      2012 
_citation.journal_id_ASTM           JBCHA3 
_citation.country                   US 
_citation.journal_id_ISSN           0021-9258 
_citation.journal_id_CSD            0071 
_citation.book_publisher            ? 
_citation.pdbx_database_id_PubMed   22679024 
_citation.pdbx_database_id_DOI      10.1074/jbc.M112.381079 
# 
loop_
_citation_author.citation_id 
_citation_author.name 
_citation_author.ordinal 
_citation_author.identifier_ORCID 
primary 'Yao, X.'           1  ? 
primary 'Chong, H.'         2  ? 
primary 'Zhang, C.'         3  ? 
primary 'Qiu, Z.'           4  ? 
primary 'Qin, B.'           5  ? 
primary 'Han, R.'           6  ? 
primary 'Waltersperger, S.' 7  ? 
primary 'Wang, M.T.'        8  ? 
primary 'He, Y.'            9  ? 
primary 'Cui, S.'           10 ? 
# 
_cell.entry_id           3VGY 
_cell.length_a           45.094 
_cell.length_b           45.094 
_cell.length_c           73.027 
_cell.angle_alpha        90.00 
_cell.angle_beta         90.00 
_cell.angle_gamma        120.00 
_cell.Z_PDB              6 
_cell.pdbx_unique_axis   ? 
_cell.length_a_esd       ? 
_cell.length_b_esd       ? 
_cell.length_c_esd       ? 
_cell.angle_alpha_esd    ? 
_cell.angle_beta_esd     ? 
_cell.angle_gamma_esd    ? 
# 
_symmetry.entry_id                         3VGY 
_symmetry.space_group_name_H-M             'P 3 2 1' 
_symmetry.pdbx_full_space_group_name_H-M   ? 
_symmetry.cell_setting                     ? 
_symmetry.Int_Tables_number                150 
_symmetry.space_group_name_Hall            ? 
# 
loop_
_entity.id 
_entity.type 
_entity.src_method 
_entity.pdbx_description 
_entity.formula_weight 
_entity.pdbx_number_of_molecules 
_entity.pdbx_ec 
_entity.pdbx_mutation 
_entity.pdbx_fragment 
_entity.details 
1 polymer     syn 'Envelope glycoprotein gp160' 6413.350 1  ? ? 'NHR (UNP RESIDUES 546-588)' ? 
2 polymer     syn CP32M                         4295.733 1  ? ? ?                            ? 
3 non-polymer syn 'SULFATE ION'                 96.063   1  ? ? ?                            ? 
4 water       nat water                         18.015   22 ? ? ?                            ? 
# 
_entity_name_com.entity_id   1 
_entity_name_com.name        
'Env polyprotein, Surface protein gp120, SU, Glycoprotein 120, gp120, Transmembrane protein gp41, TM, Glycoprotein 41, gp41' 
# 
loop_
_entity_poly.entity_id 
_entity_poly.type 
_entity_poly.nstd_linkage 
_entity_poly.nstd_monomer 
_entity_poly.pdbx_seq_one_letter_code 
_entity_poly.pdbx_seq_one_letter_code_can 
_entity_poly.pdbx_strand_id 
_entity_poly.pdbx_target_identifier 
1 'polypeptide(L)' no no GSAMADIGSEFSGIVQQQNNLLRAIEAQQHLLQLTVWGIKQLQARILAVERYLKSGGR 
GSAMADIGSEFSGIVQQQNNLLRAIEAQQHLLQLTVWGIKQLQARILAVERYLKSGGR C ? 
2 'polypeptide(L)' no no GGVEWNEMTWMEWEREIENYTKLIYKILEESQEQ                         GGVEWNEMTWMEWEREIENYTKLIYKILEESQEQ D ? 
# 
loop_
_entity_poly_seq.entity_id 
_entity_poly_seq.num 
_entity_poly_seq.mon_id 
_entity_poly_seq.hetero 
1 1  GLY n 
1 2  SER n 
1 3  ALA n 
1 4  MET n 
1 5  ALA n 
1 6  ASP n 
1 7  ILE n 
1 8  GLY n 
1 9  SER n 
1 10 GLU n 
1 11 PHE n 
1 12 SER n 
1 13 GLY n 
1 14 ILE n 
1 15 VAL n 
1 16 GLN n 
1 17 GLN n 
1 18 GLN n 
1 19 ASN n 
1 20 ASN n 
1 21 LEU n 
1 22 LEU n 
1 23 ARG n 
1 24 ALA n 
1 25 ILE n 
1 26 GLU n 
1 27 ALA n 
1 28 GLN n 
1 29 GLN n 
1 30 HIS n 
1 31 LEU n 
1 32 LEU n 
1 33 GLN n 
1 34 LEU n 
1 35 THR n 
1 36 VAL n 
1 37 TRP n 
1 38 GLY n 
1 39 ILE n 
1 40 LYS n 
1 41 GLN n 
1 42 LEU n 
1 43 GLN n 
1 44 ALA n 
1 45 ARG n 
1 46 ILE n 
1 47 LEU n 
1 48 ALA n 
1 49 VAL n 
1 50 GLU n 
1 51 ARG n 
1 52 TYR n 
1 53 LEU n 
1 54 LYS n 
1 55 SER n 
1 56 GLY n 
1 57 GLY n 
1 58 ARG n 
2 1  GLY n 
2 2  GLY n 
2 3  VAL n 
2 4  GLU n 
2 5  TRP n 
2 6  ASN n 
2 7  GLU n 
2 8  MET n 
2 9  THR n 
2 10 TRP n 
2 11 MET n 
2 12 GLU n 
2 13 TRP n 
2 14 GLU n 
2 15 ARG n 
2 16 GLU n 
2 17 ILE n 
2 18 GLU n 
2 19 ASN n 
2 20 TYR n 
2 21 THR n 
2 22 LYS n 
2 23 LEU n 
2 24 ILE n 
2 25 TYR n 
2 26 LYS n 
2 27 ILE n 
2 28 LEU n 
2 29 GLU n 
2 30 GLU n 
2 31 SER n 
2 32 GLN n 
2 33 GLU n 
2 34 GLN n 
# 
loop_
_pdbx_entity_src_syn.entity_id 
_pdbx_entity_src_syn.pdbx_src_id 
_pdbx_entity_src_syn.pdbx_alt_source_flag 
_pdbx_entity_src_syn.pdbx_beg_seq_num 
_pdbx_entity_src_syn.pdbx_end_seq_num 
_pdbx_entity_src_syn.organism_scientific 
_pdbx_entity_src_syn.organism_common_name 
_pdbx_entity_src_syn.ncbi_taxonomy_id 
_pdbx_entity_src_syn.details 
1 1 sample ? ? 'Human immunodeficiency virus type 1' HIV-1 11676 'This sequence occurs naturally.' 
2 1 sample ? ? ?                                     ?     ?     
'This sequence does not occur naturally, but designed based on sequence of HIV-1 gp41 CHR 621-652.' 
# 
loop_
_struct_ref.id 
_struct_ref.db_name 
_struct_ref.db_code 
_struct_ref.pdbx_db_accession 
_struct_ref.entity_id 
_struct_ref.pdbx_seq_one_letter_code 
_struct_ref.pdbx_align_begin 
_struct_ref.pdbx_db_isoform 
1 UNP ENV_HV1B1 P03375 1 SGIVQQQNNLLRAIEAQQHLLQLTVWGIKQLQARILAVERYLK 546 ? 
2 PDB 3VGY      3VGY   2 ?                                           ?   ? 
# 
loop_
_struct_ref_seq.align_id 
_struct_ref_seq.ref_id 
_struct_ref_seq.pdbx_PDB_id_code 
_struct_ref_seq.pdbx_strand_id 
_struct_ref_seq.seq_align_beg 
_struct_ref_seq.pdbx_seq_align_beg_ins_code 
_struct_ref_seq.seq_align_end 
_struct_ref_seq.pdbx_seq_align_end_ins_code 
_struct_ref_seq.pdbx_db_accession 
_struct_ref_seq.db_align_beg 
_struct_ref_seq.pdbx_db_align_beg_ins_code 
_struct_ref_seq.db_align_end 
_struct_ref_seq.pdbx_db_align_end_ins_code 
_struct_ref_seq.pdbx_auth_seq_align_beg 
_struct_ref_seq.pdbx_auth_seq_align_end 
1 1 3VGY C 12 ? 54 ? P03375 546 ? 588 ? 546 588 
2 2 3VGY D 1  ? 34 ? 3VGY   619 ? 652 ? 619 652 
# 
loop_
_struct_ref_seq_dif.align_id 
_struct_ref_seq_dif.pdbx_pdb_id_code 
_struct_ref_seq_dif.mon_id 
_struct_ref_seq_dif.pdbx_pdb_strand_id 
_struct_ref_seq_dif.seq_num 
_struct_ref_seq_dif.pdbx_pdb_ins_code 
_struct_ref_seq_dif.pdbx_seq_db_name 
_struct_ref_seq_dif.pdbx_seq_db_accession_code 
_struct_ref_seq_dif.db_mon_id 
_struct_ref_seq_dif.pdbx_seq_db_seq_num 
_struct_ref_seq_dif.details 
_struct_ref_seq_dif.pdbx_auth_seq_num 
_struct_ref_seq_dif.pdbx_ordinal 
1 3VGY GLY C 1  ? UNP P03375 ? ? 'expression tag' -10 1  
1 3VGY SER C 2  ? UNP P03375 ? ? 'expression tag' -9  2  
1 3VGY ALA C 3  ? UNP P03375 ? ? 'expression tag' -8  3  
1 3VGY MET C 4  ? UNP P03375 ? ? 'expression tag' -7  4  
1 3VGY ALA C 5  ? UNP P03375 ? ? 'expression tag' -6  5  
1 3VGY ASP C 6  ? UNP P03375 ? ? 'expression tag' -5  6  
1 3VGY ILE C 7  ? UNP P03375 ? ? 'expression tag' -4  7  
1 3VGY GLY C 8  ? UNP P03375 ? ? 'expression tag' -3  8  
1 3VGY SER C 9  ? UNP P03375 ? ? 'expression tag' -2  9  
1 3VGY GLU C 10 ? UNP P03375 ? ? 'expression tag' -1  10 
1 3VGY PHE C 11 ? UNP P03375 ? ? 'expression tag' 0   11 
1 3VGY SER C 55 ? UNP P03375 ? ? 'expression tag' 589 12 
1 3VGY GLY C 56 ? UNP P03375 ? ? 'expression tag' 590 13 
1 3VGY GLY C 57 ? UNP P03375 ? ? 'expression tag' 591 14 
1 3VGY ARG C 58 ? UNP P03375 ? ? 'expression tag' 592 15 
# 
loop_
_chem_comp.id 
_chem_comp.type 
_chem_comp.mon_nstd_flag 
_chem_comp.name 
_chem_comp.pdbx_synonyms 
_chem_comp.formula 
_chem_comp.formula_weight 
ALA 'L-peptide linking' y ALANINE         ? 'C3 H7 N O2'     89.093  
ARG 'L-peptide linking' y ARGININE        ? 'C6 H15 N4 O2 1' 175.209 
ASN 'L-peptide linking' y ASPARAGINE      ? 'C4 H8 N2 O3'    132.118 
ASP 'L-peptide linking' y 'ASPARTIC ACID' ? 'C4 H7 N O4'     133.103 
GLN 'L-peptide linking' y GLUTAMINE       ? 'C5 H10 N2 O3'   146.144 
GLU 'L-peptide linking' y 'GLUTAMIC ACID' ? 'C5 H9 N O4'     147.129 
GLY 'peptide linking'   y GLYCINE         ? 'C2 H5 N O2'     75.067  
HIS 'L-peptide linking' y HISTIDINE       ? 'C6 H10 N3 O2 1' 156.162 
HOH non-polymer         . WATER           ? 'H2 O'           18.015  
ILE 'L-peptide linking' y ISOLEUCINE      ? 'C6 H13 N O2'    131.173 
LEU 'L-peptide linking' y LEUCINE         ? 'C6 H13 N O2'    131.173 
LYS 'L-peptide linking' y LYSINE          ? 'C6 H15 N2 O2 1' 147.195 
MET 'L-peptide linking' y METHIONINE      ? 'C5 H11 N O2 S'  149.211 
PHE 'L-peptide linking' y PHENYLALANINE   ? 'C9 H11 N O2'    165.189 
SER 'L-peptide linking' y SERINE          ? 'C3 H7 N O3'     105.093 
SO4 non-polymer         . 'SULFATE ION'   ? 'O4 S -2'        96.063  
THR 'L-peptide linking' y THREONINE       ? 'C4 H9 N O3'     119.119 
TRP 'L-peptide linking' y TRYPTOPHAN      ? 'C11 H12 N2 O2'  204.225 
TYR 'L-peptide linking' y TYROSINE        ? 'C9 H11 N O3'    181.189 
VAL 'L-peptide linking' y VALINE          ? 'C5 H11 N O2'    117.146 
# 
_exptl.entry_id          3VGY 
_exptl.method            'X-RAY DIFFRACTION' 
_exptl.crystals_number   1 
# 
_exptl_crystal.id                    1 
_exptl_crystal.density_meas          ? 
_exptl_crystal.density_Matthews      2.00 
_exptl_crystal.density_percent_sol   38.54 
_exptl_crystal.description           ? 
_exptl_crystal.F_000                 ? 
_exptl_crystal.preparation           ? 
# 
_exptl_crystal_grow.crystal_id      1 
_exptl_crystal_grow.method          'VAPOR DIFFUSION, HANGING DROP' 
_exptl_crystal_grow.temp            295 
_exptl_crystal_grow.temp_details    ? 
_exptl_crystal_grow.pH              7.5 
_exptl_crystal_grow.pdbx_details    '0.2M AMMONIUM SULFATE, 20% PEG 3350, pH 7.5, VAPOR DIFFUSION, HANGING DROP, temperature 295K' 
_exptl_crystal_grow.pdbx_pH_range   . 
# 
_diffrn.id                     1 
_diffrn.ambient_temp           100 
_diffrn.ambient_temp_details   ? 
_diffrn.crystal_id             1 
# 
_diffrn_detector.diffrn_id              1 
_diffrn_detector.detector               CCD 
_diffrn_detector.type                   'MARMOSAIC 225 mm CCD' 
_diffrn_detector.pdbx_collection_date   2011-03-29 
_diffrn_detector.details                ? 
# 
_diffrn_radiation.diffrn_id                        1 
_diffrn_radiation.wavelength_id                    1 
_diffrn_radiation.pdbx_monochromatic_or_laue_m_l   M 
_diffrn_radiation.monochromator                    'Bartels Monochromator Crystal Type Si (111)' 
_diffrn_radiation.pdbx_diffrn_protocol             'SINGLE WAVELENGTH' 
_diffrn_radiation.pdbx_scattering_type             x-ray 
# 
_diffrn_radiation_wavelength.id           1 
_diffrn_radiation_wavelength.wavelength   0.9787 
_diffrn_radiation_wavelength.wt           1.0 
# 
_diffrn_source.diffrn_id                   1 
_diffrn_source.source                      SYNCHROTRON 
_diffrn_source.type                        'SLS BEAMLINE X06DA' 
_diffrn_source.pdbx_synchrotron_site       SLS 
_diffrn_source.pdbx_synchrotron_beamline   X06DA 
_diffrn_source.pdbx_wavelength             ? 
_diffrn_source.pdbx_wavelength_list        0.9787 
# 
_reflns.entry_id                     3VGY 
_reflns.observed_criterion_sigma_I   3.0 
_reflns.observed_criterion_sigma_F   3.0 
_reflns.d_resolution_low             39.053 
_reflns.d_resolution_high            2.034 
_reflns.number_obs                   5850 
_reflns.number_all                   ? 
_reflns.percent_possible_obs         99.8 
_reflns.pdbx_Rmerge_I_obs            0.079 
_reflns.pdbx_Rsym_value              0.080 
_reflns.pdbx_netI_over_sigmaI        16.42 
_reflns.B_iso_Wilson_estimate        ? 
_reflns.pdbx_redundancy              5.77 
_reflns.R_free_details               ? 
_reflns.limit_h_max                  ? 
_reflns.limit_h_min                  ? 
_reflns.limit_k_max                  ? 
_reflns.limit_k_min                  ? 
_reflns.limit_l_max                  ? 
_reflns.limit_l_min                  ? 
_reflns.observed_criterion_F_max     ? 
_reflns.observed_criterion_F_min     ? 
_reflns.pdbx_chi_squared             ? 
_reflns.pdbx_scaling_rejects         ? 
_reflns.pdbx_ordinal                 1 
_reflns.pdbx_diffrn_id               1 
# 
_reflns_shell.d_res_high                  2.05 
_reflns_shell.d_res_low                   2.17 
_reflns_shell.percent_possible_all        98.8 
_reflns_shell.Rmerge_I_obs                0.63 
_reflns_shell.pdbx_Rsym_value             0.63 
_reflns_shell.meanI_over_sigI_obs         2.89 
_reflns_shell.pdbx_redundancy             5.61 
_reflns_shell.percent_possible_obs        ? 
_reflns_shell.number_unique_all           1644 
_reflns_shell.number_measured_all         ? 
_reflns_shell.number_measured_obs         ? 
_reflns_shell.number_unique_obs           ? 
_reflns_shell.pdbx_chi_squared            ? 
_reflns_shell.pdbx_rejects                ? 
_reflns_shell.pdbx_netI_over_sigmaI_obs   ? 
_reflns_shell.number_possible             ? 
_reflns_shell.Rmerge_F_all                ? 
_reflns_shell.Rmerge_F_obs                ? 
_reflns_shell.Rmerge_I_all                ? 
_reflns_shell.meanI_over_sigI_all         ? 
_reflns_shell.pdbx_Rrim_I_all             ? 
_reflns_shell.pdbx_Rpim_I_all             ? 
_reflns_shell.pdbx_ordinal                1 
_reflns_shell.pdbx_diffrn_id              1 
# 
_refine.entry_id                                 3VGY 
_refine.ls_number_reflns_obs                     5842 
_refine.ls_number_reflns_all                     ? 
_refine.pdbx_ls_sigma_I                          ? 
_refine.pdbx_ls_sigma_F                          1.99 
_refine.pdbx_data_cutoff_high_absF               ? 
_refine.pdbx_data_cutoff_low_absF                ? 
_refine.pdbx_data_cutoff_high_rms_absF           ? 
_refine.ls_d_res_low                             34.438 
_refine.ls_d_res_high                            2.034 
_refine.ls_percent_reflns_obs                    99.01 
_refine.ls_R_factor_obs                          0.2002 
_refine.ls_R_factor_all                          ? 
_refine.ls_R_factor_R_work                       0.1969 
_refine.ls_R_factor_R_free                       0.2590 
_refine.ls_R_factor_R_free_error                 ? 
_refine.ls_R_factor_R_free_error_details         ? 
_refine.ls_percent_reflns_R_free                 4.96 
_refine.ls_number_reflns_R_free                  526 
_refine.ls_number_parameters                     ? 
_refine.ls_number_restraints                     ? 
_refine.occupancy_min                            ? 
_refine.occupancy_max                            ? 
_refine.correlation_coeff_Fo_to_Fc               ? 
_refine.correlation_coeff_Fo_to_Fc_free          ? 
_refine.B_iso_mean                               ? 
_refine.aniso_B[1][1]                            5.1153 
_refine.aniso_B[2][2]                            5.1153 
_refine.aniso_B[3][3]                            -10.2306 
_refine.aniso_B[1][2]                            -0.0000 
_refine.aniso_B[1][3]                            -0.0000 
_refine.aniso_B[2][3]                            -0.0000 
_refine.solvent_model_details                    'FLAT BULK SOLVENT MODEL' 
_refine.solvent_model_param_ksol                 0.393 
_refine.solvent_model_param_bsol                 58.008 
_refine.pdbx_solvent_vdw_probe_radii             1.00 
_refine.pdbx_solvent_ion_probe_radii             ? 
_refine.pdbx_solvent_shrinkage_radii             0.73 
_refine.pdbx_ls_cross_valid_method               THROUGHOUT 
_refine.details                                  ? 
_refine.pdbx_starting_model                      'PDB ID 3F4Y' 
_refine.pdbx_method_to_determine_struct          'MOLECULAR REPLACEMENT' 
_refine.pdbx_isotropic_thermal_model             Isotropic 
_refine.pdbx_stereochemistry_target_values       ML 
_refine.pdbx_stereochem_target_val_spec_case     ? 
_refine.pdbx_R_Free_selection_details            RANDOM 
_refine.pdbx_overall_ESU_R_Free                  ? 
_refine.overall_SU_ML                            0.12 
_refine.pdbx_overall_phase_error                 23.35 
_refine.overall_SU_B                             ? 
_refine.overall_SU_R_Cruickshank_DPI             ? 
_refine.ls_redundancy_reflns_obs                 ? 
_refine.B_iso_min                                ? 
_refine.B_iso_max                                ? 
_refine.overall_SU_R_free                        ? 
_refine.ls_wR_factor_R_free                      ? 
_refine.ls_wR_factor_R_work                      ? 
_refine.overall_FOM_free_R_set                   ? 
_refine.overall_FOM_work_R_set                   ? 
_refine.pdbx_diffrn_id                           1 
_refine.pdbx_refine_id                           'X-RAY DIFFRACTION' 
_refine.pdbx_overall_ESU_R                       ? 
_refine.pdbx_TLS_residual_ADP_flag               ? 
_refine.pdbx_overall_SU_R_free_Cruickshank_DPI   ? 
_refine.pdbx_overall_SU_R_Blow_DPI               ? 
_refine.pdbx_overall_SU_R_free_Blow_DPI          ? 
# 
_refine_hist.pdbx_refine_id                   'X-RAY DIFFRACTION' 
_refine_hist.cycle_id                         LAST 
_refine_hist.pdbx_number_atoms_protein        670 
_refine_hist.pdbx_number_atoms_nucleic_acid   0 
_refine_hist.pdbx_number_atoms_ligand         5 
_refine_hist.number_atoms_solvent             22 
_refine_hist.number_atoms_total               697 
_refine_hist.d_res_high                       2.034 
_refine_hist.d_res_low                        34.438 
# 
loop_
_refine_ls_restr.type 
_refine_ls_restr.dev_ideal 
_refine_ls_restr.dev_ideal_target 
_refine_ls_restr.weight 
_refine_ls_restr.number 
_refine_ls_restr.pdbx_refine_id 
_refine_ls_restr.pdbx_restraint_function 
f_bond_d           0.014  ? ? 698 'X-RAY DIFFRACTION' ? 
f_angle_d          1.359  ? ? 946 'X-RAY DIFFRACTION' ? 
f_dihedral_angle_d 17.476 ? ? 263 'X-RAY DIFFRACTION' ? 
f_chiral_restr     0.075  ? ? 102 'X-RAY DIFFRACTION' ? 
f_plane_restr      0.005  ? ? 120 'X-RAY DIFFRACTION' ? 
# 
loop_
_refine_ls_shell.pdbx_refine_id 
_refine_ls_shell.pdbx_total_number_of_bins_used 
_refine_ls_shell.d_res_high 
_refine_ls_shell.d_res_low 
_refine_ls_shell.number_reflns_R_work 
_refine_ls_shell.R_factor_R_work 
_refine_ls_shell.percent_reflns_obs 
_refine_ls_shell.R_factor_R_free 
_refine_ls_shell.R_factor_R_free_error 
_refine_ls_shell.percent_reflns_R_free 
_refine_ls_shell.number_reflns_R_free 
_refine_ls_shell.number_reflns_all 
_refine_ls_shell.R_factor_all 
_refine_ls_shell.redundancy_reflns_obs 
_refine_ls_shell.number_reflns_obs 
'X-RAY DIFFRACTION' 4 2.0342 2.2389  2470 0.1912 97.00  0.2386 . . 129 . . . . 
'X-RAY DIFFRACTION' 4 2.2389 2.5628  2518 0.1756 100.00 0.2773 . . 128 . . . . 
'X-RAY DIFFRACTION' 4 2.5628 3.2286  2566 0.1843 100.00 0.2708 . . 133 . . . . 
'X-RAY DIFFRACTION' 4 3.2286 39.0597 2535 0.2120 100.00 0.2536 . . 136 . . . . 
# 
_struct.entry_id                  3VGY 
_struct.title                     'Structure of HIV-1 gp41 NHR/fusion inhibitor complex P321' 
_struct.pdbx_model_details        ? 
_struct.pdbx_CASP_flag            ? 
_struct.pdbx_model_type_details   ? 
# 
_struct_keywords.entry_id        3VGY 
_struct_keywords.pdbx_keywords   'MEMBRANE PROTEIN/INHIBITOR' 
_struct_keywords.text            '6-helix bundle, membrane fusion inhibition, MEMBRANE PROTEIN-INHIBITOR complex' 
# 
loop_
_struct_asym.id 
_struct_asym.pdbx_blank_PDB_chainid_flag 
_struct_asym.pdbx_modified 
_struct_asym.entity_id 
_struct_asym.details 
A N N 1 ? 
B N N 2 ? 
C N N 3 ? 
D N N 4 ? 
E N N 4 ? 
# 
_struct_biol.id        1 
_struct_biol.details   ? 
# 
loop_
_struct_conf.conf_type_id 
_struct_conf.id 
_struct_conf.pdbx_PDB_helix_id 
_struct_conf.beg_label_comp_id 
_struct_conf.beg_label_asym_id 
_struct_conf.beg_label_seq_id 
_struct_conf.pdbx_beg_PDB_ins_code 
_struct_conf.end_label_comp_id 
_struct_conf.end_label_asym_id 
_struct_conf.end_label_seq_id 
_struct_conf.pdbx_end_PDB_ins_code 
_struct_conf.beg_auth_comp_id 
_struct_conf.beg_auth_asym_id 
_struct_conf.beg_auth_seq_id 
_struct_conf.end_auth_comp_id 
_struct_conf.end_auth_asym_id 
_struct_conf.end_auth_seq_id 
_struct_conf.pdbx_PDB_helix_class 
_struct_conf.details 
_struct_conf.pdbx_PDB_helix_length 
HELX_P HELX_P1 1 ALA A 5 ? LEU A 53 ? ALA C -6  LEU C 587 1 ? 49 
HELX_P HELX_P2 2 ASN B 6 ? GLU B 33 ? ASN D 624 GLU D 651 1 ? 28 
# 
_struct_conf_type.id          HELX_P 
_struct_conf_type.criteria    ? 
_struct_conf_type.reference   ? 
# 
_struct_site.id                   AC1 
_struct_site.pdbx_evidence_code   Software 
_struct_site.pdbx_auth_asym_id    C 
_struct_site.pdbx_auth_comp_id    SO4 
_struct_site.pdbx_auth_seq_id     601 
_struct_site.pdbx_auth_ins_code   ? 
_struct_site.pdbx_num_residues    10 
_struct_site.details              'BINDING SITE FOR RESIDUE SO4 C 601' 
# 
loop_
_struct_site_gen.id 
_struct_site_gen.site_id 
_struct_site_gen.pdbx_num_res 
_struct_site_gen.label_comp_id 
_struct_site_gen.label_asym_id 
_struct_site_gen.label_seq_id 
_struct_site_gen.pdbx_auth_ins_code 
_struct_site_gen.auth_comp_id 
_struct_site_gen.auth_asym_id 
_struct_site_gen.auth_seq_id 
_struct_site_gen.label_atom_id 
_struct_site_gen.label_alt_id 
_struct_site_gen.symmetry 
_struct_site_gen.details 
1  AC1 10 GLU A 26 ? GLU C 560 . ? 6_556 ? 
2  AC1 10 GLU A 26 ? GLU C 560 . ? 1_555 ? 
3  AC1 10 HIS A 30 ? HIS C 564 . ? 6_556 ? 
4  AC1 10 HIS A 30 ? HIS C 564 . ? 1_555 ? 
5  AC1 10 HOH D .  ? HOH C 701 . ? 1_555 ? 
6  AC1 10 HOH D .  ? HOH C 701 . ? 6_556 ? 
7  AC1 10 HOH D .  ? HOH C 702 . ? 1_555 ? 
8  AC1 10 HOH D .  ? HOH C 702 . ? 6_556 ? 
9  AC1 10 HOH E .  ? HOH D 701 . ? 6_556 ? 
10 AC1 10 HOH E .  ? HOH D 701 . ? 1_555 ? 
# 
_atom_sites.entry_id                    3VGY 
_atom_sites.fract_transf_matrix[1][1]   0.00598356 
_atom_sites.fract_transf_matrix[1][2]   0.02300890 
_atom_sites.fract_transf_matrix[1][3]   0.00951207 
_atom_sites.fract_transf_matrix[2][1]   0.01972115 
_atom_sites.fract_transf_matrix[2][2]   0.00244355 
_atom_sites.fract_transf_matrix[2][3]   0.01615004 
_atom_sites.fract_transf_matrix[3][1]   0.00840051 
_atom_sites.fract_transf_matrix[3][2]   0.00219337 
_atom_sites.fract_transf_matrix[3][3]   -0.01058991 
_atom_sites.fract_transf_vector[1]      -0.190386 
_atom_sites.fract_transf_vector[2]      0.299661 
_atom_sites.fract_transf_vector[3]      0.432119 
# 
loop_
_atom_type.symbol 
C 
H 
N 
O 
S 
# 
loop_
_atom_site.group_PDB 
_atom_site.id 
_atom_site.type_symbol 
_atom_site.label_atom_id 
_atom_site.label_alt_id 
_atom_site.label_comp_id 
_atom_site.label_asym_id 
_atom_site.label_entity_id 
_atom_site.label_seq_id 
_atom_site.pdbx_PDB_ins_code 
_atom_site.Cartn_x 
_atom_site.Cartn_y 
_atom_site.Cartn_z 
_atom_site.occupancy 
_atom_site.B_iso_or_equiv 
_atom_site.pdbx_formal_charge 
_atom_site.auth_seq_id 
_atom_site.auth_comp_id 
_atom_site.auth_asym_id 
_atom_site.auth_atom_id 
_atom_site.pdbx_PDB_model_num 
ATOM   1    N N    . ALA A 1 5  ? 19.351  7.581   -28.630 1.00 76.63  ? -6  ALA C N    1 
ATOM   2    C CA   . ALA A 1 5  ? 18.814  7.113   -29.918 1.00 73.29  ? -6  ALA C CA   1 
ATOM   3    C C    . ALA A 1 5  ? 17.846  6.031   -29.532 1.00 73.39  ? -6  ALA C C    1 
ATOM   4    O O    . ALA A 1 5  ? 17.182  6.159   -28.492 1.00 58.31  ? -6  ALA C O    1 
ATOM   5    C CB   . ALA A 1 5  ? 19.898  6.579   -30.738 1.00 78.80  ? -6  ALA C CB   1 
ATOM   6    H H    . ALA A 1 5  ? 19.574  8.512   -28.696 1.00 92.01  ? -6  ALA C H    1 
ATOM   7    H HA   . ALA A 1 5  ? 18.348  7.833   -30.391 1.00 88.00  ? -6  ALA C HA   1 
ATOM   8    H HB1  . ALA A 1 5  ? 20.308  5.845   -30.275 1.00 94.61  ? -6  ALA C HB1  1 
ATOM   9    H HB2  . ALA A 1 5  ? 19.536  6.277   -31.575 1.00 94.61  ? -6  ALA C HB2  1 
ATOM   10   H HB3  . ALA A 1 5  ? 20.544  7.273   -30.892 1.00 94.61  ? -6  ALA C HB3  1 
ATOM   11   N N    . ASP A 1 6  ? 17.755  4.956   -30.311 1.00 57.03  ? -5  ASP C N    1 
ATOM   12   C CA   . ASP A 1 6  ? 16.810  3.933   -29.898 1.00 67.25  ? -5  ASP C CA   1 
ATOM   13   C C    . ASP A 1 6  ? 17.361  3.103   -28.738 1.00 60.63  ? -5  ASP C C    1 
ATOM   14   O O    . ASP A 1 6  ? 16.578  2.539   -27.977 1.00 57.52  ? -5  ASP C O    1 
ATOM   15   C CB   . ASP A 1 6  ? 16.333  3.057   -31.058 1.00 72.42  ? -5  ASP C CB   1 
ATOM   16   C CG   . ASP A 1 6  ? 14.811  3.035   -31.172 1.00 85.02  ? -5  ASP C CG   1 
ATOM   17   O OD1  . ASP A 1 6  ? 14.247  3.957   -31.805 1.00 91.55  ? -5  ASP C OD1  1 
ATOM   18   O OD2  . ASP A 1 6  ? 14.171  2.111   -30.615 1.00 91.28  ? -5  ASP C OD2  1 
ATOM   19   H H    . ASP A 1 6  ? 18.198  4.802   -31.032 1.00 68.49  ? -5  ASP C H    1 
ATOM   20   H HA   . ASP A 1 6  ? 16.016  4.392   -29.555 1.00 80.75  ? -5  ASP C HA   1 
ATOM   21   H HB2  . ASP A 1 6  ? 16.692  3.405   -31.889 1.00 86.96  ? -5  ASP C HB2  1 
ATOM   22   H HB3  . ASP A 1 6  ? 16.638  2.147   -30.916 1.00 86.96  ? -5  ASP C HB3  1 
ATOM   23   N N    . ILE A 1 7  ? 18.686  3.025   -28.590 1.00 61.44  ? -4  ILE C N    1 
ATOM   24   C CA   . ILE A 1 7  ? 19.247  2.286   -27.460 1.00 56.68  ? -4  ILE C CA   1 
ATOM   25   C C    . ILE A 1 7  ? 19.005  3.067   -26.175 1.00 49.22  ? -4  ILE C C    1 
ATOM   26   O O    . ILE A 1 7  ? 18.649  2.485   -25.165 1.00 47.71  ? -4  ILE C O    1 
ATOM   27   C CB   . ILE A 1 7  ? 20.755  1.992   -27.603 1.00 47.17  ? -4  ILE C CB   1 
ATOM   28   C CG1  . ILE A 1 7  ? 21.188  0.915   -26.622 1.00 51.84  ? -4  ILE C CG1  1 
ATOM   29   C CG2  . ILE A 1 7  ? 21.600  3.218   -27.290 1.00 58.24  ? -4  ILE C CG2  1 
ATOM   30   C CD1  . ILE A 1 7  ? 20.521  -0.373  -26.808 1.00 68.33  ? -4  ILE C CD1  1 
ATOM   31   H H    . ILE A 1 7  ? 19.266  3.382   -29.115 1.00 73.78  ? -4  ILE C H    1 
ATOM   32   H HA   . ILE A 1 7  ? 18.782  1.427   -27.381 1.00 68.07  ? -4  ILE C HA   1 
ATOM   33   H HB   . ILE A 1 7  ? 20.940  1.695   -28.507 1.00 56.66  ? -4  ILE C HB   1 
ATOM   34   H HG12 . ILE A 1 7  ? 22.141  0.770   -26.721 1.00 62.26  ? -4  ILE C HG12 1 
ATOM   35   H HG13 . ILE A 1 7  ? 20.994  1.220   -25.722 1.00 62.26  ? -4  ILE C HG13 1 
ATOM   36   H HG21 . ILE A 1 7  ? 21.426  3.493   -26.387 1.00 69.94  ? -4  ILE C HG21 1 
ATOM   37   H HG22 . ILE A 1 7  ? 22.527  2.991   -27.390 1.00 69.94  ? -4  ILE C HG22 1 
ATOM   38   H HG23 . ILE A 1 7  ? 21.366  3.921   -27.899 1.00 69.94  ? -4  ILE C HG23 1 
ATOM   39   H HD11 . ILE A 1 7  ? 20.850  -0.992  -26.151 1.00 82.05  ? -4  ILE C HD11 1 
ATOM   40   H HD12 . ILE A 1 7  ? 19.574  -0.254  -26.700 1.00 82.05  ? -4  ILE C HD12 1 
ATOM   41   H HD13 . ILE A 1 7  ? 20.711  -0.700  -27.690 1.00 82.05  ? -4  ILE C HD13 1 
ATOM   42   N N    . GLY A 1 8  ? 19.217  4.381   -26.233 1.00 48.47  ? -3  GLY C N    1 
ATOM   43   C CA   . GLY A 1 8  ? 18.893  5.280   -25.145 1.00 49.34  ? -3  GLY C CA   1 
ATOM   44   C C    . GLY A 1 8  ? 17.413  5.218   -24.774 1.00 54.25  ? -3  GLY C C    1 
ATOM   45   O O    . GLY A 1 8  ? 17.054  5.224   -23.584 1.00 46.16  ? -3  GLY C O    1 
ATOM   46   H H    . GLY A 1 8  ? 19.557  4.780   -26.915 1.00 58.22  ? -3  GLY C H    1 
ATOM   47   H HA2  . GLY A 1 8  ? 19.418  5.046   -24.363 1.00 59.26  ? -3  GLY C HA2  1 
ATOM   48   H HA3  . GLY A 1 8  ? 19.110  6.190   -25.401 1.00 59.26  ? -3  GLY C HA3  1 
ATOM   49   N N    . SER A 1 9  ? 16.550  5.165   -25.789 1.00 50.99  ? -2  SER C N    1 
ATOM   50   C CA   . SER A 1 9  ? 15.114  5.073   -25.574 1.00 42.70  ? -2  SER C CA   1 
ATOM   51   C C    . SER A 1 9  ? 14.761  3.750   -24.912 1.00 43.61  ? -2  SER C C    1 
ATOM   52   O O    . SER A 1 9  ? 13.845  3.679   -24.090 1.00 38.89  ? -2  SER C O    1 
ATOM   53   C CB   . SER A 1 9  ? 14.340  5.199   -26.893 1.00 50.69  ? -2  SER C CB   1 
ATOM   54   O OG   . SER A 1 9  ? 14.235  6.547   -27.318 1.00 64.22  ? -2  SER C OG   1 
ATOM   55   H H    . SER A 1 9  ? 16.779  5.180   -26.618 1.00 61.24  ? -2  SER C H    1 
ATOM   56   H HA   . SER A 1 9  ? 14.831  5.800   -24.982 1.00 51.29  ? -2  SER C HA   1 
ATOM   57   H HB2  . SER A 1 9  ? 14.802  4.691   -27.577 1.00 60.88  ? -2  SER C HB2  1 
ATOM   58   H HB3  . SER A 1 9  ? 13.446  4.842   -26.766 1.00 60.88  ? -2  SER C HB3  1 
ATOM   59   H HG   . SER A 1 9  ? 13.817  6.588   -28.022 1.00 77.12  ? -2  SER C HG   1 
ATOM   60   N N    . GLU A 1 10 ? 15.478  2.703   -25.278 1.00 36.31  ? -1  GLU C N    1 
ATOM   61   C CA   . GLU A 1 10 ? 15.232  1.404   -24.702 1.00 42.86  ? -1  GLU C CA   1 
ATOM   62   C C    . GLU A 1 10 ? 15.641  1.403   -23.226 1.00 41.03  ? -1  GLU C C    1 
ATOM   63   O O    . GLU A 1 10 ? 14.876  0.948   -22.351 1.00 31.88  ? -1  GLU C O    1 
ATOM   64   C CB   . GLU A 1 10 ? 15.978  0.336   -25.480 1.00 39.04  ? -1  GLU C CB   1 
ATOM   65   C CG   . GLU A 1 10 ? 15.744  -1.092  -24.958 1.00 40.28  ? -1  GLU C CG   1 
ATOM   66   C CD   . GLU A 1 10 ? 14.320  -1.593  -25.148 1.00 48.13  ? -1  GLU C CD   1 
ATOM   67   O OE1  . GLU A 1 10 ? 13.508  -0.906  -25.826 1.00 61.91  ? -1  GLU C OE1  1 
ATOM   68   O OE2  . GLU A 1 10 ? 14.009  -2.692  -24.625 1.00 58.00  ? -1  GLU C OE2  1 
ATOM   69   H H    . GLU A 1 10 ? 16.111  2.722   -25.859 1.00 43.62  ? -1  GLU C H    1 
ATOM   70   H HA   . GLU A 1 10 ? 14.274  1.205   -24.753 1.00 51.48  ? -1  GLU C HA   1 
ATOM   71   H HB2  . GLU A 1 10 ? 15.689  0.364   -26.406 1.00 46.91  ? -1  GLU C HB2  1 
ATOM   72   H HB3  . GLU A 1 10 ? 16.929  0.518   -25.429 1.00 46.91  ? -1  GLU C HB3  1 
ATOM   73   H HG2  . GLU A 1 10 ? 16.337  -1.698  -25.429 1.00 48.40  ? -1  GLU C HG2  1 
ATOM   74   H HG3  . GLU A 1 10 ? 15.941  -1.113  -24.008 1.00 48.40  ? -1  GLU C HG3  1 
ATOM   75   N N    . PHE A 1 11 ? 16.820  1.947   -22.937 1.00 31.61  ? 0   PHE C N    1 
ATOM   76   C CA   . PHE A 1 11 ? 17.243  2.042   -21.562 1.00 32.35  ? 0   PHE C CA   1 
ATOM   77   C C    . PHE A 1 11 ? 16.234  2.896   -20.754 1.00 38.34  ? 0   PHE C C    1 
ATOM   78   O O    . PHE A 1 11 ? 15.862  2.536   -19.638 1.00 28.35  ? 0   PHE C O    1 
ATOM   79   C CB   . PHE A 1 11 ? 18.644  2.612   -21.442 1.00 25.74  ? 0   PHE C CB   1 
ATOM   80   C CG   . PHE A 1 11 ? 19.734  1.599   -21.652 1.00 40.68  ? 0   PHE C CG   1 
ATOM   81   C CD1  . PHE A 1 11 ? 19.760  0.410   -20.924 1.00 35.94  ? 0   PHE C CD1  1 
ATOM   82   C CD2  . PHE A 1 11 ? 20.731  1.830   -22.590 1.00 45.37  ? 0   PHE C CD2  1 
ATOM   83   C CE1  . PHE A 1 11 ? 20.789  -0.532  -21.128 1.00 40.47  ? 0   PHE C CE1  1 
ATOM   84   C CE2  . PHE A 1 11 ? 21.746  0.905   -22.808 1.00 43.57  ? 0   PHE C CE2  1 
ATOM   85   C CZ   . PHE A 1 11 ? 21.786  -0.279  -22.080 1.00 40.15  ? 0   PHE C CZ   1 
ATOM   86   H H    . PHE A 1 11 ? 17.377  2.261   -23.511 1.00 37.99  ? 0   PHE C H    1 
ATOM   87   H HA   . PHE A 1 11 ? 17.252  1.143   -21.173 1.00 38.88  ? 0   PHE C HA   1 
ATOM   88   H HB2  . PHE A 1 11 ? 18.756  3.309   -22.108 1.00 30.95  ? 0   PHE C HB2  1 
ATOM   89   H HB3  . PHE A 1 11 ? 18.755  2.987   -20.554 1.00 30.95  ? 0   PHE C HB3  1 
ATOM   90   H HD1  . PHE A 1 11 ? 19.100  0.243   -20.292 1.00 43.18  ? 0   PHE C HD1  1 
ATOM   91   H HD2  . PHE A 1 11 ? 20.720  2.619   -23.083 1.00 54.50  ? 0   PHE C HD2  1 
ATOM   92   H HE1  . PHE A 1 11 ? 20.801  -1.323  -20.638 1.00 48.62  ? 0   PHE C HE1  1 
ATOM   93   H HE2  . PHE A 1 11 ? 22.407  1.082   -23.438 1.00 52.34  ? 0   PHE C HE2  1 
ATOM   94   H HZ   . PHE A 1 11 ? 22.467  -0.896  -22.224 1.00 48.24  ? 0   PHE C HZ   1 
ATOM   95   N N    . SER A 1 12 ? 15.783  4.013   -21.319 1.00 30.31  ? 546 SER C N    1 
ATOM   96   C CA   . SER A 1 12 ? 14.947  4.939   -20.560 1.00 40.66  ? 546 SER C CA   1 
ATOM   97   C C    . SER A 1 12 ? 13.570  4.345   -20.268 1.00 33.46  ? 546 SER C C    1 
ATOM   98   O O    . SER A 1 12 ? 12.979  4.659   -19.241 1.00 35.20  ? 546 SER C O    1 
ATOM   99   C CB   . SER A 1 12 ? 14.828  6.312   -21.235 1.00 47.88  ? 546 SER C CB   1 
ATOM   100  O OG   . SER A 1 12 ? 14.185  6.229   -22.494 1.00 53.49  ? 546 SER C OG   1 
ATOM   101  H H    . SER A 1 12 ? 15.944  4.256   -22.128 1.00 36.42  ? 546 SER C H    1 
ATOM   102  H HA   . SER A 1 12 ? 15.379  5.088   -19.694 1.00 48.85  ? 546 SER C HA   1 
ATOM   103  H HB2  . SER A 1 12 ? 14.314  6.900   -20.660 1.00 57.51  ? 546 SER C HB2  1 
ATOM   104  H HB3  . SER A 1 12 ? 15.719  6.675   -21.363 1.00 57.51  ? 546 SER C HB3  1 
ATOM   105  H HG   . SER A 1 12 ? 13.981  5.451   -22.653 1.00 64.25  ? 546 SER C HG   1 
ATOM   106  N N    . GLY A 1 13 ? 13.076  3.485   -21.153 1.00 29.41  ? 547 GLY C N    1 
ATOM   107  C CA   . GLY A 1 13 ? 11.815  2.807   -20.955 1.00 27.24  ? 547 GLY C CA   1 
ATOM   108  C C    . GLY A 1 13 ? 11.934  1.828   -19.790 1.00 33.21  ? 547 GLY C C    1 
ATOM   109  O O    . GLY A 1 13 ? 11.112  1.780   -18.855 1.00 27.19  ? 547 GLY C O    1 
ATOM   110  H H    . GLY A 1 13 ? 13.468  3.277   -21.890 1.00 35.35  ? 547 GLY C H    1 
ATOM   111  H HA2  . GLY A 1 13 ? 11.118  3.452   -20.757 1.00 32.75  ? 547 GLY C HA2  1 
ATOM   112  H HA3  . GLY A 1 13 ? 11.572  2.316   -21.756 1.00 32.75  ? 547 GLY C HA3  1 
ATOM   113  N N    . ILE A 1 14 ? 13.003  1.063   -19.822 1.00 28.10  ? 548 ILE C N    1 
ATOM   114  C CA   . ILE A 1 14 ? 13.314  0.130   -18.743 1.00 29.99  ? 548 ILE C CA   1 
ATOM   115  C C    . ILE A 1 14 ? 13.516  0.819   -17.394 1.00 27.41  ? 548 ILE C C    1 
ATOM   116  O O    . ILE A 1 14 ? 13.025  0.315   -16.386 1.00 23.19  ? 548 ILE C O    1 
ATOM   117  C CB   . ILE A 1 14 ? 14.577  -0.672  -19.099 1.00 28.45  ? 548 ILE C CB   1 
ATOM   118  C CG1  . ILE A 1 14 ? 14.251  -1.702  -20.179 1.00 39.77  ? 548 ILE C CG1  1 
ATOM   119  C CG2  . ILE A 1 14 ? 15.157  -1.369  -17.893 1.00 27.44  ? 548 ILE C CG2  1 
ATOM   120  C CD1  . ILE A 1 14 ? 15.480  -2.413  -20.723 1.00 32.30  ? 548 ILE C CD1  1 
ATOM   121  H H    . ILE A 1 14 ? 13.576  1.059   -20.463 1.00 33.77  ? 548 ILE C H    1 
ATOM   122  H HA   . ILE A 1 14 ? 12.572  -0.504  -18.648 1.00 36.04  ? 548 ILE C HA   1 
ATOM   123  H HB   . ILE A 1 14 ? 15.242  -0.058  -19.449 1.00 34.20  ? 548 ILE C HB   1 
ATOM   124  H HG12 . ILE A 1 14 ? 13.660  -2.374  -19.804 1.00 47.78  ? 548 ILE C HG12 1 
ATOM   125  H HG13 . ILE A 1 14 ? 13.814  -1.254  -20.919 1.00 47.78  ? 548 ILE C HG13 1 
ATOM   126  H HG21 . ILE A 1 14 ? 15.941  -1.855  -18.159 1.00 32.98  ? 548 ILE C HG21 1 
ATOM   127  H HG22 . ILE A 1 14 ? 15.388  -0.711  -17.233 1.00 32.98  ? 548 ILE C HG22 1 
ATOM   128  H HG23 . ILE A 1 14 ? 14.502  -1.973  -17.537 1.00 32.98  ? 548 ILE C HG23 1 
ATOM   129  H HD11 . ILE A 1 14 ? 15.204  -3.043  -21.394 1.00 38.82  ? 548 ILE C HD11 1 
ATOM   130  H HD12 . ILE A 1 14 ? 16.072  -1.763  -21.108 1.00 38.82  ? 548 ILE C HD12 1 
ATOM   131  H HD13 . ILE A 1 14 ? 15.919  -2.871  -20.004 1.00 38.82  ? 548 ILE C HD13 1 
ATOM   132  N N    . VAL A 1 15 ? 14.246  1.944   -17.333 1.00 23.11  ? 549 VAL C N    1 
ATOM   133  C CA   . VAL A 1 15 ? 14.503  2.534   -16.017 1.00 27.60  ? 549 VAL C CA   1 
ATOM   134  C C    . VAL A 1 15 ? 13.217  3.153   -15.451 1.00 26.39  ? 549 VAL C C    1 
ATOM   135  O O    . VAL A 1 15 ? 12.976  3.103   -14.265 1.00 24.90  ? 549 VAL C O    1 
ATOM   136  C CB   . VAL A 1 15 ? 15.587  3.602   -15.994 1.00 28.69  ? 549 VAL C CB   1 
ATOM   137  C CG1  . VAL A 1 15 ? 16.952  3.028   -16.493 1.00 32.70  ? 549 VAL C CG1  1 
ATOM   138  C CG2  . VAL A 1 15 ? 15.152  4.800   -16.777 1.00 51.50  ? 549 VAL C CG2  1 
ATOM   139  H H    . VAL A 1 15 ? 14.586  2.364   -18.002 1.00 27.79  ? 549 VAL C H    1 
ATOM   140  H HA   . VAL A 1 15 ? 14.780  1.820   -15.405 1.00 33.17  ? 549 VAL C HA   1 
ATOM   141  H HB   . VAL A 1 15 ? 15.715  3.891   -15.066 1.00 34.48  ? 549 VAL C HB   1 
ATOM   142  H HG11 . VAL A 1 15 ? 17.612  3.725   -16.468 1.00 39.29  ? 549 VAL C HG11 1 
ATOM   143  H HG12 . VAL A 1 15 ? 17.216  2.305   -15.919 1.00 39.29  ? 549 VAL C HG12 1 
ATOM   144  H HG13 . VAL A 1 15 ? 16.847  2.710   -17.393 1.00 39.29  ? 549 VAL C HG13 1 
ATOM   145  H HG21 . VAL A 1 15 ? 15.848  5.460   -16.750 1.00 61.85  ? 549 VAL C HG21 1 
ATOM   146  H HG22 . VAL A 1 15 ? 14.985  4.535   -17.685 1.00 61.85  ? 549 VAL C HG22 1 
ATOM   147  H HG23 . VAL A 1 15 ? 14.350  5.153   -16.386 1.00 61.85  ? 549 VAL C HG23 1 
ATOM   148  N N    . GLN A 1 16 ? 12.434  3.775   -16.325 1.00 27.59  ? 550 GLN C N    1 
ATOM   149  C CA   . GLN A 1 16 ? 11.140  4.291   -15.980 1.00 27.33  ? 550 GLN C CA   1 
ATOM   150  C C    . GLN A 1 16 ? 10.250  3.194   -15.409 1.00 28.16  ? 550 GLN C C    1 
ATOM   151  O O    . GLN A 1 16 ? 9.566   3.427   -14.423 1.00 23.30  ? 550 GLN C O    1 
ATOM   152  C CB   . GLN A 1 16 ? 10.452  4.891   -17.187 1.00 31.00  ? 550 GLN C CB   1 
ATOM   153  C CG   . GLN A 1 16 ? 9.061   5.444   -16.861 1.00 47.57  ? 550 GLN C CG   1 
ATOM   154  C CD   . GLN A 1 16 ? 9.110   6.567   -15.832 1.00 63.87  ? 550 GLN C CD   1 
ATOM   155  O OE1  . GLN A 1 16 ? 9.352   7.726   -16.182 1.00 73.47  ? 550 GLN C OE1  1 
ATOM   156  N NE2  . GLN A 1 16 ? 8.882   6.231   -14.551 1.00 57.73  ? 550 GLN C NE2  1 
ATOM   157  H H    . GLN A 1 16 ? 12.647  3.909   -17.147 1.00 33.16  ? 550 GLN C H    1 
ATOM   158  H HA   . GLN A 1 16 ? 11.240  4.992   -15.301 1.00 32.85  ? 550 GLN C HA   1 
ATOM   159  H HB2  . GLN A 1 16 ? 10.993  5.621   -17.529 1.00 37.26  ? 550 GLN C HB2  1 
ATOM   160  H HB3  . GLN A 1 16 ? 10.351  4.206   -17.867 1.00 37.26  ? 550 GLN C HB3  1 
ATOM   161  H HG2  . GLN A 1 16 ? 8.661   5.794   -17.671 1.00 57.14  ? 550 GLN C HG2  1 
ATOM   162  H HG3  . GLN A 1 16 ? 8.513   4.729   -16.500 1.00 57.14  ? 550 GLN C HG3  1 
ATOM   163  H HE21 . GLN A 1 16 ? 8.718   5.412   -14.344 1.00 69.32  ? 550 GLN C HE21 1 
ATOM   164  H HE22 . GLN A 1 16 ? 8.900   6.834   -13.939 1.00 69.32  ? 550 GLN C HE22 1 
ATOM   165  N N    . GLN A 1 17 ? 10.246  2.017   -16.028 1.00 20.87  ? 551 GLN C N    1 
ATOM   166  C CA   . GLN A 1 17 ? 9.480   0.895   -15.503 1.00 26.35  ? 551 GLN C CA   1 
ATOM   167  C C    . GLN A 1 17 ? 10.032  0.396   -14.158 1.00 25.05  ? 551 GLN C C    1 
ATOM   168  O O    . GLN A 1 17 ? 9.248   0.050   -13.268 1.00 24.52  ? 551 GLN C O    1 
ATOM   169  C CB   . GLN A 1 17 ? 9.403   -0.264  -16.499 1.00 27.96  ? 551 GLN C CB   1 
ATOM   170  C CG   . GLN A 1 17 ? 8.555   -1.452  -15.953 1.00 31.94  ? 551 GLN C CG   1 
ATOM   171  C CD   . GLN A 1 17 ? 7.073   -1.177  -16.072 1.00 39.78  ? 551 GLN C CD   1 
ATOM   172  O OE1  . GLN A 1 17 ? 6.634   -0.021  -16.026 1.00 34.06  ? 551 GLN C OE1  1 
ATOM   173  N NE2  . GLN A 1 17 ? 6.299   -2.232  -16.302 1.00 48.62  ? 551 GLN C NE2  1 
ATOM   174  H H    . GLN A 1 17 ? 10.678  1.843   -16.751 1.00 25.10  ? 551 GLN C H    1 
ATOM   175  H HA   . GLN A 1 17 ? 8.563   1.201   -15.343 1.00 31.67  ? 551 GLN C HA   1 
ATOM   176  H HB2  . GLN A 1 17 ? 8.991   0.049   -17.320 1.00 33.60  ? 551 GLN C HB2  1 
ATOM   177  H HB3  . GLN A 1 17 ? 10.299  -0.590  -16.677 1.00 33.60  ? 551 GLN C HB3  1 
ATOM   178  H HG2  . GLN A 1 17 ? 8.758   -2.252  -16.465 1.00 38.38  ? 551 GLN C HG2  1 
ATOM   179  H HG3  . GLN A 1 17 ? 8.765   -1.592  -15.017 1.00 38.38  ? 551 GLN C HG3  1 
ATOM   180  H HE21 . GLN A 1 17 ? 6.649   -3.015  -16.375 1.00 58.40  ? 551 GLN C HE21 1 
ATOM   181  H HE22 . GLN A 1 17 ? 5.448   -2.133  -16.379 1.00 58.40  ? 551 GLN C HE22 1 
ATOM   182  N N    . GLN A 1 18 ? 11.354  0.388   -13.976 1.00 21.01  ? 552 GLN C N    1 
ATOM   183  C CA   . GLN A 1 18 ? 11.910  0.073   -12.658 1.00 24.97  ? 552 GLN C CA   1 
ATOM   184  C C    . GLN A 1 18 ? 11.465  1.030   -11.555 1.00 22.94  ? 552 GLN C C    1 
ATOM   185  O O    . GLN A 1 18 ? 11.193  0.605   -10.436 1.00 21.43  ? 552 GLN C O    1 
ATOM   186  C CB   . GLN A 1 18 ? 13.423  -0.006  -12.669 1.00 20.39  ? 552 GLN C CB   1 
ATOM   187  C CG   . GLN A 1 18 ? 13.984  -1.271  -13.333 1.00 29.29  ? 552 GLN C CG   1 
ATOM   188  C CD   . GLN A 1 18 ? 15.492  -1.395  -13.137 1.00 33.03  ? 552 GLN C CD   1 
ATOM   189  O OE1  . GLN A 1 18 ? 16.210  -0.405  -13.090 1.00 43.55  ? 552 GLN C OE1  1 
ATOM   190  N NE2  . GLN A 1 18 ? 15.972  -2.622  -13.012 1.00 38.28  ? 552 GLN C NE2  1 
ATOM   191  H H    . GLN A 1 18 ? 11.938  0.558   -14.583 1.00 25.27  ? 552 GLN C H    1 
ATOM   192  H HA   . GLN A 1 18 ? 11.584  -0.816  -12.405 1.00 30.02  ? 552 GLN C HA   1 
ATOM   193  H HB2  . GLN A 1 18 ? 13.770  0.759   -13.153 1.00 24.53  ? 552 GLN C HB2  1 
ATOM   194  H HB3  . GLN A 1 18 ? 13.742  0.013   -11.754 1.00 24.53  ? 552 GLN C HB3  1 
ATOM   195  H HG2  . GLN A 1 18 ? 13.562  -2.051  -12.941 1.00 35.20  ? 552 GLN C HG2  1 
ATOM   196  H HG3  . GLN A 1 18 ? 13.805  -1.237  -14.286 1.00 35.20  ? 552 GLN C HG3  1 
ATOM   197  H HE21 . GLN A 1 18 ? 15.440  -3.297  -13.045 1.00 46.00  ? 552 GLN C HE21 1 
ATOM   198  H HE22 . GLN A 1 18 ? 16.815  -2.743  -12.900 1.00 46.00  ? 552 GLN C HE22 1 
ATOM   199  N N    . ASN A 1 19 ? 11.406  2.317   -11.860 1.00 20.84  ? 553 ASN C N    1 
ATOM   200  C CA   A ASN A 1 19 ? 10.863  3.300   -10.938 0.47 24.43  ? 553 ASN C CA   1 
ATOM   201  C CA   B ASN A 1 19 ? 10.876  3.279   -10.921 0.53 24.43  ? 553 ASN C CA   1 
ATOM   202  C C    . ASN A 1 19 ? 9.399   3.011   -10.607 1.00 23.48  ? 553 ASN C C    1 
ATOM   203  O O    . ASN A 1 19 ? 8.993   3.138   -9.464  1.00 19.71  ? 553 ASN C O    1 
ATOM   204  C CB   A ASN A 1 19 ? 11.008  4.736   -11.463 0.47 24.44  ? 553 ASN C CB   1 
ATOM   205  C CB   B ASN A 1 19 ? 11.116  4.708   -11.412 0.53 24.41  ? 553 ASN C CB   1 
ATOM   206  C CG   A ASN A 1 19 ? 10.329  5.751   -10.555 0.47 31.06  ? 553 ASN C CG   1 
ATOM   207  C CG   B ASN A 1 19 ? 12.567  5.131   -11.247 0.53 30.62  ? 553 ASN C CG   1 
ATOM   208  O OD1  A ASN A 1 19 ? 9.330   6.389   -10.931 0.47 34.63  ? 553 ASN C OD1  1 
ATOM   209  O OD1  B ASN A 1 19 ? 13.151  4.969   -10.171 0.53 42.68  ? 553 ASN C OD1  1 
ATOM   210  N ND2  A ASN A 1 19 ? 10.820  5.850   -9.316  0.47 37.34  ? 553 ASN C ND2  1 
ATOM   211  N ND2  B ASN A 1 19 ? 13.159  5.658   -12.308 0.53 32.97  ? 553 ASN C ND2  1 
ATOM   212  H H    A ASN A 1 19 ? 11.679  2.650   -12.604 0.47 25.06  ? 553 ASN C H    1 
ATOM   213  H H    B ASN A 1 19 ? 11.670  2.655   -12.605 0.53 25.06  ? 553 ASN C H    1 
ATOM   214  H HA   A ASN A 1 19 ? 11.366  3.246   -10.098 0.47 29.37  ? 553 ASN C HA   1 
ATOM   215  H HA   B ASN A 1 19 ? 11.367  3.182   -10.080 0.53 29.37  ? 553 ASN C HA   1 
ATOM   216  H HB2  A ASN A 1 19 ? 11.949  4.962   -11.518 0.47 29.38  ? 553 ASN C HB2  1 
ATOM   217  H HB2  B ASN A 1 19 ? 10.891  4.764   -12.354 0.53 29.35  ? 553 ASN C HB2  1 
ATOM   218  H HB3  A ASN A 1 19 ? 10.598  4.796   -12.340 0.47 29.38  ? 553 ASN C HB3  1 
ATOM   219  H HB3  B ASN A 1 19 ? 10.564  5.319   -10.900 0.53 29.35  ? 553 ASN C HB3  1 
ATOM   220  H HD21 A ASN A 1 19 ? 11.481  5.357   -9.075  0.47 44.86  ? 553 ASN C HD21 1 
ATOM   221  H HD21 B ASN A 1 19 ? 12.724  5.745   -13.044 0.53 39.62  ? 553 ASN C HD21 1 
ATOM   222  H HD22 A ASN A 1 19 ? 10.474  6.409   -8.759  0.47 44.86  ? 553 ASN C HD22 1 
ATOM   223  H HD22 B ASN A 1 19 ? 13.980  5.912   -12.261 0.53 39.62  ? 553 ASN C HD22 1 
ATOM   224  N N    . ASN A 1 20 ? 8.608   2.621   -11.598 1.00 21.39  ? 554 ASN C N    1 
ATOM   225  C CA   . ASN A 1 20 ? 7.207   2.286   -11.336 1.00 20.72  ? 554 ASN C CA   1 
ATOM   226  C C    . ASN A 1 20 ? 7.108   1.123   -10.392 1.00 20.32  ? 554 ASN C C    1 
ATOM   227  O O    . ASN A 1 20 ? 6.372   1.176   -9.418  1.00 20.14  ? 554 ASN C O    1 
ATOM   228  C CB   . ASN A 1 20 ? 6.429   1.909   -12.609 1.00 17.35  ? 554 ASN C CB   1 
ATOM   229  C CG   . ASN A 1 20 ? 6.188   3.096   -13.524 1.00 30.81  ? 554 ASN C CG   1 
ATOM   230  O OD1  . ASN A 1 20 ? 6.186   4.226   -13.081 1.00 26.69  ? 554 ASN C OD1  1 
ATOM   231  N ND2  . ASN A 1 20 ? 6.009   2.829   -14.825 1.00 33.58  ? 554 ASN C ND2  1 
ATOM   232  H H    . ASN A 1 20 ? 8.849   2.542   -12.420 1.00 25.72  ? 554 ASN C H    1 
ATOM   233  H HA   . ASN A 1 20 ? 6.763   3.056   -10.924 1.00 24.92  ? 554 ASN C HA   1 
ATOM   234  H HB2  . ASN A 1 20 ? 6.934   1.247   -13.104 1.00 20.87  ? 554 ASN C HB2  1 
ATOM   235  H HB3  . ASN A 1 20 ? 5.565   1.546   -12.356 1.00 20.87  ? 554 ASN C HB3  1 
ATOM   236  H HD21 . ASN A 1 20 ? 6.033   2.016   -15.104 1.00 40.35  ? 554 ASN C HD21 1 
ATOM   237  H HD22 . ASN A 1 20 ? 5.870   3.470   -15.380 1.00 40.35  ? 554 ASN C HD22 1 
ATOM   238  N N    . LEU A 1 21 ? 7.883   0.081   -10.645 1.00 18.57  ? 555 LEU C N    1 
ATOM   239  C CA   . LEU A 1 21 ? 7.816   -1.096  -9.822  1.00 16.44  ? 555 LEU C CA   1 
ATOM   240  C C    . LEU A 1 21 ? 8.229   -0.776  -8.394  1.00 17.23  ? 555 LEU C C    1 
ATOM   241  O O    . LEU A 1 21 ? 7.598   -1.231  -7.435  1.00 17.30  ? 555 LEU C O    1 
ATOM   242  C CB   . LEU A 1 21 ? 8.668   -2.209  -10.395 1.00 19.21  ? 555 LEU C CB   1 
ATOM   243  C CG   . LEU A 1 21 ? 8.264   -2.686  -11.783 1.00 19.50  ? 555 LEU C CG   1 
ATOM   244  C CD1  . LEU A 1 21 ? 9.198   -3.834  -12.188 1.00 29.45  ? 555 LEU C CD1  1 
ATOM   245  C CD2  . LEU A 1 21 ? 6.847   -3.116  -11.868 1.00 29.37  ? 555 LEU C CD2  1 
ATOM   246  H H    . LEU A 1 21 ? 8.453   0.036   -11.288 1.00 22.34  ? 555 LEU C H    1 
ATOM   247  H HA   . LEU A 1 21 ? 6.888   -1.412  -9.800  1.00 19.78  ? 555 LEU C HA   1 
ATOM   248  H HB2  . LEU A 1 21 ? 9.585   -1.898  -10.448 1.00 23.11  ? 555 LEU C HB2  1 
ATOM   249  H HB3  . LEU A 1 21 ? 8.619   -2.972  -9.798  1.00 23.11  ? 555 LEU C HB3  1 
ATOM   250  H HG   . LEU A 1 21 ? 8.393   -1.960  -12.413 1.00 23.46  ? 555 LEU C HG   1 
ATOM   251  H HD11 . LEU A 1 21 ? 8.952   -4.144  -13.063 1.00 35.40  ? 555 LEU C HD11 1 
ATOM   252  H HD12 . LEU A 1 21 ? 10.103  -3.512  -12.196 1.00 35.40  ? 555 LEU C HD12 1 
ATOM   253  H HD13 . LEU A 1 21 ? 9.111   -4.548  -11.551 1.00 35.40  ? 555 LEU C HD13 1 
ATOM   254  H HD21 . LEU A 1 21 ? 6.661   -3.402  -12.765 1.00 35.30  ? 555 LEU C HD21 1 
ATOM   255  H HD22 . LEU A 1 21 ? 6.703   -3.842  -11.256 1.00 35.30  ? 555 LEU C HD22 1 
ATOM   256  H HD23 . LEU A 1 21 ? 6.282   -2.375  -11.637 1.00 35.30  ? 555 LEU C HD23 1 
ATOM   257  N N    . LEU A 1 22 ? 9.262   0.047   -8.246  1.00 18.30  ? 556 LEU C N    1 
ATOM   258  C CA   . LEU A 1 22 ? 9.712   0.472   -6.940  1.00 19.53  ? 556 LEU C CA   1 
ATOM   259  C C    . LEU A 1 22 ? 8.612   1.242   -6.192  1.00 19.07  ? 556 LEU C C    1 
ATOM   260  O O    . LEU A 1 22 ? 8.347   1.001   -5.001  1.00 16.17  ? 556 LEU C O    1 
ATOM   261  C CB   . LEU A 1 22 ? 10.957  1.350   -7.076  1.00 19.06  ? 556 LEU C CB   1 
ATOM   262  C CG   . LEU A 1 22 ? 11.486  1.951   -5.769  1.00 21.07  ? 556 LEU C CG   1 
ATOM   263  C CD1  . LEU A 1 22 ? 11.904  0.908   -4.785  1.00 20.29  ? 556 LEU C CD1  1 
ATOM   264  C CD2  . LEU A 1 22 ? 12.724  2.867   -6.052  1.00 26.43  ? 556 LEU C CD2  1 
ATOM   265  H H    . LEU A 1 22 ? 9.720   0.372   -8.897  1.00 22.01  ? 556 LEU C H    1 
ATOM   266  H HA   . LEU A 1 22 ? 9.950   -0.316  -6.408  1.00 23.50  ? 556 LEU C HA   1 
ATOM   267  H HB2  . LEU A 1 22 ? 11.668  0.814   -7.459  1.00 22.92  ? 556 LEU C HB2  1 
ATOM   268  H HB3  . LEU A 1 22 ? 10.749  2.086   -7.672  1.00 22.92  ? 556 LEU C HB3  1 
ATOM   269  H HG   . LEU A 1 22 ? 10.793  2.493   -5.362  1.00 25.34  ? 556 LEU C HG   1 
ATOM   270  H HD11 . LEU A 1 22 ? 12.226  1.339   -3.991  1.00 24.40  ? 556 LEU C HD11 1 
ATOM   271  H HD12 . LEU A 1 22 ? 11.148  0.355   -4.575  1.00 24.40  ? 556 LEU C HD12 1 
ATOM   272  H HD13 . LEU A 1 22 ? 12.603  0.374   -5.173  1.00 24.40  ? 556 LEU C HD13 1 
ATOM   273  H HD21 . LEU A 1 22 ? 13.038  3.232   -5.221  1.00 31.77  ? 556 LEU C HD21 1 
ATOM   274  H HD22 . LEU A 1 22 ? 13.415  2.340   -6.461  1.00 31.77  ? 556 LEU C HD22 1 
ATOM   275  H HD23 . LEU A 1 22 ? 12.459  3.576   -6.643  1.00 31.77  ? 556 LEU C HD23 1 
ATOM   276  N N    . ARG A 1 23 ? 7.984   2.179   -6.888  1.00 17.49  ? 557 ARG C N    1 
ATOM   277  C CA   . ARG A 1 23 ? 6.881   2.941   -6.287  1.00 18.48  ? 557 ARG C CA   1 
ATOM   278  C C    . ARG A 1 23 ? 5.699   2.022   -5.831  1.00 14.78  ? 557 ARG C C    1 
ATOM   279  O O    . ARG A 1 23 ? 5.054   2.314   -4.853  1.00 14.51  ? 557 ARG C O    1 
ATOM   280  C CB   . ARG A 1 23 ? 6.366   4.031   -7.255  1.00 17.55  ? 557 ARG C CB   1 
ATOM   281  C CG   . ARG A 1 23 ? 7.276   5.361   -7.294  1.00 22.46  ? 557 ARG C CG   1 
ATOM   282  C CD   . ARG A 1 23 ? 7.066   6.107   -8.630  1.00 30.80  ? 557 ARG C CD   1 
ATOM   283  N NE   . ARG A 1 23 ? 5.759   6.696   -8.585  1.00 36.70  ? 557 ARG C NE   1 
ATOM   284  C CZ   . ARG A 1 23 ? 4.823   6.619   -9.517  1.00 31.17  ? 557 ARG C CZ   1 
ATOM   285  N NH1  . ARG A 1 23 ? 5.024   6.036   -10.700 1.00 38.00  ? 557 ARG C NH1  1 
ATOM   286  N NH2  . ARG A 1 23 ? 3.657   7.173   -9.244  1.00 34.43  ? 557 ARG C NH2  1 
ATOM   287  H H    . ARG A 1 23 ? 8.170   2.396   -7.699  1.00 21.05  ? 557 ARG C H    1 
ATOM   288  H HA   . ARG A 1 23 ? 7.219   3.397   -5.488  1.00 22.23  ? 557 ARG C HA   1 
ATOM   289  H HB2  . ARG A 1 23 ? 6.340   3.663   -8.152  1.00 21.11  ? 557 ARG C HB2  1 
ATOM   290  H HB3  . ARG A 1 23 ? 5.472   4.293   -6.982  1.00 21.11  ? 557 ARG C HB3  1 
ATOM   291  H HG2  . ARG A 1 23 ? 7.021   5.951   -6.568  1.00 27.01  ? 557 ARG C HG2  1 
ATOM   292  H HG3  . ARG A 1 23 ? 8.212   5.116   -7.222  1.00 27.01  ? 557 ARG C HG3  1 
ATOM   293  H HD2  . ARG A 1 23 ? 7.728   6.810   -8.728  1.00 37.02  ? 557 ARG C HD2  1 
ATOM   294  H HD3  . ARG A 1 23 ? 7.107   5.482   -9.371  1.00 37.02  ? 557 ARG C HD3  1 
ATOM   295  H HE   . ARG A 1 23 ? 5.562   7.146   -7.879  1.00 44.09  ? 557 ARG C HE   1 
ATOM   296  H HH11 . ARG A 1 23 ? 5.779   5.662   -10.872 1.00 45.65  ? 557 ARG C HH11 1 
ATOM   297  H HH12 . ARG A 1 23 ? 4.394   6.020   -11.285 1.00 45.65  ? 557 ARG C HH12 1 
ATOM   298  H HH21 . ARG A 1 23 ? 3.535   7.566   -8.489  1.00 41.37  ? 557 ARG C HH21 1 
ATOM   299  H HH22 . ARG A 1 23 ? 3.034   7.176   -9.836  1.00 41.37  ? 557 ARG C HH22 1 
ATOM   300  N N    . ALA A 1 24 ? 5.372   0.989   -6.594  1.00 16.12  ? 558 ALA C N    1 
ATOM   301  C CA   . ALA A 1 24 ? 4.325   0.050   -6.207  1.00 17.39  ? 558 ALA C CA   1 
ATOM   302  C C    . ALA A 1 24 ? 4.670   -0.737  -4.923  1.00 20.00  ? 558 ALA C C    1 
ATOM   303  O O    . ALA A 1 24 ? 3.842   -0.907  -4.025  1.00 16.75  ? 558 ALA C O    1 
ATOM   304  C CB   . ALA A 1 24 ? 4.094   -0.906  -7.349  1.00 16.44  ? 558 ALA C CB   1 
ATOM   305  H H    . ALA A 1 24 ? 5.744   0.806   -7.347  1.00 19.39  ? 558 ALA C H    1 
ATOM   306  H HA   . ALA A 1 24 ? 3.493   0.544   -6.048  1.00 20.92  ? 558 ALA C HA   1 
ATOM   307  H HB1  . ALA A 1 24 ? 3.406   -1.528  -7.102  1.00 19.79  ? 558 ALA C HB1  1 
ATOM   308  H HB2  . ALA A 1 24 ? 3.823   -0.408  -8.124  1.00 19.79  ? 558 ALA C HB2  1 
ATOM   309  H HB3  . ALA A 1 24 ? 4.911   -1.377  -7.532  1.00 19.79  ? 558 ALA C HB3  1 
ATOM   310  N N    . ILE A 1 25 ? 5.899   -1.217  -4.866  1.00 15.97  ? 559 ILE C N    1 
ATOM   311  C CA   . ILE A 1 25 ? 6.452   -1.896  -3.696  1.00 15.48  ? 559 ILE C CA   1 
ATOM   312  C C    . ILE A 1 25 ? 6.403   -0.986  -2.447  1.00 15.28  ? 559 ILE C C    1 
ATOM   313  O O    . ILE A 1 25 ? 5.981   -1.416  -1.385  1.00 15.08  ? 559 ILE C O    1 
ATOM   314  C CB   . ILE A 1 25 ? 7.889   -2.385  -3.971  1.00 19.36  ? 559 ILE C CB   1 
ATOM   315  C CG1  . ILE A 1 25 ? 7.889   -3.534  -4.996  1.00 17.24  ? 559 ILE C CG1  1 
ATOM   316  C CG2  . ILE A 1 25 ? 8.558   -2.873  -2.680  1.00 21.17  ? 559 ILE C CG2  1 
ATOM   317  C CD1  . ILE A 1 25 ? 9.265   -3.870  -5.498  1.00 16.00  ? 559 ILE C CD1  1 
ATOM   318  H H    . ILE A 1 25 ? 6.458   -1.161  -5.518  1.00 19.22  ? 559 ILE C H    1 
ATOM   319  H HA   . ILE A 1 25 ? 5.904   -2.685  -3.507  1.00 18.63  ? 559 ILE C HA   1 
ATOM   320  H HB   . ILE A 1 25 ? 8.407   -1.646  -4.330  1.00 23.28  ? 559 ILE C HB   1 
ATOM   321  H HG12 . ILE A 1 25 ? 7.520   -4.328  -4.579  1.00 20.75  ? 559 ILE C HG12 1 
ATOM   322  H HG13 . ILE A 1 25 ? 7.347   -3.277  -5.757  1.00 20.75  ? 559 ILE C HG13 1 
ATOM   323  H HG21 . ILE A 1 25 ? 9.449   -3.171  -2.884  1.00 25.46  ? 559 ILE C HG21 1 
ATOM   324  H HG22 . ILE A 1 25 ? 8.590   -2.149  -2.051  1.00 25.46  ? 559 ILE C HG22 1 
ATOM   325  H HG23 . ILE A 1 25 ? 8.046   -3.600  -2.318  1.00 25.46  ? 559 ILE C HG23 1 
ATOM   326  H HD11 . ILE A 1 25 ? 9.199   -4.591  -6.131  1.00 19.25  ? 559 ILE C HD11 1 
ATOM   327  H HD12 . ILE A 1 25 ? 9.641   -3.096  -5.922  1.00 19.25  ? 559 ILE C HD12 1 
ATOM   328  H HD13 . ILE A 1 25 ? 9.812   -4.137  -4.756  1.00 19.25  ? 559 ILE C HD13 1 
ATOM   329  N N    . GLU A 1 26 ? 6.793   0.277   -2.611  1.00 18.67  ? 560 GLU C N    1 
ATOM   330  C CA   . GLU A 1 26 ? 6.693   1.289   -1.556  1.00 17.82  ? 560 GLU C CA   1 
ATOM   331  C C    . GLU A 1 26 ? 5.278   1.549   -1.059  1.00 16.63  ? 560 GLU C C    1 
ATOM   332  O O    . GLU A 1 26 ? 5.050   1.640   0.154   1.00 17.13  ? 560 GLU C O    1 
ATOM   333  C CB   . GLU A 1 26 ? 7.366   2.598   -2.009  1.00 13.38  ? 560 GLU C CB   1 
ATOM   334  C CG   . GLU A 1 26 ? 8.862   2.415   -2.181  1.00 18.64  ? 560 GLU C CG   1 
ATOM   335  C CD   . GLU A 1 26 ? 9.557   3.593   -2.837  1.00 22.80  ? 560 GLU C CD   1 
ATOM   336  O OE1  . GLU A 1 26 ? 8.920   4.270   -3.650  1.00 21.08  ? 560 GLU C OE1  1 
ATOM   337  O OE2  . GLU A 1 26 ? 10.738  3.850   -2.537  1.00 22.48  ? 560 GLU C OE2  1 
ATOM   338  H H    . GLU A 1 26 ? 7.125   0.581   -3.344  1.00 22.46  ? 560 GLU C H    1 
ATOM   339  H HA   . GLU A 1 26 ? 7.203   0.962   -0.786  1.00 21.44  ? 560 GLU C HA   1 
ATOM   340  H HB2  . GLU A 1 26 ? 6.993   2.873   -2.862  1.00 16.11  ? 560 GLU C HB2  1 
ATOM   341  H HB3  . GLU A 1 26 ? 7.217   3.284   -1.340  1.00 16.11  ? 560 GLU C HB3  1 
ATOM   342  H HG2  . GLU A 1 26 ? 9.262   2.284   -1.307  1.00 22.43  ? 560 GLU C HG2  1 
ATOM   343  H HG3  . GLU A 1 26 ? 9.018   1.634   -2.735  1.00 22.43  ? 560 GLU C HG3  1 
ATOM   344  N N    . ALA A 1 27 ? 4.319   1.645   -1.955  1.00 14.51  ? 561 ALA C N    1 
ATOM   345  C CA   . ALA A 1 27 ? 2.926   1.807   -1.518  1.00 18.71  ? 561 ALA C CA   1 
ATOM   346  C C    . ALA A 1 27 ? 2.357   0.545   -0.873  1.00 21.15  ? 561 ALA C C    1 
ATOM   347  O O    . ALA A 1 27 ? 1.640   0.585   0.119   1.00 18.24  ? 561 ALA C O    1 
ATOM   348  C CB   . ALA A 1 27 ? 2.055   2.243   -2.701  1.00 22.25  ? 561 ALA C CB   1 
ATOM   349  H H    . ALA A 1 27 ? 4.431   1.622   -2.806  1.00 17.46  ? 561 ALA C H    1 
ATOM   350  H HA   . ALA A 1 27 ? 2.893   2.520   -0.848  1.00 22.50  ? 561 ALA C HA   1 
ATOM   351  H HB1  . ALA A 1 27 ? 1.149   2.345   -2.400  1.00 26.75  ? 561 ALA C HB1  1 
ATOM   352  H HB2  . ALA A 1 27 ? 2.384   3.080   -3.039  1.00 26.75  ? 561 ALA C HB2  1 
ATOM   353  H HB3  . ALA A 1 27 ? 2.101   1.573   -3.387  1.00 26.75  ? 561 ALA C HB3  1 
ATOM   354  N N    . GLN A 1 28 ? 2.673   -0.606  -1.454  1.00 18.87  ? 562 GLN C N    1 
ATOM   355  C CA   . GLN A 1 28 ? 2.303   -1.854  -0.829  1.00 20.47  ? 562 GLN C CA   1 
ATOM   356  C C    . GLN A 1 28 ? 2.885   -2.057  0.583   1.00 17.35  ? 562 GLN C C    1 
ATOM   357  O O    . GLN A 1 28 ? 2.235   -2.656  1.439   1.00 19.25  ? 562 GLN C O    1 
ATOM   358  C CB   . GLN A 1 28 ? 2.722   -2.987  -1.718  1.00 19.98  ? 562 GLN C CB   1 
ATOM   359  C CG   . GLN A 1 28 ? 1.846   -3.122  -2.941  1.00 26.39  ? 562 GLN C CG   1 
ATOM   360  C CD   . GLN A 1 28 ? 2.227   -4.347  -3.803  1.00 24.93  ? 562 GLN C CD   1 
ATOM   361  O OE1  . GLN A 1 28 ? 3.395   -4.654  -3.969  1.00 38.96  ? 562 GLN C OE1  1 
ATOM   362  N NE2  . GLN A 1 28 ? 1.241   -5.014  -4.348  1.00 23.16  ? 562 GLN C NE2  1 
ATOM   363  H H    . GLN A 1 28 ? 3.095   -0.685  -2.198  1.00 22.69  ? 562 GLN C H    1 
ATOM   364  H HA   . GLN A 1 28 ? 1.326   -1.885  -0.751  1.00 24.62  ? 562 GLN C HA   1 
ATOM   365  H HB2  . GLN A 1 28 ? 3.632   -2.835  -2.015  1.00 24.03  ? 562 GLN C HB2  1 
ATOM   366  H HB3  . GLN A 1 28 ? 2.670   -3.817  -1.218  1.00 24.03  ? 562 GLN C HB3  1 
ATOM   367  H HG2  . GLN A 1 28 ? 0.923   -3.225  -2.661  1.00 31.72  ? 562 GLN C HG2  1 
ATOM   368  H HG3  . GLN A 1 28 ? 1.941   -2.327  -3.488  1.00 31.72  ? 562 GLN C HG3  1 
ATOM   369  H HE21 . GLN A 1 28 ? 0.429   -4.764  -4.218  1.00 27.85  ? 562 GLN C HE21 1 
ATOM   370  H HE22 . GLN A 1 28 ? 1.407   -5.703  -4.835  1.00 27.85  ? 562 GLN C HE22 1 
ATOM   371  N N    . GLN A 1 29 ? 4.104   -1.596  0.816   1.00 15.17  ? 563 GLN C N    1 
ATOM   372  C CA   . GLN A 1 29 ? 4.681   -1.631  2.162   1.00 15.23  ? 563 GLN C CA   1 
ATOM   373  C C    . GLN A 1 29 ? 3.861   -0.809  3.164   1.00 19.61  ? 563 GLN C C    1 
ATOM   374  O O    . GLN A 1 29 ? 3.678   -1.235  4.322   1.00 16.61  ? 563 GLN C O    1 
ATOM   375  C CB   . GLN A 1 29 ? 6.121   -1.130  2.147   1.00 17.76  ? 563 GLN C CB   1 
ATOM   376  C CG   . GLN A 1 29 ? 6.827   -1.196  3.493   1.00 21.11  ? 563 GLN C CG   1 
ATOM   377  C CD   . GLN A 1 29 ? 6.853   -2.602  3.995   1.00 31.91  ? 563 GLN C CD   1 
ATOM   378  O OE1  . GLN A 1 29 ? 6.757   -3.516  3.198   1.00 25.45  ? 563 GLN C OE1  1 
ATOM   379  N NE2  . GLN A 1 29 ? 6.940   -2.792  5.317   1.00 22.10  ? 563 GLN C NE2  1 
ATOM   380  H H    . GLN A 1 29 ? 4.621   -1.258  0.218   1.00 18.26  ? 563 GLN C H    1 
ATOM   381  H HA   . GLN A 1 29 ? 4.692   -2.560  2.474   1.00 18.33  ? 563 GLN C HA   1 
ATOM   382  H HB2  . GLN A 1 29 ? 6.630   -1.667  1.521   1.00 21.36  ? 563 GLN C HB2  1 
ATOM   383  H HB3  . GLN A 1 29 ? 6.124   -0.203  1.860   1.00 21.36  ? 563 GLN C HB3  1 
ATOM   384  H HG2  . GLN A 1 29 ? 7.742   -0.888  3.395   1.00 25.38  ? 563 GLN C HG2  1 
ATOM   385  H HG3  . GLN A 1 29 ? 6.352   -0.649  4.137   1.00 25.38  ? 563 GLN C HG3  1 
ATOM   386  H HE21 . GLN A 1 29 ? 6.978   -2.115  5.847   1.00 26.57  ? 563 GLN C HE21 1 
ATOM   387  H HE22 . GLN A 1 29 ? 6.957   -3.590  5.637   1.00 26.57  ? 563 GLN C HE22 1 
ATOM   388  N N    . HIS A 1 30 ? 3.392   0.373   2.752   1.00 19.27  ? 564 HIS C N    1 
ATOM   389  C CA   . HIS A 1 30 ? 2.488   1.138   3.602   1.00 18.25  ? 564 HIS C CA   1 
ATOM   390  C C    . HIS A 1 30 ? 1.190   0.401   3.893   1.00 25.74  ? 564 HIS C C    1 
ATOM   391  O O    . HIS A 1 30 ? 0.713   0.436   5.025   1.00 18.12  ? 564 HIS C O    1 
ATOM   392  C CB   . HIS A 1 30 ? 2.169   2.517   3.024   1.00 20.92  ? 564 HIS C CB   1 
ATOM   393  C CG   . HIS A 1 30 ? 3.344   3.444   3.063   1.00 26.09  ? 564 HIS C CG   1 
ATOM   394  N ND1  . HIS A 1 30 ? 3.795   4.007   4.233   1.00 34.27  ? 564 HIS C ND1  1 
ATOM   395  C CD2  . HIS A 1 30 ? 4.143   3.913   2.081   1.00 21.48  ? 564 HIS C CD2  1 
ATOM   396  C CE1  . HIS A 1 30 ? 4.868   4.746   3.976   1.00 26.24  ? 564 HIS C CE1  1 
ATOM   397  N NE2  . HIS A 1 30 ? 5.097   4.706   2.688   1.00 25.00  ? 564 HIS C NE2  1 
ATOM   398  H H    . HIS A 1 30 ? 3.581   0.743   1.999   1.00 23.17  ? 564 HIS C H    1 
ATOM   399  H HA   . HIS A 1 30 ? 2.934   1.284   4.462   1.00 21.96  ? 564 HIS C HA   1 
ATOM   400  H HB2  . HIS A 1 30 ? 1.894   2.417   2.099   1.00 25.16  ? 564 HIS C HB2  1 
ATOM   401  H HB3  . HIS A 1 30 ? 1.453   2.918   3.542   1.00 25.16  ? 564 HIS C HB3  1 
ATOM   402  H HD1  . HIS A 1 30 ? 3.465   3.862   5.014   1.00 41.18  ? 564 HIS C HD1  1 
ATOM   403  H HD2  . HIS A 1 30 ? 4.093   3.703   1.176   1.00 25.84  ? 564 HIS C HD2  1 
ATOM   404  H HE1  . HIS A 1 30 ? 5.355   5.235   4.600   1.00 31.54  ? 564 HIS C HE1  1 
ATOM   405  H HE2  . HIS A 1 30 ? 5.723   5.131   2.281   1.00 30.05  ? 564 HIS C HE2  1 
ATOM   406  N N    . LEU A 1 31 ? 0.638   -0.266  2.887   1.00 15.94  ? 565 LEU C N    1 
ATOM   407  C CA   . LEU A 1 31 ? -0.537  -1.100  3.091   1.00 21.62  ? 565 LEU C CA   1 
ATOM   408  C C    . LEU A 1 31 ? -0.262  -2.248  4.087   1.00 20.28  ? 565 LEU C C    1 
ATOM   409  O O    . LEU A 1 31 ? -1.077  -2.522  4.991   1.00 20.23  ? 565 LEU C O    1 
ATOM   410  C CB   . LEU A 1 31 ? -1.010  -1.664  1.753   1.00 20.69  ? 565 LEU C CB   1 
ATOM   411  C CG   . LEU A 1 31 ? -1.819  -0.728  0.864   1.00 20.96  ? 565 LEU C CG   1 
ATOM   412  C CD1  . LEU A 1 31 ? -2.184  -1.420  -0.425  1.00 26.88  ? 565 LEU C CD1  1 
ATOM   413  C CD2  . LEU A 1 31 ? -3.124  -0.299  1.589   1.00 28.64  ? 565 LEU C CD2  1 
ATOM   414  H H    . LEU A 1 31 ? 0.926   -0.253  2.075   1.00 19.18  ? 565 LEU C H    1 
ATOM   415  H HA   . LEU A 1 31 ? -1.258  -0.548  3.458   1.00 26.00  ? 565 LEU C HA   1 
ATOM   416  H HB2  . LEU A 1 31 ? -0.228  -1.936  1.245   1.00 24.88  ? 565 LEU C HB2  1 
ATOM   417  H HB3  . LEU A 1 31 ? -1.562  -2.441  1.929   1.00 24.88  ? 565 LEU C HB3  1 
ATOM   418  H HG   . LEU A 1 31 ? -1.298  0.064   0.659   1.00 25.21  ? 565 LEU C HG   1 
ATOM   419  H HD11 . LEU A 1 31 ? -2.692  -0.815  -0.971  1.00 32.31  ? 565 LEU C HD11 1 
ATOM   420  H HD12 . LEU A 1 31 ? -1.378  -1.674  -0.882  1.00 32.31  ? 565 LEU C HD12 1 
ATOM   421  H HD13 . LEU A 1 31 ? -2.707  -2.199  -0.224  1.00 32.31  ? 565 LEU C HD13 1 
ATOM   422  H HD21 . LEU A 1 31 ? -3.621  0.289   1.016   1.00 34.42  ? 565 LEU C HD21 1 
ATOM   423  H HD22 . LEU A 1 31 ? -3.644  -1.081  1.786   1.00 34.42  ? 565 LEU C HD22 1 
ATOM   424  H HD23 . LEU A 1 31 ? -2.894  0.154   2.404   1.00 34.42  ? 565 LEU C HD23 1 
ATOM   425  N N    . LEU A 1 32 ? 0.870   -2.927  3.912   1.00 19.88  ? 566 LEU C N    1 
ATOM   426  C CA   . LEU A 1 32 ? 1.252   -3.992  4.806   1.00 17.22  ? 566 LEU C CA   1 
ATOM   427  C C    . LEU A 1 32 ? 1.337   -3.467  6.237   1.00 26.64  ? 566 LEU C C    1 
ATOM   428  O O    . LEU A 1 32 ? 0.942   -4.134  7.170   1.00 19.68  ? 566 LEU C O    1 
ATOM   429  C CB   . LEU A 1 32 ? 2.595   -4.596  4.428   1.00 19.90  ? 566 LEU C CB   1 
ATOM   430  C CG   . LEU A 1 32 ? 2.643   -5.688  3.359   1.00 35.59  ? 566 LEU C CG   1 
ATOM   431  C CD1  . LEU A 1 32 ? 4.088   -5.966  2.922   1.00 30.10  ? 566 LEU C CD1  1 
ATOM   432  C CD2  . LEU A 1 32 ? 1.990   -6.964  3.862   1.00 28.81  ? 566 LEU C CD2  1 
ATOM   433  H H    . LEU A 1 32 ? 1.431   -2.783  3.276   1.00 23.91  ? 566 LEU C H    1 
ATOM   434  H HA   . LEU A 1 32 ? 0.575   -4.700  4.777   1.00 20.72  ? 566 LEU C HA   1 
ATOM   435  H HB2  . LEU A 1 32 ? 3.163   -3.875  4.115   1.00 23.94  ? 566 LEU C HB2  1 
ATOM   436  H HB3  . LEU A 1 32 ? 2.984   -4.975  5.231   1.00 23.94  ? 566 LEU C HB3  1 
ATOM   437  H HG   . LEU A 1 32 ? 2.149   -5.388  2.581   1.00 42.76  ? 566 LEU C HG   1 
ATOM   438  H HD11 . LEU A 1 32 ? 4.085   -6.654  2.252   1.00 36.18  ? 566 LEU C HD11 1 
ATOM   439  H HD12 . LEU A 1 32 ? 4.466   -5.160  2.562   1.00 36.18  ? 566 LEU C HD12 1 
ATOM   440  H HD13 . LEU A 1 32 ? 4.595   -6.253  3.685   1.00 36.18  ? 566 LEU C HD13 1 
ATOM   441  H HD21 . LEU A 1 32 ? 2.034   -7.630  3.173   1.00 34.62  ? 566 LEU C HD21 1 
ATOM   442  H HD22 . LEU A 1 32 ? 2.459   -7.268  4.643   1.00 34.62  ? 566 LEU C HD22 1 
ATOM   443  H HD23 . LEU A 1 32 ? 1.073   -6.779  4.081   1.00 34.62  ? 566 LEU C HD23 1 
ATOM   444  N N    . GLN A 1 33 ? 1.865   -2.265  6.394   1.00 20.70  ? 567 GLN C N    1 
ATOM   445  C CA   . GLN A 1 33 ? 2.035   -1.676  7.709   1.00 21.11  ? 567 GLN C CA   1 
ATOM   446  C C    . GLN A 1 33 ? 0.675   -1.355  8.354   1.00 19.36  ? 567 GLN C C    1 
ATOM   447  O O    . GLN A 1 33 ? 0.529   -1.463  9.569   1.00 23.99  ? 567 GLN C O    1 
ATOM   448  C CB   . GLN A 1 33 ? 2.895   -0.405  7.604   1.00 22.91  ? 567 GLN C CB   1 
ATOM   449  C CG   . GLN A 1 33 ? 4.384   -0.672  7.559   1.00 36.47  ? 567 GLN C CG   1 
ATOM   450  C CD   . GLN A 1 33 ? 4.890   -1.433  8.790   1.00 51.62  ? 567 GLN C CD   1 
ATOM   451  O OE1  . GLN A 1 33 ? 4.726   -0.973  9.930   1.00 56.98  ? 567 GLN C OE1  1 
ATOM   452  N NE2  . GLN A 1 33 ? 5.489   -2.617  8.561   1.00 48.09  ? 567 GLN C NE2  1 
ATOM   453  H H    . GLN A 1 33 ? 2.134   -1.764  5.747   1.00 24.90  ? 567 GLN C H    1 
ATOM   454  H HA   . GLN A 1 33 ? 2.504   -2.313  8.288   1.00 25.39  ? 567 GLN C HA   1 
ATOM   455  H HB2  . GLN A 1 33 ? 2.655   0.069   6.792   1.00 27.55  ? 567 GLN C HB2  1 
ATOM   456  H HB3  . GLN A 1 33 ? 2.717   0.157   8.375   1.00 27.55  ? 567 GLN C HB3  1 
ATOM   457  H HG2  . GLN A 1 33 ? 4.586   -1.204  6.775   1.00 43.82  ? 567 GLN C HG2  1 
ATOM   458  H HG3  . GLN A 1 33 ? 4.855   0.174   7.517   1.00 43.82  ? 567 GLN C HG3  1 
ATOM   459  H HE21 . GLN A 1 33 ? 5.571   -2.908  7.756   1.00 57.77  ? 567 GLN C HE21 1 
ATOM   460  H HE22 . GLN A 1 33 ? 5.789   -3.081  9.219   1.00 57.77  ? 567 GLN C HE22 1 
ATOM   461  N N    . LEU A 1 34 ? -0.292  -0.941  7.537   1.00 18.74  ? 568 LEU C N    1 
ATOM   462  C CA   . LEU A 1 34 ? -1.621  -0.645  7.983   1.00 20.96  ? 568 LEU C CA   1 
ATOM   463  C C    . LEU A 1 34 ? -2.324  -1.923  8.414   1.00 24.11  ? 568 LEU C C    1 
ATOM   464  O O    . LEU A 1 34 ? -3.055  -1.924  9.428   1.00 20.30  ? 568 LEU C O    1 
ATOM   465  C CB   . LEU A 1 34 ? -2.440  0.115   6.903   1.00 15.89  ? 568 LEU C CB   1 
ATOM   466  C CG   . LEU A 1 34 ? -2.086  1.587   6.654   1.00 19.81  ? 568 LEU C CG   1 
ATOM   467  C CD1  . LEU A 1 34 ? -2.560  2.106   5.280   1.00 23.67  ? 568 LEU C CD1  1 
ATOM   468  C CD2  . LEU A 1 34 ? -2.688  2.437   7.805   1.00 32.24  ? 568 LEU C CD2  1 
ATOM   469  H H    . LEU A 1 34 ? -0.183  -0.824  6.692   1.00 22.54  ? 568 LEU C H    1 
ATOM   470  H HA   . LEU A 1 34 ? -1.562  -0.062  8.769   1.00 25.20  ? 568 LEU C HA   1 
ATOM   471  H HB2  . LEU A 1 34 ? -2.328  -0.350  6.060   1.00 19.12  ? 568 LEU C HB2  1 
ATOM   472  H HB3  . LEU A 1 34 ? -3.375  0.087   7.160   1.00 19.12  ? 568 LEU C HB3  1 
ATOM   473  H HG   . LEU A 1 34 ? -1.122  1.685   6.689   1.00 23.83  ? 568 LEU C HG   1 
ATOM   474  H HD11 . LEU A 1 34 ? -2.308  3.028   5.191   1.00 28.45  ? 568 LEU C HD11 1 
ATOM   475  H HD12 . LEU A 1 34 ? -2.144  1.584   4.590   1.00 28.45  ? 568 LEU C HD12 1 
ATOM   476  H HD13 . LEU A 1 34 ? -3.514  2.020   5.227   1.00 28.45  ? 568 LEU C HD13 1 
ATOM   477  H HD21 . LEU A 1 34 ? -2.471  3.361   7.657   1.00 38.74  ? 568 LEU C HD21 1 
ATOM   478  H HD22 . LEU A 1 34 ? -3.641  2.322   7.813   1.00 38.74  ? 568 LEU C HD22 1 
ATOM   479  H HD23 . LEU A 1 34 ? -2.315  2.143   8.639   1.00 38.74  ? 568 LEU C HD23 1 
ATOM   480  N N    . THR A 1 35 ? -2.091  -3.019  7.695   1.00 20.63  ? 569 THR C N    1 
ATOM   481  C CA   . THR A 1 35 ? -2.659  -4.298  8.145   1.00 23.74  ? 569 THR C CA   1 
ATOM   482  C C    . THR A 1 35 ? -2.028  -4.817  9.464   1.00 25.57  ? 569 THR C C    1 
ATOM   483  O O    . THR A 1 35 ? -2.729  -5.332  10.340  1.00 23.83  ? 569 THR C O    1 
ATOM   484  C CB   . THR A 1 35 ? -2.648  -5.378  7.059   1.00 21.71  ? 569 THR C CB   1 
ATOM   485  O OG1  . THR A 1 35 ? -1.305  -5.816  6.736   1.00 20.99  ? 569 THR C OG1  1 
ATOM   486  C CG2  . THR A 1 35 ? -3.315  -4.839  5.853   1.00 20.25  ? 569 THR C CG2  1 
ATOM   487  H H    . THR A 1 35 ? -1.627  -3.055  6.971   1.00 24.81  ? 569 THR C H    1 
ATOM   488  H HA   . THR A 1 35 ? -3.604  -4.132  8.347   1.00 28.55  ? 569 THR C HA   1 
ATOM   489  H HB   . THR A 1 35 ? -3.161  -6.140  7.368   1.00 26.10  ? 569 THR C HB   1 
ATOM   490  H HG1  . THR A 1 35 ? -0.862  -5.182  6.463   1.00 25.25  ? 569 THR C HG1  1 
ATOM   491  H HG21 . THR A 1 35 ? -3.318  -5.501  5.158   1.00 24.36  ? 569 THR C HG21 1 
ATOM   492  H HG22 . THR A 1 35 ? -4.220  -4.599  6.059   1.00 24.36  ? 569 THR C HG22 1 
ATOM   493  H HG23 . THR A 1 35 ? -2.848  -4.061  5.541   1.00 24.36  ? 569 THR C HG23 1 
ATOM   494  N N    . VAL A 1 36 ? -0.720  -4.674  9.609   1.00 20.62  ? 570 VAL C N    1 
ATOM   495  C CA   . VAL A 1 36 ? -0.070  -5.027  10.868  1.00 29.67  ? 570 VAL C CA   1 
ATOM   496  C C    . VAL A 1 36 ? -0.634  -4.198  12.062  1.00 28.31  ? 570 VAL C C    1 
ATOM   497  O O    . VAL A 1 36 ? -0.921  -4.757  13.133  1.00 26.65  ? 570 VAL C O    1 
ATOM   498  C CB   . VAL A 1 36 ? 1.494   -4.910  10.775  1.00 26.85  ? 570 VAL C CB   1 
ATOM   499  C CG1  . VAL A 1 36 ? 2.145   -5.031  12.150  1.00 26.90  ? 570 VAL C CG1  1 
ATOM   500  C CG2  . VAL A 1 36 ? 2.073   -5.927  9.843   1.00 22.76  ? 570 VAL C CG2  1 
ATOM   501  H H    . VAL A 1 36 ? -0.187  -4.379  9.002   1.00 24.80  ? 570 VAL C H    1 
ATOM   502  H HA   . VAL A 1 36 ? -0.273  -5.967  11.055  1.00 35.65  ? 570 VAL C HA   1 
ATOM   503  H HB   . VAL A 1 36 ? 1.718   -4.024  10.420  1.00 32.27  ? 570 VAL C HB   1 
ATOM   504  H HG11 . VAL A 1 36 ? 3.097   -4.954  12.053  1.00 32.34  ? 570 VAL C HG11 1 
ATOM   505  H HG12 . VAL A 1 36 ? 1.816   -4.328  12.714  1.00 32.34  ? 570 VAL C HG12 1 
ATOM   506  H HG13 . VAL A 1 36 ? 1.921   -5.886  12.527  1.00 32.34  ? 570 VAL C HG13 1 
ATOM   507  H HG21 . VAL A 1 36 ? 3.027   -5.820  9.816   1.00 27.36  ? 570 VAL C HG21 1 
ATOM   508  H HG22 . VAL A 1 36 ? 1.851   -6.805  10.161  1.00 27.36  ? 570 VAL C HG22 1 
ATOM   509  H HG23 . VAL A 1 36 ? 1.704   -5.793  8.966   1.00 27.36  ? 570 VAL C HG23 1 
ATOM   510  N N    . TRP A 1 37 ? -0.793  -2.884  11.897  1.00 24.15  ? 571 TRP C N    1 
ATOM   511  C CA   . TRP A 1 37 ? -1.468  -2.061  12.924  1.00 36.36  ? 571 TRP C CA   1 
ATOM   512  C C    . TRP A 1 37 ? -2.841  -2.606  13.289  1.00 32.47  ? 571 TRP C C    1 
ATOM   513  O O    . TRP A 1 37 ? -3.238  -2.624  14.472  1.00 27.64  ? 571 TRP C O    1 
ATOM   514  C CB   . TRP A 1 37 ? -1.660  -0.600  12.449  1.00 31.46  ? 571 TRP C CB   1 
ATOM   515  C CG   . TRP A 1 37 ? -2.366  0.312   13.471  1.00 43.11  ? 571 TRP C CG   1 
ATOM   516  C CD1  . TRP A 1 37 ? -1.760  1.075   14.433  1.00 48.16  ? 571 TRP C CD1  1 
ATOM   517  C CD2  . TRP A 1 37 ? -3.797  0.563   13.612  1.00 46.52  ? 571 TRP C CD2  1 
ATOM   518  N NE1  . TRP A 1 37 ? -2.710  1.763   15.166  1.00 53.40  ? 571 TRP C NE1  1 
ATOM   519  C CE2  . TRP A 1 37 ? -3.959  1.475   14.676  1.00 46.97  ? 571 TRP C CE2  1 
ATOM   520  C CE3  . TRP A 1 37 ? -4.942  0.105   12.942  1.00 46.12  ? 571 TRP C CE3  1 
ATOM   521  C CZ2  . TRP A 1 37 ? -5.223  1.935   15.089  1.00 49.56  ? 571 TRP C CZ2  1 
ATOM   522  C CZ3  . TRP A 1 37 ? -6.201  0.562   13.360  1.00 40.34  ? 571 TRP C CZ3  1 
ATOM   523  C CH2  . TRP A 1 37 ? -6.326  1.465   14.425  1.00 41.04  ? 571 TRP C CH2  1 
ATOM   524  H H    . TRP A 1 37 ? -0.524  -2.442  11.210  1.00 29.03  ? 571 TRP C H    1 
ATOM   525  H HA   . TRP A 1 37 ? -0.919  -2.049  13.736  1.00 43.69  ? 571 TRP C HA   1 
ATOM   526  H HB2  . TRP A 1 37 ? -0.789  -0.216  12.264  1.00 37.81  ? 571 TRP C HB2  1 
ATOM   527  H HB3  . TRP A 1 37 ? -2.194  -0.605  11.639  1.00 37.81  ? 571 TRP C HB3  1 
ATOM   528  H HD1  . TRP A 1 37 ? -0.843  1.116   14.580  1.00 57.85  ? 571 TRP C HD1  1 
ATOM   529  H HE1  . TRP A 1 37 ? -2.542  2.300   15.816  1.00 64.14  ? 571 TRP C HE1  1 
ATOM   530  H HE3  . TRP A 1 37 ? -4.867  -0.496  12.237  1.00 55.40  ? 571 TRP C HE3  1 
ATOM   531  H HZ2  . TRP A 1 37 ? -5.309  2.532   15.798  1.00 59.53  ? 571 TRP C HZ2  1 
ATOM   532  H HZ3  . TRP A 1 37 ? -6.964  0.263   12.921  1.00 48.46  ? 571 TRP C HZ3  1 
ATOM   533  H HH2  . TRP A 1 37 ? -7.171  1.757   14.679  1.00 49.30  ? 571 TRP C HH2  1 
ATOM   534  N N    . GLY A 1 38 ? -3.599  -2.985  12.265  1.00 23.81  ? 572 GLY C N    1 
ATOM   535  C CA   . GLY A 1 38 ? -5.002  -3.366  12.445  1.00 25.25  ? 572 GLY C CA   1 
ATOM   536  C C    . GLY A 1 38 ? -5.098  -4.685  13.176  1.00 27.56  ? 572 GLY C C    1 
ATOM   537  O O    . GLY A 1 38 ? -5.977  -4.902  14.066  1.00 27.29  ? 572 GLY C O    1 
ATOM   538  H H    . GLY A 1 38 ? -3.327  -3.032  11.452  1.00 28.63  ? 572 GLY C H    1 
ATOM   539  H HA2  . GLY A 1 38 ? -5.464  -2.686  12.960  1.00 30.36  ? 572 GLY C HA2  1 
ATOM   540  H HA3  . GLY A 1 38 ? -5.432  -3.452  11.581  1.00 30.36  ? 572 GLY C HA3  1 
ATOM   541  N N    . ILE A 1 39 ? -4.175  -5.574  12.836  1.00 25.05  ? 573 ILE C N    1 
ATOM   542  C CA   . ILE A 1 39 ? -4.086  -6.877  13.506  1.00 25.07  ? 573 ILE C CA   1 
ATOM   543  C C    . ILE A 1 39 ? -3.733  -6.695  14.999  1.00 36.75  ? 573 ILE C C    1 
ATOM   544  O O    . ILE A 1 39 ? -4.321  -7.346  15.869  1.00 25.00  ? 573 ILE C O    1 
ATOM   545  C CB   . ILE A 1 39 ? -3.108  -7.866  12.796  1.00 22.94  ? 573 ILE C CB   1 
ATOM   546  C CG1  . ILE A 1 39 ? -3.725  -8.345  11.470  1.00 25.24  ? 573 ILE C CG1  1 
ATOM   547  C CG2  . ILE A 1 39 ? -2.789  -9.078  13.671  1.00 25.41  ? 573 ILE C CG2  1 
ATOM   548  C CD1  . ILE A 1 39 ? -2.690  -8.886  10.425  1.00 23.45  ? 573 ILE C CD1  1 
ATOM   549  H H    . ILE A 1 39 ? -3.584  -5.453  12.223  1.00 30.11  ? 573 ILE C H    1 
ATOM   550  H HA   . ILE A 1 39 ? -4.974  -7.289  13.475  1.00 30.14  ? 573 ILE C HA   1 
ATOM   551  H HB   . ILE A 1 39 ? -2.281  -7.398  12.603  1.00 27.58  ? 573 ILE C HB   1 
ATOM   552  H HG12 . ILE A 1 39 ? -4.352  -9.060  11.660  1.00 30.34  ? 573 ILE C HG12 1 
ATOM   553  H HG13 . ILE A 1 39 ? -4.194  -7.601  11.060  1.00 30.34  ? 573 ILE C HG13 1 
ATOM   554  H HG21 . ILE A 1 39 ? -2.188  -9.656  13.196  1.00 30.55  ? 573 ILE C HG21 1 
ATOM   555  H HG22 . ILE A 1 39 ? -2.380  -8.776  14.485  1.00 30.55  ? 573 ILE C HG22 1 
ATOM   556  H HG23 . ILE A 1 39 ? -3.605  -9.544  13.867  1.00 30.55  ? 573 ILE C HG23 1 
ATOM   557  H HD11 . ILE A 1 39 ? -3.161  -9.160  9.634   1.00 28.19  ? 573 ILE C HD11 1 
ATOM   558  H HD12 . ILE A 1 39 ? -2.069  -8.188  10.210  1.00 28.19  ? 573 ILE C HD12 1 
ATOM   559  H HD13 . ILE A 1 39 ? -2.225  -9.635  10.805  1.00 28.19  ? 573 ILE C HD13 1 
ATOM   560  N N    . LYS A 1 40 ? -2.804  -5.799  15.297  1.00 28.12  ? 574 LYS C N    1 
ATOM   561  C CA   . LYS A 1 40 ? -2.354  -5.597  16.682  1.00 24.05  ? 574 LYS C CA   1 
ATOM   562  C C    . LYS A 1 40 ? -3.481  -5.003  17.532  1.00 33.03  ? 574 LYS C C    1 
ATOM   563  O O    . LYS A 1 40 ? -3.671  -5.371  18.688  1.00 33.81  ? 574 LYS C O    1 
ATOM   564  C CB   . LYS A 1 40 ? -1.162  -4.658  16.732  1.00 33.88  ? 574 LYS C CB   1 
ATOM   565  C CG   . LYS A 1 40 ? 0.140   -5.245  16.249  1.00 32.76  ? 574 LYS C CG   1 
ATOM   566  C CD   . LYS A 1 40 ? 1.165   -4.114  16.184  1.00 44.43  ? 574 LYS C CD   1 
ATOM   567  C CE   . LYS A 1 40 ? 2.574   -4.624  16.407  1.00 61.03  ? 574 LYS C CE   1 
ATOM   568  N NZ   . LYS A 1 40 ? 3.502   -3.567  16.934  1.00 68.49  ? 574 LYS C NZ   1 
ATOM   569  H H    . LYS A 1 40 ? -2.414  -5.292  14.722  1.00 33.80  ? 574 LYS C H    1 
ATOM   570  H HA   . LYS A 1 40 ? -2.090  -6.458  17.071  1.00 28.92  ? 574 LYS C HA   1 
ATOM   571  H HB2  . LYS A 1 40 ? -1.357  -3.885  16.179  1.00 40.71  ? 574 LYS C HB2  1 
ATOM   572  H HB3  . LYS A 1 40 ? -1.031  -4.375  17.651  1.00 40.71  ? 574 LYS C HB3  1 
ATOM   573  H HG2  . LYS A 1 40 ? 0.452   -5.919  16.874  1.00 39.37  ? 574 LYS C HG2  1 
ATOM   574  H HG3  . LYS A 1 40 ? 0.026   -5.620  15.362  1.00 39.37  ? 574 LYS C HG3  1 
ATOM   575  H HD2  . LYS A 1 40 ? 1.127   -3.699  15.310  1.00 53.37  ? 574 LYS C HD2  1 
ATOM   576  H HD3  . LYS A 1 40 ? 0.966   -3.463  16.876  1.00 53.37  ? 574 LYS C HD3  1 
ATOM   577  H HE2  . LYS A 1 40 ? 2.550   -5.349  17.050  1.00 73.29  ? 574 LYS C HE2  1 
ATOM   578  H HE3  . LYS A 1 40 ? 2.931   -4.942  15.562  1.00 73.29  ? 574 LYS C HE3  1 
ATOM   579  H HZ1  . LYS A 1 40 ? 4.316   -3.908  17.049  1.00 82.24  ? 574 LYS C HZ1  1 
ATOM   580  H HZ2  . LYS A 1 40 ? 3.551   -2.890  16.358  1.00 82.24  ? 574 LYS C HZ2  1 
ATOM   581  H HZ3  . LYS A 1 40 ? 3.203   -3.262  17.714  1.00 82.24  ? 574 LYS C HZ3  1 
ATOM   582  N N    . GLN A 1 41 ? -4.240  -4.105  16.924  1.00 31.93  ? 575 GLN C N    1 
ATOM   583  C CA   . GLN A 1 41 ? -5.377  -3.465  17.553  1.00 34.27  ? 575 GLN C CA   1 
ATOM   584  C C    . GLN A 1 41 ? -6.433  -4.508  17.916  1.00 41.88  ? 575 GLN C C    1 
ATOM   585  O O    . GLN A 1 41 ? -6.969  -4.529  19.016  1.00 32.75  ? 575 GLN C O    1 
ATOM   586  C CB   . GLN A 1 41 ? -5.957  -2.457  16.575  1.00 42.41  ? 575 GLN C CB   1 
ATOM   587  C CG   . GLN A 1 41 ? -6.824  -1.418  17.205  1.00 57.74  ? 575 GLN C CG   1 
ATOM   588  C CD   . GLN A 1 41 ? -6.024  -0.378  17.949  1.00 55.84  ? 575 GLN C CD   1 
ATOM   589  O OE1  . GLN A 1 41 ? -4.790  -0.413  17.966  1.00 63.68  ? 575 GLN C OE1  1 
ATOM   590  N NE2  . GLN A 1 41 ? -6.721  0.560   18.572  1.00 67.87  ? 575 GLN C NE2  1 
ATOM   591  H H    . GLN A 1 41 ? -4.107  -3.842  16.117  1.00 38.38  ? 575 GLN C H    1 
ATOM   592  H HA   . GLN A 1 41 ? -5.094  -2.998  18.367  1.00 41.17  ? 575 GLN C HA   1 
ATOM   593  H HB2  . GLN A 1 41 ? -5.226  -2.002  16.129  1.00 50.95  ? 575 GLN C HB2  1 
ATOM   594  H HB3  . GLN A 1 41 ? -6.493  -2.932  15.921  1.00 50.95  ? 575 GLN C HB3  1 
ATOM   595  H HG2  . GLN A 1 41 ? -7.333  -0.967  16.513  1.00 69.35  ? 575 GLN C HG2  1 
ATOM   596  H HG3  . GLN A 1 41 ? -7.424  -1.844  17.837  1.00 69.35  ? 575 GLN C HG3  1 
ATOM   597  H HE21 . GLN A 1 41 ? -6.314  1.177   19.011  1.00 81.50  ? 575 GLN C HE21 1 
ATOM   598  H HE22 . GLN A 1 41 ? -7.579  0.552   18.537  1.00 81.50  ? 575 GLN C HE22 1 
ATOM   599  N N    . LEU A 1 42 ? -6.717  -5.391  16.974  1.00 28.50  ? 576 LEU C N    1 
ATOM   600  C CA   . LEU A 1 42 ? -7.692  -6.433  17.168  1.00 27.79  ? 576 LEU C CA   1 
ATOM   601  C C    . LEU A 1 42 ? -7.236  -7.478  18.181  1.00 39.21  ? 576 LEU C C    1 
ATOM   602  O O    . LEU A 1 42 ? -8.039  -8.065  18.931  1.00 29.27  ? 576 LEU C O    1 
ATOM   603  C CB   . LEU A 1 42 ? -7.986  -7.102  15.843  1.00 27.79  ? 576 LEU C CB   1 
ATOM   604  C CG   . LEU A 1 42 ? -8.691  -6.254  14.778  1.00 31.73  ? 576 LEU C CG   1 
ATOM   605  C CD1  . LEU A 1 42 ? -8.964  -7.141  13.589  1.00 36.40  ? 576 LEU C CD1  1 
ATOM   606  C CD2  . LEU A 1 42 ? -9.995  -5.649  15.290  1.00 40.71  ? 576 LEU C CD2  1 
ATOM   607  H H    . LEU A 1 42 ? -6.347  -5.402  16.197  1.00 34.25  ? 576 LEU C H    1 
ATOM   608  H HA   . LEU A 1 42 ? -8.524  -6.035  17.498  1.00 33.40  ? 576 LEU C HA   1 
ATOM   609  H HB2  . LEU A 1 42 ? -7.145  -7.399  15.462  1.00 33.41  ? 576 LEU C HB2  1 
ATOM   610  H HB3  . LEU A 1 42 ? -8.550  -7.873  16.013  1.00 33.41  ? 576 LEU C HB3  1 
ATOM   611  H HG   . LEU A 1 42 ? -8.106  -5.534  14.496  1.00 38.13  ? 576 LEU C HG   1 
ATOM   612  H HD11 . LEU A 1 42 ? -9.407  -6.625  12.910  1.00 43.73  ? 576 LEU C HD11 1 
ATOM   613  H HD12 . LEU A 1 42 ? -8.130  -7.478  13.253  1.00 43.73  ? 576 LEU C HD12 1 
ATOM   614  H HD13 . LEU A 1 42 ? -9.524  -7.869  13.864  1.00 43.73  ? 576 LEU C HD13 1 
ATOM   615  H HD21 . LEU A 1 42 ? -10.396 -5.131  14.588  1.00 48.90  ? 576 LEU C HD21 1 
ATOM   616  H HD22 . LEU A 1 42 ? -10.587 -6.359  15.553  1.00 48.90  ? 576 LEU C HD22 1 
ATOM   617  H HD23 . LEU A 1 42 ? -9.803  -5.087  16.044  1.00 48.90  ? 576 LEU C HD23 1 
ATOM   618  N N    . GLN A 1 43 ? -5.944  -7.735  18.188  1.00 28.16  ? 577 GLN C N    1 
ATOM   619  C CA   . GLN A 1 43 ? -5.399  -8.703  19.108  1.00 32.85  ? 577 GLN C CA   1 
ATOM   620  C C    . GLN A 1 43 ? -5.543  -8.167  20.532  1.00 44.85  ? 577 GLN C C    1 
ATOM   621  O O    . GLN A 1 43 ? -5.902  -8.903  21.455  1.00 35.90  ? 577 GLN C O    1 
ATOM   622  C CB   . GLN A 1 43 ? -3.949  -8.985  18.764  1.00 36.04  ? 577 GLN C CB   1 
ATOM   623  C CG   . GLN A 1 43 ? -3.429  -10.301 19.292  1.00 35.62  ? 577 GLN C CG   1 
ATOM   624  C CD   . GLN A 1 43 ? -2.867  -10.169 20.687  1.00 54.45  ? 577 GLN C CD   1 
ATOM   625  O OE1  . GLN A 1 43 ? -2.595  -9.066  21.174  1.00 49.07  ? 577 GLN C OE1  1 
ATOM   626  N NE2  . GLN A 1 43 ? -2.694  -11.300 21.346  1.00 62.24  ? 577 GLN C NE2  1 
ATOM   627  H H    . GLN A 1 43 ? -5.365  -7.364  17.671  1.00 33.85  ? 577 GLN C H    1 
ATOM   628  H HA   . GLN A 1 43 ? -5.903  -9.541  19.039  1.00 39.47  ? 577 GLN C HA   1 
ATOM   629  H HB2  . GLN A 1 43 ? -3.855  -8.997  17.799  1.00 43.30  ? 577 GLN C HB2  1 
ATOM   630  H HB3  . GLN A 1 43 ? -3.398  -8.279  19.136  1.00 43.30  ? 577 GLN C HB3  1 
ATOM   631  H HG2  . GLN A 1 43 ? -4.155  -10.943 19.318  1.00 42.79  ? 577 GLN C HG2  1 
ATOM   632  H HG3  . GLN A 1 43 ? -2.721  -10.620 18.710  1.00 42.79  ? 577 GLN C HG3  1 
ATOM   633  H HE21 . GLN A 1 43 ? -2.898  -12.049 20.975  1.00 74.74  ? 577 GLN C HE21 1 
ATOM   634  H HE22 . GLN A 1 43 ? -2.377  -11.288 22.145  1.00 74.74  ? 577 GLN C HE22 1 
ATOM   635  N N    . ALA A 1 44 ? -5.279  -6.875  20.704  1.00 35.13  ? 578 ALA C N    1 
ATOM   636  C CA   . ALA A 1 44 ? -5.412  -6.245  22.001  1.00 35.27  ? 578 ALA C CA   1 
ATOM   637  C C    . ALA A 1 44 ? -6.870  -6.277  22.471  1.00 44.24  ? 578 ALA C C    1 
ATOM   638  O O    . ALA A 1 44 ? -7.155  -6.520  23.649  1.00 41.19  ? 578 ALA C O    1 
ATOM   639  C CB   . ALA A 1 44 ? -4.908  -4.821  21.937  1.00 43.10  ? 578 ALA C CB   1 
ATOM   640  H H    . ALA A 1 44 ? -5.021  -6.343  20.079  1.00 42.21  ? 578 ALA C H    1 
ATOM   641  H HA   . ALA A 1 44 ? -4.869  -6.733  22.654  1.00 42.37  ? 578 ALA C HA   1 
ATOM   642  H HB1  . ALA A 1 44 ? -5.002  -4.418  22.803  1.00 51.78  ? 578 ALA C HB1  1 
ATOM   643  H HB2  . ALA A 1 44 ? -3.983  -4.829  21.678  1.00 51.78  ? 578 ALA C HB2  1 
ATOM   644  H HB3  . ALA A 1 44 ? -5.426  -4.335  21.291  1.00 51.78  ? 578 ALA C HB3  1 
ATOM   645  N N    . ARG A 1 45 ? -7.798  -6.032  21.562  1.00 30.75  ? 579 ARG C N    1 
ATOM   646  C CA   . ARG A 1 45 ? -9.188  -6.016  21.942  1.00 43.73  ? 579 ARG C CA   1 
ATOM   647  C C    . ARG A 1 45 ? -9.734  -7.403  22.275  1.00 42.35  ? 579 ARG C C    1 
ATOM   648  O O    . ARG A 1 45 ? -10.486 -7.563  23.256  1.00 41.14  ? 579 ARG C O    1 
ATOM   649  C CB   . ARG A 1 45 ? -10.004 -5.324  20.867  1.00 33.43  ? 579 ARG C CB   1 
ATOM   650  C CG   . ARG A 1 45 ? -9.719  -3.858  20.882  1.00 38.70  ? 579 ARG C CG   1 
ATOM   651  C CD   . ARG A 1 45 ? -10.241 -3.170  19.671  1.00 46.20  ? 579 ARG C CD   1 
ATOM   652  N NE   . ARG A 1 45 ? -11.631 -3.520  19.417  1.00 50.89  ? 579 ARG C NE   1 
ATOM   653  C CZ   . ARG A 1 45 ? -12.398 -2.896  18.533  1.00 58.82  ? 579 ARG C CZ   1 
ATOM   654  N NH1  . ARG A 1 45 ? -11.935 -1.875  17.829  1.00 63.31  ? 579 ARG C NH1  1 
ATOM   655  N NH2  . ARG A 1 45 ? -13.636 -3.289  18.354  1.00 53.39  ? 579 ARG C NH2  1 
ATOM   656  H H    . ARG A 1 45 ? -7.649  -5.873  20.731  1.00 36.95  ? 579 ARG C H    1 
ATOM   657  H HA   . ARG A 1 45 ? -9.272  -5.476  22.756  1.00 52.53  ? 579 ARG C HA   1 
ATOM   658  H HB2  . ARG A 1 45 ? -9.762  -5.678  19.996  1.00 40.17  ? 579 ARG C HB2  1 
ATOM   659  H HB3  . ARG A 1 45 ? -10.950 -5.458  21.039  1.00 40.17  ? 579 ARG C HB3  1 
ATOM   660  H HG2  . ARG A 1 45 ? -10.141 -3.460  21.660  1.00 46.50  ? 579 ARG C HG2  1 
ATOM   661  H HG3  . ARG A 1 45 ? -8.759  -3.721  20.916  1.00 46.50  ? 579 ARG C HG3  1 
ATOM   662  H HD2  . ARG A 1 45 ? -10.188 -2.211  19.800  1.00 55.49  ? 579 ARG C HD2  1 
ATOM   663  H HD3  . ARG A 1 45 ? -9.715  -3.436  18.901  1.00 55.49  ? 579 ARG C HD3  1 
ATOM   664  H HE   . ARG A 1 45 ? -12.003 -4.096  19.936  1.00 61.13  ? 579 ARG C HE   1 
ATOM   665  H HH11 . ARG A 1 45 ? -11.123 -1.613  17.935  1.00 76.03  ? 579 ARG C HH11 1 
ATOM   666  H HH12 . ARG A 1 45 ? -12.445 -1.478  17.262  1.00 76.03  ? 579 ARG C HH12 1 
ATOM   667  H HH21 . ARG A 1 45 ? -13.948 -3.947  18.810  1.00 64.13  ? 579 ARG C HH21 1 
ATOM   668  H HH22 . ARG A 1 45 ? -14.139 -2.880  17.788  1.00 64.13  ? 579 ARG C HH22 1 
ATOM   669  N N    . ILE A 1 46 ? -9.331  -8.402  21.499  1.00 32.45  ? 580 ILE C N    1 
ATOM   670  C CA   . ILE A 1 46 ? -9.743  -9.770  21.750  1.00 34.61  ? 580 ILE C CA   1 
ATOM   671  C C    . ILE A 1 46 ? -9.219  -10.255 23.115  1.00 47.19  ? 580 ILE C C    1 
ATOM   672  O O    . ILE A 1 46 ? -9.932  -10.953 23.833  1.00 44.47  ? 580 ILE C O    1 
ATOM   673  C CB   . ILE A 1 46 ? -9.342  -10.749 20.637  1.00 35.81  ? 580 ILE C CB   1 
ATOM   674  C CG1  . ILE A 1 46 ? -10.116 -12.067 20.770  1.00 50.26  ? 580 ILE C CG1  1 
ATOM   675  C CG2  . ILE A 1 46 ? -7.889  -11.120 20.716  1.00 55.86  ? 580 ILE C CG2  1 
ATOM   676  C CD1  . ILE A 1 46 ? -11.630 -11.939 20.565  1.00 54.19  ? 580 ILE C CD1  1 
ATOM   677  H H    . ILE A 1 46 ? -8.817  -8.310  20.816  1.00 38.99  ? 580 ILE C H    1 
ATOM   678  H HA   . ILE A 1 46 ? -10.722 -9.783  21.799  1.00 41.59  ? 580 ILE C HA   1 
ATOM   679  H HB   . ILE A 1 46 ? -9.529  -10.350 19.772  1.00 43.03  ? 580 ILE C HB   1 
ATOM   680  H HG12 . ILE A 1 46 ? -9.779  -12.691 20.109  1.00 60.37  ? 580 ILE C HG12 1 
ATOM   681  H HG13 . ILE A 1 46 ? -9.968  -12.423 21.661  1.00 60.37  ? 580 ILE C HG13 1 
ATOM   682  H HG21 . ILE A 1 46 ? -7.719  -11.537 21.564  1.00 67.08  ? 580 ILE C HG21 1 
ATOM   683  H HG22 . ILE A 1 46 ? -7.684  -11.731 20.004  1.00 67.08  ? 580 ILE C HG22 1 
ATOM   684  H HG23 . ILE A 1 46 ? -7.358  -10.325 20.629  1.00 67.08  ? 580 ILE C HG23 1 
ATOM   685  H HD11 . ILE A 1 46 ? -12.033 -12.805 20.665  1.00 65.08  ? 580 ILE C HD11 1 
ATOM   686  H HD12 . ILE A 1 46 ? -11.985 -11.335 21.221  1.00 65.08  ? 580 ILE C HD12 1 
ATOM   687  H HD13 . ILE A 1 46 ? -11.798 -11.600 19.682  1.00 65.08  ? 580 ILE C HD13 1 
ATOM   688  N N    . LEU A 1 47 ? -7.994  -9.877  23.473  1.00 41.29  ? 581 LEU C N    1 
ATOM   689  C CA   . LEU A 1 47 ? -7.467  -10.170 24.792  1.00 46.64  ? 581 LEU C CA   1 
ATOM   690  C C    . LEU A 1 47 ? -8.318  -9.569  25.914  1.00 44.24  ? 581 LEU C C    1 
ATOM   691  O O    . LEU A 1 47 ? -8.569  -10.234 26.899  1.00 48.70  ? 581 LEU C O    1 
ATOM   692  C CB   . LEU A 1 47 ? -6.045  -9.645  24.973  1.00 39.30  ? 581 LEU C CB   1 
ATOM   693  C CG   . LEU A 1 47 ? -4.933  -10.584 24.555  1.00 52.91  ? 581 LEU C CG   1 
ATOM   694  C CD1  . LEU A 1 47 ? -4.859  -10.605 23.049  1.00 61.29  ? 581 LEU C CD1  1 
ATOM   695  C CD2  . LEU A 1 47 ? -3.616  -10.126 25.137  1.00 62.89  ? 581 LEU C CD2  1 
ATOM   696  H H    . LEU A 1 47 ? -7.451  -9.446  22.964  1.00 49.61  ? 581 LEU C H    1 
ATOM   697  H HA   . LEU A 1 47 ? -7.447  -11.142 24.916  1.00 56.03  ? 581 LEU C HA   1 
ATOM   698  H HB2  . LEU A 1 47 ? -5.951  -8.834  24.447  1.00 47.21  ? 581 LEU C HB2  1 
ATOM   699  H HB3  . LEU A 1 47 ? -5.912  -9.439  25.911  1.00 47.21  ? 581 LEU C HB3  1 
ATOM   700  H HG   . LEU A 1 47 ? -5.121  -11.481 24.873  1.00 63.54  ? 581 LEU C HG   1 
ATOM   701  H HD11 . LEU A 1 47 ? -5.698  -10.911 22.700  1.00 73.60  ? 581 LEU C HD11 1 
ATOM   702  H HD12 . LEU A 1 47 ? -4.677  -9.717  22.733  1.00 73.60  ? 581 LEU C HD12 1 
ATOM   703  H HD13 . LEU A 1 47 ? -4.154  -11.200 22.780  1.00 73.60  ? 581 LEU C HD13 1 
ATOM   704  H HD21 . LEU A 1 47 ? -3.424  -9.243  24.815  1.00 75.52  ? 581 LEU C HD21 1 
ATOM   705  H HD22 . LEU A 1 47 ? -3.684  -10.117 26.094  1.00 75.52  ? 581 LEU C HD22 1 
ATOM   706  H HD23 . LEU A 1 47 ? -2.925  -10.733 24.861  1.00 75.52  ? 581 LEU C HD23 1 
ATOM   707  N N    . ALA A 1 48 ? -8.712  -8.304  25.781  1.00 39.81  ? 582 ALA C N    1 
ATOM   708  C CA   . ALA A 1 48 ? -9.474  -7.638  26.822  1.00 45.20  ? 582 ALA C CA   1 
ATOM   709  C C    . ALA A 1 48 ? -10.784 -8.399  27.005  1.00 53.21  ? 582 ALA C C    1 
ATOM   710  O O    . ALA A 1 48 ? -11.254 -8.630  28.139  1.00 48.19  ? 582 ALA C O    1 
ATOM   711  C CB   . ALA A 1 48 ? -9.735  -6.195  26.462  1.00 36.82  ? 582 ALA C CB   1 
ATOM   712  H H    . ALA A 1 48 ? -8.548  -7.812  25.095  1.00 47.82  ? 582 ALA C H    1 
ATOM   713  H HA   . ALA A 1 48 ? -8.976  -7.665  27.665  1.00 54.30  ? 582 ALA C HA   1 
ATOM   714  H HB1  . ALA A 1 48 ? -8.894  -5.744  26.353  1.00 44.24  ? 582 ALA C HB1  1 
ATOM   715  H HB2  . ALA A 1 48 ? -10.232 -6.163  25.640  1.00 44.24  ? 582 ALA C HB2  1 
ATOM   716  H HB3  . ALA A 1 48 ? -10.239 -5.783  27.166  1.00 44.24  ? 582 ALA C HB3  1 
ATOM   717  N N    . VAL A 1 49 ? -11.373 -8.808  25.888  1.00 41.86  ? 583 VAL C N    1 
ATOM   718  C CA   . VAL A 1 49 ? -12.551 -9.651  25.963  1.00 47.12  ? 583 VAL C CA   1 
ATOM   719  C C    . VAL A 1 49 ? -12.181 -10.933 26.696  1.00 50.66  ? 583 VAL C C    1 
ATOM   720  O O    . VAL A 1 49 ? -12.781 -11.273 27.716  1.00 51.82  ? 583 VAL C O    1 
ATOM   721  C CB   . VAL A 1 49 ? -13.138 -9.945  24.570  1.00 47.79  ? 583 VAL C CB   1 
ATOM   722  C CG1  . VAL A 1 49 ? -14.221 -11.014 24.657  1.00 43.46  ? 583 VAL C CG1  1 
ATOM   723  C CG2  . VAL A 1 49 ? -13.715 -8.675  23.970  1.00 45.44  ? 583 VAL C CG2  1 
ATOM   724  H H    . VAL A 1 49 ? -11.115 -8.614  25.092  1.00 50.29  ? 583 VAL C H    1 
ATOM   725  H HA   . VAL A 1 49 ? -13.237 -9.191  26.489  1.00 56.60  ? 583 VAL C HA   1 
ATOM   726  H HB   . VAL A 1 49 ? -12.428 -10.272 23.980  1.00 57.40  ? 583 VAL C HB   1 
ATOM   727  H HG11 . VAL A 1 49 ? -14.571 -11.178 23.779  1.00 52.21  ? 583 VAL C HG11 1 
ATOM   728  H HG12 . VAL A 1 49 ? -13.837 -11.819 25.013  1.00 52.21  ? 583 VAL C HG12 1 
ATOM   729  H HG13 . VAL A 1 49 ? -14.922 -10.702 25.236  1.00 52.21  ? 583 VAL C HG13 1 
ATOM   730  H HG21 . VAL A 1 49 ? -14.076 -8.875  23.104  1.00 54.58  ? 583 VAL C HG21 1 
ATOM   731  H HG22 . VAL A 1 49 ? -14.407 -8.343  24.546  1.00 54.58  ? 583 VAL C HG22 1 
ATOM   732  H HG23 . VAL A 1 49 ? -13.014 -8.023  23.890  1.00 54.58  ? 583 VAL C HG23 1 
ATOM   733  N N    . GLU A 1 50 ? -11.161 -11.622 26.207  1.00 43.95  ? 584 GLU C N    1 
ATOM   734  C CA   . GLU A 1 50 ? -10.827 -12.944 26.729  1.00 49.38  ? 584 GLU C CA   1 
ATOM   735  C C    . GLU A 1 50 ? -10.580 -12.931 28.236  1.00 49.45  ? 584 GLU C C    1 
ATOM   736  O O    . GLU A 1 50 ? -10.837 -13.915 28.932  1.00 48.51  ? 584 GLU C O    1 
ATOM   737  C CB   . GLU A 1 50 ? -9.630  -13.526 25.978  1.00 43.41  ? 584 GLU C CB   1 
ATOM   738  C CG   . GLU A 1 50 ? -10.038 -14.272 24.691  1.00 41.37  ? 584 GLU C CG   1 
ATOM   739  C CD   . GLU A 1 50 ? -8.836  -14.761 23.868  1.00 50.24  ? 584 GLU C CD   1 
ATOM   740  O OE1  . GLU A 1 50 ? -7.720  -14.261 24.111  1.00 50.67  ? 584 GLU C OE1  1 
ATOM   741  O OE2  . GLU A 1 50 ? -9.007  -15.641 22.986  1.00 49.35  ? 584 GLU C OE2  1 
ATOM   742  H H    . GLU A 1 50 ? -10.647 -11.351 25.574  1.00 52.79  ? 584 GLU C H    1 
ATOM   743  H HA   . GLU A 1 50 ? -11.589 -13.538 26.567  1.00 59.31  ? 584 GLU C HA   1 
ATOM   744  H HB2  . GLU A 1 50 ? -9.032  -12.804 25.729  1.00 52.15  ? 584 GLU C HB2  1 
ATOM   745  H HB3  . GLU A 1 50 ? -9.169  -14.154 26.556  1.00 52.15  ? 584 GLU C HB3  1 
ATOM   746  H HG2  . GLU A 1 50 ? -10.569 -15.047 24.932  1.00 49.70  ? 584 GLU C HG2  1 
ATOM   747  H HG3  . GLU A 1 50 ? -10.560 -13.675 24.133  1.00 49.70  ? 584 GLU C HG3  1 
ATOM   748  N N    . ARG A 1 51 ? -10.114 -11.802 28.742  1.00 50.44  ? 585 ARG C N    1 
ATOM   749  C CA   . ARG A 1 51 ? -9.810  -11.685 30.155  1.00 57.81  ? 585 ARG C CA   1 
ATOM   750  C C    . ARG A 1 51 ? -11.039 -11.336 30.990  1.00 57.83  ? 585 ARG C C    1 
ATOM   751  O O    . ARG A 1 51 ? -11.136 -11.723 32.145  1.00 60.24  ? 585 ARG C O    1 
ATOM   752  C CB   . ARG A 1 51 ? -8.712  -10.654 30.343  1.00 49.13  ? 585 ARG C CB   1 
ATOM   753  C CG   . ARG A 1 51 ? -7.365  -11.141 29.801  1.00 46.40  ? 585 ARG C CG   1 
ATOM   754  C CD   . ARG A 1 51 ? -6.355  -10.017 29.798  1.00 66.05  ? 585 ARG C CD   1 
ATOM   755  N NE   . ARG A 1 51 ? -5.019  -10.471 29.420  1.00 69.96  ? 585 ARG C NE   1 
ATOM   756  C CZ   . ARG A 1 51 ? -3.969  -9.665  29.290  1.00 68.51  ? 585 ARG C CZ   1 
ATOM   757  N NH1  . ARG A 1 51 ? -4.103  -8.365  29.510  1.00 65.17  ? 585 ARG C NH1  1 
ATOM   758  N NH2  . ARG A 1 51 ? -2.783  -10.156 28.942  1.00 82.31  ? 585 ARG C NH2  1 
ATOM   759  H H    . ARG A 1 51 ? -9.965  -11.088 28.286  1.00 60.59  ? 585 ARG C H    1 
ATOM   760  H HA   . ARG A 1 51 ? -9.467  -12.546 30.475  1.00 69.42  ? 585 ARG C HA   1 
ATOM   761  H HB2  . ARG A 1 51 ? -8.952  -9.843  29.870  1.00 59.01  ? 585 ARG C HB2  1 
ATOM   762  H HB3  . ARG A 1 51 ? -8.607  -10.470 31.290  1.00 59.01  ? 585 ARG C HB3  1 
ATOM   763  H HG2  . ARG A 1 51 ? -7.029  -11.855 30.364  1.00 55.73  ? 585 ARG C HG2  1 
ATOM   764  H HG3  . ARG A 1 51 ? -7.479  -11.454 28.890  1.00 55.73  ? 585 ARG C HG3  1 
ATOM   765  H HD2  . ARG A 1 51 ? -6.634  -9.340  29.161  1.00 79.32  ? 585 ARG C HD2  1 
ATOM   766  H HD3  . ARG A 1 51 ? -6.303  -9.635  30.688  1.00 79.32  ? 585 ARG C HD3  1 
ATOM   767  H HE   . ARG A 1 51 ? -4.922  -11.297 29.199  1.00 84.00  ? 585 ARG C HE   1 
ATOM   768  H HH11 . ARG A 1 51 ? -4.867  -8.044  29.735  1.00 78.26  ? 585 ARG C HH11 1 
ATOM   769  H HH12 . ARG A 1 51 ? -3.424  -7.843  29.427  1.00 78.26  ? 585 ARG C HH12 1 
ATOM   770  H HH21 . ARG A 1 51 ? -2.691  -11.000 28.799  1.00 98.82  ? 585 ARG C HH21 1 
ATOM   771  H HH22 . ARG A 1 51 ? -2.107  -9.630  28.860  1.00 98.82  ? 585 ARG C HH22 1 
ATOM   772  N N    . TYR A 1 52 ? -11.967 -10.596 30.402  1.00 55.06  ? 586 TYR C N    1 
ATOM   773  C CA   . TYR A 1 52 ? -13.263 -10.349 31.012  1.00 58.35  ? 586 TYR C CA   1 
ATOM   774  C C    . TYR A 1 52 ? -13.995 -11.678 31.236  1.00 63.66  ? 586 TYR C C    1 
ATOM   775  O O    . TYR A 1 52 ? -14.672 -11.875 32.241  1.00 55.25  ? 586 TYR C O    1 
ATOM   776  C CB   . TYR A 1 52 ? -14.073 -9.460  30.075  1.00 57.68  ? 586 TYR C CB   1 
ATOM   777  C CG   . TYR A 1 52 ? -15.295 -8.788  30.669  1.00 72.09  ? 586 TYR C CG   1 
ATOM   778  C CD1  . TYR A 1 52 ? -15.766 -9.104  31.937  1.00 76.45  ? 586 TYR C CD1  1 
ATOM   779  C CD2  . TYR A 1 52 ? -15.984 -7.830  29.939  1.00 88.56  ? 586 TYR C CD2  1 
ATOM   780  C CE1  . TYR A 1 52 ? -16.890 -8.473  32.461  1.00 77.91  ? 586 TYR C CE1  1 
ATOM   781  C CE2  . TYR A 1 52 ? -17.107 -7.197  30.448  1.00 89.68  ? 586 TYR C CE2  1 
ATOM   782  C CZ   . TYR A 1 52 ? -17.557 -7.519  31.704  1.00 92.47  ? 586 TYR C CZ   1 
ATOM   783  O OH   . TYR A 1 52 ? -18.676 -6.874  32.196  1.00 99.27  ? 586 TYR C OH   1 
ATOM   784  H H    . TYR A 1 52 ? -11.868 -10.220 29.636  1.00 66.13  ? 586 TYR C H    1 
ATOM   785  H HA   . TYR A 1 52 ? -13.152 -9.893  31.873  1.00 70.07  ? 586 TYR C HA   1 
ATOM   786  H HB2  . TYR A 1 52 ? -13.491 -8.758  29.745  1.00 69.28  ? 586 TYR C HB2  1 
ATOM   787  H HB3  . TYR A 1 52 ? -14.377 -10.001 29.330  1.00 69.28  ? 586 TYR C HB3  1 
ATOM   788  H HD1  . TYR A 1 52 ? -15.320 -9.744  32.445  1.00 91.80  ? 586 TYR C HD1  1 
ATOM   789  H HD2  . TYR A 1 52 ? -15.686 -7.606  29.087  1.00 106.33 ? 586 TYR C HD2  1 
ATOM   790  H HE1  . TYR A 1 52 ? -17.195 -8.692  33.312  1.00 93.55  ? 586 TYR C HE1  1 
ATOM   791  H HE2  . TYR A 1 52 ? -17.552 -6.557  29.942  1.00 107.67 ? 586 TYR C HE2  1 
ATOM   792  H HH   . TYR A 1 52 ? -19.319 -7.019  31.708  1.00 119.18 ? 586 TYR C HH   1 
ATOM   793  N N    . LEU A 1 53 ? -13.848 -12.598 30.288  1.00 54.41  ? 587 LEU C N    1 
ATOM   794  C CA   . LEU A 1 53 ? -14.510 -13.890 30.359  1.00 61.26  ? 587 LEU C CA   1 
ATOM   795  C C    . LEU A 1 53 ? -13.631 -14.964 31.024  1.00 59.96  ? 587 LEU C C    1 
ATOM   796  O O    . LEU A 1 53 ? -12.612 -14.659 31.657  1.00 53.07  ? 587 LEU C O    1 
ATOM   797  C CB   . LEU A 1 53 ? -14.917 -14.340 28.955  1.00 48.58  ? 587 LEU C CB   1 
ATOM   798  C CG   . LEU A 1 53 ? -15.755 -13.374 28.113  1.00 49.36  ? 587 LEU C CG   1 
ATOM   799  C CD1  . LEU A 1 53 ? -15.991 -13.990 26.747  1.00 54.05  ? 587 LEU C CD1  1 
ATOM   800  C CD2  . LEU A 1 53 ? -17.078 -13.004 28.756  1.00 53.69  ? 587 LEU C CD2  1 
ATOM   801  H H    . LEU A 1 53 ? -13.364 -12.493 29.585  1.00 65.35  ? 587 LEU C H    1 
ATOM   802  H HA   . LEU A 1 53 ? -15.326 -13.799 30.893  1.00 73.57  ? 587 LEU C HA   1 
ATOM   803  H HB2  . LEU A 1 53 ? -14.107 -14.525 28.454  1.00 58.35  ? 587 LEU C HB2  1 
ATOM   804  H HB3  . LEU A 1 53 ? -15.429 -15.159 29.040  1.00 58.35  ? 587 LEU C HB3  1 
ATOM   805  H HG   . LEU A 1 53 ? -15.250 -12.556 27.985  1.00 59.29  ? 587 LEU C HG   1 
ATOM   806  H HD11 . LEU A 1 53 ? -16.515 -13.384 26.219  1.00 64.91  ? 587 LEU C HD11 1 
ATOM   807  H HD12 . LEU A 1 53 ? -15.143 -14.144 26.323  1.00 64.91  ? 587 LEU C HD12 1 
ATOM   808  H HD13 . LEU A 1 53 ? -16.459 -14.820 26.856  1.00 64.91  ? 587 LEU C HD13 1 
ATOM   809  H HD21 . LEU A 1 53 ? -17.547 -12.399 28.176  1.00 64.48  ? 587 LEU C HD21 1 
ATOM   810  H HD22 . LEU A 1 53 ? -17.595 -13.802 28.886  1.00 64.48  ? 587 LEU C HD22 1 
ATOM   811  H HD23 . LEU A 1 53 ? -16.907 -12.581 29.601  1.00 64.48  ? 587 LEU C HD23 1 
ATOM   812  N N    . TRP B 2 5  ? -12.214 7.445   20.929  1.00 79.75  ? 623 TRP D N    1 
ATOM   813  C CA   . TRP B 2 5  ? -12.896 7.019   19.708  1.00 90.29  ? 623 TRP D CA   1 
ATOM   814  C C    . TRP B 2 5  ? -11.991 6.269   18.764  1.00 83.58  ? 623 TRP D C    1 
ATOM   815  O O    . TRP B 2 5  ? -11.346 6.875   17.897  1.00 73.21  ? 623 TRP D O    1 
ATOM   816  C CB   . TRP B 2 5  ? -13.428 8.220   18.942  1.00 91.21  ? 623 TRP D CB   1 
ATOM   817  C CG   . TRP B 2 5  ? -14.755 8.661   19.392  1.00 98.79  ? 623 TRP D CG   1 
ATOM   818  C CD1  . TRP B 2 5  ? -15.083 9.044   20.640  1.00 87.30  ? 623 TRP D CD1  1 
ATOM   819  C CD2  . TRP B 2 5  ? -15.938 8.782   18.600  1.00 100.10 ? 623 TRP D CD2  1 
ATOM   820  N NE1  . TRP B 2 5  ? -16.409 9.401   20.703  1.00 89.76  ? 623 TRP D NE1  1 
ATOM   821  C CE2  . TRP B 2 5  ? -16.959 9.249   19.454  1.00 105.21 ? 623 TRP D CE2  1 
ATOM   822  C CE3  . TRP B 2 5  ? -16.234 8.543   17.254  1.00 92.98  ? 623 TRP D CE3  1 
ATOM   823  C CZ2  . TRP B 2 5  ? -18.261 9.482   19.002  1.00 105.57 ? 623 TRP D CZ2  1 
ATOM   824  C CZ3  . TRP B 2 5  ? -17.525 8.772   16.806  1.00 96.15  ? 623 TRP D CZ3  1 
ATOM   825  C CH2  . TRP B 2 5  ? -18.522 9.240   17.677  1.00 101.25 ? 623 TRP D CH2  1 
ATOM   826  H HA   . TRP B 2 5  ? -13.651 6.438   19.941  1.00 108.40 ? 623 TRP D HA   1 
ATOM   827  H HB2  . TRP B 2 5  ? -12.814 8.962   19.057  1.00 109.50 ? 623 TRP D HB2  1 
ATOM   828  H HB3  . TRP B 2 5  ? -13.494 7.989   18.003  1.00 109.50 ? 623 TRP D HB3  1 
ATOM   829  H HD1  . TRP B 2 5  ? -14.495 9.061   21.360  1.00 104.81 ? 623 TRP D HD1  1 
ATOM   830  H HE1  . TRP B 2 5  ? -16.823 9.675   21.405  1.00 107.77 ? 623 TRP D HE1  1 
ATOM   831  H HE3  . TRP B 2 5  ? -15.577 8.237   16.671  1.00 111.63 ? 623 TRP D HE3  1 
ATOM   832  H HZ2  . TRP B 2 5  ? -18.925 9.788   19.578  1.00 126.74 ? 623 TRP D HZ2  1 
ATOM   833  H HZ3  . TRP B 2 5  ? -17.734 8.617   15.914  1.00 115.44 ? 623 TRP D HZ3  1 
ATOM   834  H HH2  . TRP B 2 5  ? -19.381 9.382   17.350  1.00 121.55 ? 623 TRP D HH2  1 
ATOM   835  N N    . ASN B 2 6  ? -11.953 4.953   18.919  1.00 83.21  ? 624 ASN D N    1 
ATOM   836  C CA   . ASN B 2 6  ? -11.269 4.138   17.946  1.00 72.99  ? 624 ASN D CA   1 
ATOM   837  C C    . ASN B 2 6  ? -12.094 4.144   16.657  1.00 71.29  ? 624 ASN D C    1 
ATOM   838  O O    . ASN B 2 6  ? -11.561 3.934   15.578  1.00 62.98  ? 624 ASN D O    1 
ATOM   839  C CB   . ASN B 2 6  ? -11.012 2.725   18.484  1.00 57.20  ? 624 ASN D CB   1 
ATOM   840  C CG   . ASN B 2 6  ? -9.635  2.595   19.119  1.00 70.29  ? 624 ASN D CG   1 
ATOM   841  O OD1  . ASN B 2 6  ? -8.674  3.218   18.666  1.00 76.58  ? 624 ASN D OD1  1 
ATOM   842  N ND2  . ASN B 2 6  ? -9.535  1.806   20.180  1.00 79.69  ? 624 ASN D ND2  1 
ATOM   843  H H    . ASN B 2 6  ? -12.312 4.519   19.568  1.00 99.91  ? 624 ASN D H    1 
ATOM   844  H HA   . ASN B 2 6  ? -10.400 4.544   17.748  1.00 87.64  ? 624 ASN D HA   1 
ATOM   845  H HB2  . ASN B 2 6  ? -11.677 2.515   19.159  1.00 68.69  ? 624 ASN D HB2  1 
ATOM   846  H HB3  . ASN B 2 6  ? -11.068 2.091   17.753  1.00 68.69  ? 624 ASN D HB3  1 
ATOM   847  H HD21 . ASN B 2 6  ? -10.230 1.396   20.479  1.00 95.69  ? 624 ASN D HD21 1 
ATOM   848  H HD22 . ASN B 2 6  ? -8.775  1.705   20.571  1.00 95.69  ? 624 ASN D HD22 1 
ATOM   849  N N    . GLU B 2 7  ? -13.386 4.443   16.771  1.00 74.75  ? 625 GLU D N    1 
ATOM   850  C CA   . GLU B 2 7  ? -14.256 4.536   15.600  1.00 63.60  ? 625 GLU D CA   1 
ATOM   851  C C    . GLU B 2 7  ? -13.727 5.578   14.610  1.00 68.45  ? 625 GLU D C    1 
ATOM   852  O O    . GLU B 2 7  ? -13.516 5.270   13.435  1.00 65.77  ? 625 GLU D O    1 
ATOM   853  C CB   . GLU B 2 7  ? -15.693 4.859   16.017  1.00 78.06  ? 625 GLU D CB   1 
ATOM   854  C CG   . GLU B 2 7  ? -16.335 3.789   16.912  1.00 85.67  ? 625 GLU D CG   1 
ATOM   855  C CD   . GLU B 2 7  ? -16.415 4.179   18.399  1.00 88.36  ? 625 GLU D CD   1 
ATOM   856  O OE1  . GLU B 2 7  ? -15.516 4.893   18.907  1.00 83.18  ? 625 GLU D OE1  1 
ATOM   857  O OE2  . GLU B 2 7  ? -17.390 3.756   19.058  1.00 79.28  ? 625 GLU D OE2  1 
ATOM   858  H H    . GLU B 2 7  ? -13.784 4.598   17.517  1.00 89.76  ? 625 GLU D H    1 
ATOM   859  H HA   . GLU B 2 7  ? -14.264 3.668   15.144  1.00 76.38  ? 625 GLU D HA   1 
ATOM   860  H HB2  . GLU B 2 7  ? -15.694 5.697   16.507  1.00 93.73  ? 625 GLU D HB2  1 
ATOM   861  H HB3  . GLU B 2 7  ? -16.238 4.945   15.219  1.00 93.73  ? 625 GLU D HB3  1 
ATOM   862  H HG2  . GLU B 2 7  ? -17.238 3.623   16.601  1.00 102.86 ? 625 GLU D HG2  1 
ATOM   863  H HG3  . GLU B 2 7  ? -15.812 2.974   16.848  1.00 102.86 ? 625 GLU D HG3  1 
ATOM   864  N N    . MET B 2 8  ? -13.505 6.805   15.075  1.00 55.99  ? 626 MET D N    1 
ATOM   865  C CA   . MET B 2 8  ? -12.898 7.822   14.220  1.00 70.03  ? 626 MET D CA   1 
ATOM   866  C C    . MET B 2 8  ? -11.541 7.359   13.676  1.00 64.65  ? 626 MET D C    1 
ATOM   867  O O    . MET B 2 8  ? -11.194 7.688   12.543  1.00 62.66  ? 626 MET D O    1 
ATOM   868  C CB   . MET B 2 8  ? -12.703 9.142   14.968  1.00 68.14  ? 626 MET D CB   1 
ATOM   869  C CG   . MET B 2 8  ? -13.926 10.055  15.006  1.00 90.36  ? 626 MET D CG   1 
ATOM   870  S SD   . MET B 2 8  ? -13.593 11.588  15.907  1.00 80.48  ? 626 MET D SD   1 
ATOM   871  C CE   . MET B 2 8  ? -13.226 10.897  17.516  1.00 54.99  ? 626 MET D CE   1 
ATOM   872  H H    . MET B 2 8  ? -13.695 7.071   15.870  1.00 67.24  ? 626 MET D H    1 
ATOM   873  H HA   . MET B 2 8  ? -13.497 7.994   13.464  1.00 84.09  ? 626 MET D HA   1 
ATOM   874  H HB2  . MET B 2 8  ? -12.460 8.944   15.884  1.00 81.82  ? 626 MET D HB2  1 
ATOM   875  H HB3  . MET B 2 8  ? -11.986 9.635   14.540  1.00 81.82  ? 626 MET D HB3  1 
ATOM   876  H HG2  . MET B 2 8  ? -14.179 10.285  14.098  1.00 108.49 ? 626 MET D HG2  1 
ATOM   877  H HG3  . MET B 2 8  ? -14.653 9.594   15.450  1.00 108.49 ? 626 MET D HG3  1 
ATOM   878  H HE1  . MET B 2 8  ? -12.472 10.309  17.437  1.00 66.05  ? 626 MET D HE1  1 
ATOM   879  H HE2  . MET B 2 8  ? -13.023 11.612  18.123  1.00 66.05  ? 626 MET D HE2  1 
ATOM   880  H HE3  . MET B 2 8  ? -13.992 10.409  17.827  1.00 66.05  ? 626 MET D HE3  1 
ATOM   881  N N    . THR B 2 9  ? -10.774 6.612   14.477  1.00 60.17  ? 627 THR D N    1 
ATOM   882  C CA   . THR B 2 9  ? -9.460  6.151   14.026  1.00 63.06  ? 627 THR D CA   1 
ATOM   883  C C    . THR B 2 9  ? -9.523  4.937   13.079  1.00 53.42  ? 627 THR D C    1 
ATOM   884  O O    . THR B 2 9  ? -8.666  4.804   12.226  1.00 46.67  ? 627 THR D O    1 
ATOM   885  C CB   . THR B 2 9  ? -8.484  5.824   15.186  1.00 64.52  ? 627 THR D CB   1 
ATOM   886  O OG1  . THR B 2 9  ? -8.803  4.547   15.761  1.00 70.57  ? 627 THR D OG1  1 
ATOM   887  C CG2  . THR B 2 9  ? -8.506  6.911   16.252  1.00 66.58  ? 627 THR D CG2  1 
ATOM   888  H H    . THR B 2 9  ? -10.988 6.362   15.271  1.00 72.25  ? 627 THR D H    1 
ATOM   889  H HA   . THR B 2 9  ? -9.052  6.883   13.516  1.00 75.73  ? 627 THR D HA   1 
ATOM   890  H HB   . THR B 2 9  ? -7.584  5.785   14.829  1.00 77.47  ? 627 THR D HB   1 
ATOM   891  H HG1  . THR B 2 9  ? -9.568  4.554   16.054  1.00 84.74  ? 627 THR D HG1  1 
ATOM   892  H HG21 . THR B 2 9  ? -7.897  6.689   16.960  1.00 79.95  ? 627 THR D HG21 1 
ATOM   893  H HG22 . THR B 2 9  ? -8.246  7.752   15.868  1.00 79.95  ? 627 THR D HG22 1 
ATOM   894  H HG23 . THR B 2 9  ? -9.390  6.995   16.617  1.00 79.95  ? 627 THR D HG23 1 
ATOM   895  N N    . TRP B 2 10 ? -10.511 4.055   13.225  1.00 47.38  ? 628 TRP D N    1 
ATOM   896  C CA   . TRP B 2 10 ? -10.654 2.948   12.291  1.00 47.12  ? 628 TRP D CA   1 
ATOM   897  C C    . TRP B 2 10 ? -11.166 3.496   10.982  1.00 55.93  ? 628 TRP D C    1 
ATOM   898  O O    . TRP B 2 10 ? -10.913 2.924   9.907   1.00 43.99  ? 628 TRP D O    1 
ATOM   899  C CB   . TRP B 2 10 ? -11.600 1.877   12.804  1.00 40.81  ? 628 TRP D CB   1 
ATOM   900  C CG   . TRP B 2 10 ? -10.924 0.819   13.609  1.00 46.36  ? 628 TRP D CG   1 
ATOM   901  C CD1  . TRP B 2 10 ? -10.864 0.736   14.974  1.00 56.00  ? 628 TRP D CD1  1 
ATOM   902  C CD2  . TRP B 2 10 ? -10.204 -0.323  13.107  1.00 45.70  ? 628 TRP D CD2  1 
ATOM   903  N NE1  . TRP B 2 10 ? -10.147 -0.380  15.352  1.00 53.05  ? 628 TRP D NE1  1 
ATOM   904  C CE2  . TRP B 2 10 ? -9.732  -1.044  14.226  1.00 46.63  ? 628 TRP D CE2  1 
ATOM   905  C CE3  . TRP B 2 10 ? -9.905  -0.793  11.831  1.00 42.58  ? 628 TRP D CE3  1 
ATOM   906  C CZ2  . TRP B 2 10 ? -8.998  -2.218  14.098  1.00 39.96  ? 628 TRP D CZ2  1 
ATOM   907  C CZ3  . TRP B 2 10 ? -9.155  -1.970  11.709  1.00 39.30  ? 628 TRP D CZ3  1 
ATOM   908  C CH2  . TRP B 2 10 ? -8.708  -2.652  12.829  1.00 36.17  ? 628 TRP D CH2  1 
ATOM   909  H H    . TRP B 2 10 ? -11.102 4.077   13.850  1.00 56.91  ? 628 TRP D H    1 
ATOM   910  H HA   . TRP B 2 10 ? -9.778  2.538   12.134  1.00 56.60  ? 628 TRP D HA   1 
ATOM   911  H HB2  . TRP B 2 10 ? -12.271 2.294   13.367  1.00 49.02  ? 628 TRP D HB2  1 
ATOM   912  H HB3  . TRP B 2 10 ? -12.026 1.446   12.047  1.00 49.02  ? 628 TRP D HB3  1 
ATOM   913  H HD1  . TRP B 2 10 ? -11.249 1.345   15.562  1.00 67.26  ? 628 TRP D HD1  1 
ATOM   914  H HE1  . TRP B 2 10 ? -9.992  -0.624  16.163  1.00 63.72  ? 628 TRP D HE1  1 
ATOM   915  H HE3  . TRP B 2 10 ? -10.199 -0.336  11.076  1.00 51.15  ? 628 TRP D HE3  1 
ATOM   916  H HZ2  . TRP B 2 10 ? -8.690  -2.678  14.846  1.00 48.01  ? 628 TRP D HZ2  1 
ATOM   917  H HZ3  . TRP B 2 10 ? -8.951  -2.297  10.862  1.00 47.21  ? 628 TRP D HZ3  1 
ATOM   918  H HH2  . TRP B 2 10 ? -8.217  -3.435  12.717  1.00 43.46  ? 628 TRP D HH2  1 
ATOM   919  N N    . MET B 2 11 ? -11.894 4.607   11.078  1.00 45.50  ? 629 MET D N    1 
ATOM   920  C CA   . MET B 2 11 ? -12.289 5.348   9.901   1.00 49.78  ? 629 MET D CA   1 
ATOM   921  C C    . MET B 2 11 ? -11.062 5.991   9.254   1.00 48.32  ? 629 MET D C    1 
ATOM   922  O O    . MET B 2 11 ? -10.974 6.064   8.025   1.00 45.49  ? 629 MET D O    1 
ATOM   923  C CB   . MET B 2 11 ? -13.318 6.423   10.263  1.00 59.47  ? 629 MET D CB   1 
ATOM   924  C CG   . MET B 2 11 ? -14.704 5.869   10.572  1.00 71.37  ? 629 MET D CG   1 
ATOM   925  S SD   . MET B 2 11 ? -15.881 7.156   11.053  1.00 72.68  ? 629 MET D SD   1 
ATOM   926  C CE   . MET B 2 11 ? -16.072 7.950   9.475   1.00 46.42  ? 629 MET D CE   1 
ATOM   927  H H    . MET B 2 11 ? -12.170 4.948   11.817  1.00 54.65  ? 629 MET D H    1 
ATOM   928  H HA   . MET B 2 11 ? -12.704 4.733   9.259   1.00 59.79  ? 629 MET D HA   1 
ATOM   929  H HB2  . MET B 2 11 ? -13.008 6.900   11.049  1.00 71.42  ? 629 MET D HB2  1 
ATOM   930  H HB3  . MET B 2 11 ? -13.405 7.038   9.518   1.00 71.42  ? 629 MET D HB3  1 
ATOM   931  H HG2  . MET B 2 11 ? -15.051 5.425   9.782   1.00 85.70  ? 629 MET D HG2  1 
ATOM   932  H HG3  . MET B 2 11 ? -14.635 5.236   11.304  1.00 85.70  ? 629 MET D HG3  1 
ATOM   933  H HE1  . MET B 2 11 ? -15.218 8.276   9.185   1.00 55.76  ? 629 MET D HE1  1 
ATOM   934  H HE2  . MET B 2 11 ? -16.412 7.311   8.844   1.00 55.76  ? 629 MET D HE2  1 
ATOM   935  H HE3  . MET B 2 11 ? -16.688 8.680   9.567   1.00 55.76  ? 629 MET D HE3  1 
ATOM   936  N N    . GLU B 2 12 ? -10.123 6.468   10.069  1.00 43.09  ? 630 GLU D N    1 
ATOM   937  C CA   . GLU B 2 12 ? -8.888  6.994   9.501   1.00 58.39  ? 630 GLU D CA   1 
ATOM   938  C C    . GLU B 2 12 ? -8.165  5.856   8.770   1.00 40.71  ? 630 GLU D C    1 
ATOM   939  O O    . GLU B 2 12 ? -7.701  6.023   7.663   1.00 38.16  ? 630 GLU D O    1 
ATOM   940  C CB   . GLU B 2 12 ? -7.944  7.610   10.553  1.00 50.47  ? 630 GLU D CB   1 
ATOM   941  C CG   . GLU B 2 12 ? -6.597  7.978   9.897   1.00 69.62  ? 630 GLU D CG   1 
ATOM   942  C CD   . GLU B 2 12 ? -5.487  8.436   10.851  1.00 66.77  ? 630 GLU D CD   1 
ATOM   943  O OE1  . GLU B 2 12 ? -5.568  8.177   12.070  1.00 55.29  ? 630 GLU D OE1  1 
ATOM   944  O OE2  . GLU B 2 12 ? -4.504  9.039   10.343  1.00 63.76  ? 630 GLU D OE2  1 
ATOM   945  H H    . GLU B 2 12 ? -10.174 6.499   10.926  1.00 51.76  ? 630 GLU D H    1 
ATOM   946  H HA   . GLU B 2 12 ? -9.106  7.688   8.844   1.00 70.12  ? 630 GLU D HA   1 
ATOM   947  H HB2  . GLU B 2 12 ? -8.342  8.417   10.915  1.00 60.62  ? 630 GLU D HB2  1 
ATOM   948  H HB3  . GLU B 2 12 ? -7.778  6.965   11.260  1.00 60.62  ? 630 GLU D HB3  1 
ATOM   949  H HG2  . GLU B 2 12 ? -6.266  7.199   9.421   1.00 83.60  ? 630 GLU D HG2  1 
ATOM   950  H HG3  . GLU B 2 12 ? -6.751  8.698   9.265   1.00 83.60  ? 630 GLU D HG3  1 
ATOM   951  N N    . TRP B 2 13 ? -8.089  4.712   9.441   1.00 45.33  ? 631 TRP D N    1 
ATOM   952  C CA   . TRP B 2 13 ? -7.364  3.540   8.965   1.00 44.98  ? 631 TRP D CA   1 
ATOM   953  C C    . TRP B 2 13 ? -7.840  3.119   7.579   1.00 36.95  ? 631 TRP D C    1 
ATOM   954  O O    . TRP B 2 13 ? -7.051  2.781   6.695   1.00 35.66  ? 631 TRP D O    1 
ATOM   955  C CB   . TRP B 2 13 ? -7.591  2.394   9.965   1.00 30.78  ? 631 TRP D CB   1 
ATOM   956  C CG   . TRP B 2 13 ? -6.908  1.114   9.584   1.00 25.44  ? 631 TRP D CG   1 
ATOM   957  C CD1  . TRP B 2 13 ? -5.589  0.793   9.781   1.00 23.28  ? 631 TRP D CD1  1 
ATOM   958  C CD2  . TRP B 2 13 ? -7.510  -0.021  8.962   1.00 21.63  ? 631 TRP D CD2  1 
ATOM   959  N NE1  . TRP B 2 13 ? -5.346  -0.480  9.332   1.00 23.38  ? 631 TRP D NE1  1 
ATOM   960  C CE2  . TRP B 2 13 ? -6.501  -0.994  8.804   1.00 19.84  ? 631 TRP D CE2  1 
ATOM   961  C CE3  . TRP B 2 13 ? -8.799  -0.307  8.517   1.00 24.54  ? 631 TRP D CE3  1 
ATOM   962  C CZ2  . TRP B 2 13 ? -6.747  -2.225  8.231   1.00 24.16  ? 631 TRP D CZ2  1 
ATOM   963  C CZ3  . TRP B 2 13 ? -9.040  -1.518  7.950   1.00 32.78  ? 631 TRP D CZ3  1 
ATOM   964  C CH2  . TRP B 2 13 ? -8.013  -2.475  7.802   1.00 30.99  ? 631 TRP D CH2  1 
ATOM   965  H H    . TRP B 2 13 ? -8.465  4.587   10.204  1.00 54.45  ? 631 TRP D H    1 
ATOM   966  H HA   . TRP B 2 13 ? -6.404  3.737   8.923   1.00 54.03  ? 631 TRP D HA   1 
ATOM   967  H HB2  . TRP B 2 13 ? -7.252  2.665   10.832  1.00 36.99  ? 631 TRP D HB2  1 
ATOM   968  H HB3  . TRP B 2 13 ? -8.543  2.217   10.024  1.00 36.99  ? 631 TRP D HB3  1 
ATOM   969  H HD1  . TRP B 2 13 ? -4.960  1.346   10.183  1.00 27.99  ? 631 TRP D HD1  1 
ATOM   970  H HE1  . TRP B 2 13 ? -4.583  -0.878  9.346   1.00 28.11  ? 631 TRP D HE1  1 
ATOM   971  H HE3  . TRP B 2 13 ? -9.481  0.319   8.606   1.00 29.50  ? 631 TRP D HE3  1 
ATOM   972  H HZ2  . TRP B 2 13 ? -6.071  -2.857  8.136   1.00 29.05  ? 631 TRP D HZ2  1 
ATOM   973  H HZ3  . TRP B 2 13 ? -9.897  -1.716  7.646   1.00 39.39  ? 631 TRP D HZ3  1 
ATOM   974  H HH2  . TRP B 2 13 ? -8.208  -3.297  7.410   1.00 37.25  ? 631 TRP D HH2  1 
ATOM   975  N N    . GLU B 2 14 ? -9.159  3.143   7.429   1.00 38.81  ? 632 GLU D N    1 
ATOM   976  C CA   . GLU B 2 14 ? -9.850  2.743   6.232   1.00 37.92  ? 632 GLU D CA   1 
ATOM   977  C C    . GLU B 2 14 ? -9.576  3.695   5.099   1.00 43.11  ? 632 GLU D C    1 
ATOM   978  O O    . GLU B 2 14 ? -9.515  3.301   3.925   1.00 37.92  ? 632 GLU D O    1 
ATOM   979  C CB   . GLU B 2 14 ? -11.353 2.736   6.524   1.00 44.70  ? 632 GLU D CB   1 
ATOM   980  C CG   . GLU B 2 14 ? -12.206 2.426   5.318   1.00 58.48  ? 632 GLU D CG   1 
ATOM   981  C CD   . GLU B 2 14 ? -12.111 0.973   4.924   1.00 77.20  ? 632 GLU D CD   1 
ATOM   982  O OE1  . GLU B 2 14 ? -12.031 0.144   5.860   1.00 76.65  ? 632 GLU D OE1  1 
ATOM   983  O OE2  . GLU B 2 14 ? -12.104 0.669   3.702   1.00 73.80  ? 632 GLU D OE2  1 
ATOM   984  H H    . GLU B 2 14 ? -9.695  3.403   8.050   1.00 46.62  ? 632 GLU D H    1 
ATOM   985  H HA   . GLU B 2 14 ? -9.571  1.841   5.967   1.00 45.56  ? 632 GLU D HA   1 
ATOM   986  H HB2  . GLU B 2 14 ? -11.537 2.063   7.198   1.00 53.69  ? 632 GLU D HB2  1 
ATOM   987  H HB3  . GLU B 2 14 ? -11.610 3.611   6.853   1.00 53.69  ? 632 GLU D HB3  1 
ATOM   988  H HG2  . GLU B 2 14 ? -13.132 2.625   5.523   1.00 70.23  ? 632 GLU D HG2  1 
ATOM   989  H HG3  . GLU B 2 14 ? -11.906 2.964   4.567   1.00 70.23  ? 632 GLU D HG3  1 
ATOM   990  N N    . ARG B 2 15 ? -9.420  4.962   5.446   1.00 35.88  ? 633 ARG D N    1 
ATOM   991  C CA   . ARG B 2 15 ? -9.232  5.971   4.445   1.00 44.21  ? 633 ARG D CA   1 
ATOM   992  C C    . ARG B 2 15 ? -7.794  5.892   3.962   1.00 35.73  ? 633 ARG D C    1 
ATOM   993  O O    . ARG B 2 15 ? -7.525  6.138   2.799   1.00 38.97  ? 633 ARG D O    1 
ATOM   994  C CB   . ARG B 2 15 ? -9.561  7.360   5.016   1.00 46.44  ? 633 ARG D CB   1 
ATOM   995  C CG   . ARG B 2 15 ? -11.064 7.634   5.152   1.00 58.43  ? 633 ARG D CG   1 
ATOM   996  C CD   . ARG B 2 15 ? -11.334 8.564   6.327   1.00 68.60  ? 633 ARG D CD   1 
ATOM   997  N NE   . ARG B 2 15 ? -12.754 8.787   6.582   1.00 70.54  ? 633 ARG D NE   1 
ATOM   998  C CZ   . ARG B 2 15 ? -13.219 9.396   7.669   1.00 75.43  ? 633 ARG D CZ   1 
ATOM   999  N NH1  . ARG B 2 15 ? -12.376 9.834   8.603   1.00 72.45  ? 633 ARG D NH1  1 
ATOM   1000 N NH2  . ARG B 2 15 ? -14.525 9.575   7.825   1.00 77.05  ? 633 ARG D NH2  1 
ATOM   1001 H H    . ARG B 2 15 ? -9.420  5.254   6.255   1.00 43.11  ? 633 ARG D H    1 
ATOM   1002 H HA   . ARG B 2 15 ? -9.827  5.796   3.686   1.00 53.10  ? 633 ARG D HA   1 
ATOM   1003 H HB2  . ARG B 2 15 ? -9.165  7.436   5.898   1.00 55.78  ? 633 ARG D HB2  1 
ATOM   1004 H HB3  . ARG B 2 15 ? -9.188  8.035   4.429   1.00 55.78  ? 633 ARG D HB3  1 
ATOM   1005 H HG2  . ARG B 2 15 ? -11.389 8.060   4.342   1.00 70.17  ? 633 ARG D HG2  1 
ATOM   1006 H HG3  . ARG B 2 15 ? -11.532 6.800   5.306   1.00 70.17  ? 633 ARG D HG3  1 
ATOM   1007 H HD2  . ARG B 2 15 ? -10.946 8.177   7.127   1.00 82.37  ? 633 ARG D HD2  1 
ATOM   1008 H HD3  . ARG B 2 15 ? -10.926 9.424   6.145   1.00 82.37  ? 633 ARG D HD3  1 
ATOM   1009 H HE   . ARG B 2 15 ? -13.321 8.402   6.062   1.00 84.71  ? 633 ARG D HE   1 
ATOM   1010 H HH11 . ARG B 2 15 ? -11.529 9.723   8.503   1.00 86.99  ? 633 ARG D HH11 1 
ATOM   1011 H HH12 . ARG B 2 15 ? -12.678 10.227  9.305   1.00 86.99  ? 633 ARG D HH12 1 
ATOM   1012 H HH21 . ARG B 2 15 ? -15.073 9.292   7.226   1.00 92.51  ? 633 ARG D HH21 1 
ATOM   1013 H HH22 . ARG B 2 15 ? -14.824 9.965   8.531   1.00 92.51  ? 633 ARG D HH22 1 
ATOM   1014 N N    . GLU B 2 16 ? -6.885  5.575   4.885   1.00 34.72  ? 634 GLU D N    1 
ATOM   1015 C CA   . GLU B 2 16 ? -5.497  5.356   4.552   1.00 39.04  ? 634 GLU D CA   1 
ATOM   1016 C C    . GLU B 2 16 ? -5.376  4.129   3.625   1.00 29.90  ? 634 GLU D C    1 
ATOM   1017 O O    . GLU B 2 16 ? -4.749  4.210   2.585   1.00 27.16  ? 634 GLU D O    1 
ATOM   1018 C CB   . GLU B 2 16 ? -4.657  5.183   5.828   1.00 43.95  ? 634 GLU D CB   1 
ATOM   1019 C CG   . GLU B 2 16 ? -4.597  6.423   6.764   1.00 41.50  ? 634 GLU D CG   1 
ATOM   1020 C CD   . GLU B 2 16 ? -3.929  6.095   8.104   1.00 44.35  ? 634 GLU D CD   1 
ATOM   1021 O OE1  . GLU B 2 16 ? -4.575  5.487   8.980   1.00 59.03  ? 634 GLU D OE1  1 
ATOM   1022 O OE2  . GLU B 2 16 ? -2.741  6.424   8.287   1.00 51.20  ? 634 GLU D OE2  1 
ATOM   1023 H H    . GLU B 2 16 ? -7.060  5.480   5.722   1.00 41.72  ? 634 GLU D H    1 
ATOM   1024 H HA   . GLU B 2 16 ? -5.157  6.138   4.068   1.00 46.90  ? 634 GLU D HA   1 
ATOM   1025 H HB2  . GLU B 2 16 ? -5.027  4.449   6.342   1.00 52.79  ? 634 GLU D HB2  1 
ATOM   1026 H HB3  . GLU B 2 16 ? -3.746  4.971   5.569   1.00 52.79  ? 634 GLU D HB3  1 
ATOM   1027 H HG2  . GLU B 2 16 ? -4.083  7.124   6.333   1.00 49.86  ? 634 GLU D HG2  1 
ATOM   1028 H HG3  . GLU B 2 16 ? -5.499  6.731   6.943   1.00 49.86  ? 634 GLU D HG3  1 
ATOM   1029 N N    . ILE B 2 17 ? -5.990  3.015   4.002   1.00 25.30  ? 635 ILE D N    1 
ATOM   1030 C CA   . ILE B 2 17 ? -6.049  1.860   3.147   1.00 29.90  ? 635 ILE D CA   1 
ATOM   1031 C C    . ILE B 2 17 ? -6.555  2.272   1.756   1.00 32.14  ? 635 ILE D C    1 
ATOM   1032 O O    . ILE B 2 17 ? -5.982  1.924   0.728   1.00 30.32  ? 635 ILE D O    1 
ATOM   1033 C CB   . ILE B 2 17 ? -6.968  0.767   3.733   1.00 23.34  ? 635 ILE D CB   1 
ATOM   1034 C CG1  . ILE B 2 17 ? -6.410  0.186   5.074   1.00 26.30  ? 635 ILE D CG1  1 
ATOM   1035 C CG2  . ILE B 2 17 ? -7.176  -0.365  2.735   1.00 27.77  ? 635 ILE D CG2  1 
ATOM   1036 C CD1  . ILE B 2 17 ? -5.239  -0.745  4.936   1.00 32.66  ? 635 ILE D CD1  1 
ATOM   1037 H H    . ILE B 2 17 ? -6.383  2.911   4.760   1.00 30.42  ? 635 ILE D H    1 
ATOM   1038 H HA   . ILE B 2 17 ? -5.149  1.484   3.048   1.00 35.94  ? 635 ILE D HA   1 
ATOM   1039 H HB   . ILE B 2 17 ? -7.832  1.168   3.915   1.00 28.06  ? 635 ILE D HB   1 
ATOM   1040 H HG12 . ILE B 2 17 ? -6.130  0.926   5.634   1.00 31.62  ? 635 ILE D HG12 1 
ATOM   1041 H HG13 . ILE B 2 17 ? -7.122  -0.303  5.515   1.00 31.62  ? 635 ILE D HG13 1 
ATOM   1042 H HG21 . ILE B 2 17 ? -7.751  -1.026  3.128   1.00 33.38  ? 635 ILE D HG21 1 
ATOM   1043 H HG22 . ILE B 2 17 ? -7.581  -0.010  1.940   1.00 33.38  ? 635 ILE D HG22 1 
ATOM   1044 H HG23 . ILE B 2 17 ? -6.325  -0.755  2.524   1.00 33.38  ? 635 ILE D HG23 1 
ATOM   1045 H HD11 . ILE B 2 17 ? -4.973  -1.045  5.809   1.00 39.25  ? 635 ILE D HD11 1 
ATOM   1046 H HD12 . ILE B 2 17 ? -5.499  -1.497  4.397   1.00 39.25  ? 635 ILE D HD12 1 
ATOM   1047 H HD13 . ILE B 2 17 ? -4.514  -0.276  4.516   1.00 39.25  ? 635 ILE D HD13 1 
ATOM   1048 N N    . GLU B 2 18 ? -7.661  2.985   1.715   1.00 27.66  ? 636 GLU D N    1 
ATOM   1049 C CA   . GLU B 2 18 ? -8.247  3.370   0.442   1.00 30.93  ? 636 GLU D CA   1 
ATOM   1050 C C    . GLU B 2 18 ? -7.288  4.233   -0.375  1.00 33.55  ? 636 GLU D C    1 
ATOM   1051 O O    . GLU B 2 18 ? -7.134  4.030   -1.588  1.00 31.15  ? 636 GLU D O    1 
ATOM   1052 C CB   . GLU B 2 18 ? -9.587  4.093   0.723   1.00 38.52  ? 636 GLU D CB   1 
ATOM   1053 C CG   . GLU B 2 18 ? -10.158 4.949   -0.396  1.00 53.88  ? 636 GLU D CG   1 
ATOM   1054 C CD   . GLU B 2 18 ? -11.133 6.002   0.144   1.00 72.36  ? 636 GLU D CD   1 
ATOM   1055 O OE1  . GLU B 2 18 ? -12.076 5.626   0.895   1.00 44.41  ? 636 GLU D OE1  1 
ATOM   1056 O OE2  . GLU B 2 18 ? -10.925 7.206   -0.160  1.00 72.81  ? 636 GLU D OE2  1 
ATOM   1057 H H    . GLU B 2 18 ? -8.093  3.262   2.406   1.00 33.25  ? 636 GLU D H    1 
ATOM   1058 H HA   . GLU B 2 18 ? -8.442  2.562   -0.076  1.00 37.17  ? 636 GLU D HA   1 
ATOM   1059 H HB2  . GLU B 2 18 ? -10.254 3.421   0.935   1.00 46.28  ? 636 GLU D HB2  1 
ATOM   1060 H HB3  . GLU B 2 18 ? -9.463  4.674   1.490   1.00 46.28  ? 636 GLU D HB3  1 
ATOM   1061 H HG2  . GLU B 2 18 ? -9.434  5.409   -0.850  1.00 64.71  ? 636 GLU D HG2  1 
ATOM   1062 H HG3  . GLU B 2 18 ? -10.638 4.382   -1.020  1.00 64.71  ? 636 GLU D HG3  1 
ATOM   1063 N N    . ASN B 2 19 ? -6.617  5.174   0.281   1.00 31.06  ? 637 ASN D N    1 
ATOM   1064 C CA   . ASN B 2 19 ? -5.685  6.036   -0.448  1.00 31.51  ? 637 ASN D CA   1 
ATOM   1065 C C    . ASN B 2 19 ? -4.466  5.310   -1.003  1.00 30.13  ? 637 ASN D C    1 
ATOM   1066 O O    . ASN B 2 19 ? -4.038  5.585   -2.114  1.00 28.74  ? 637 ASN D O    1 
ATOM   1067 C CB   . ASN B 2 19 ? -5.206  7.177   0.443   1.00 32.17  ? 637 ASN D CB   1 
ATOM   1068 C CG   . ASN B 2 19 ? -6.259  8.242   0.615   1.00 51.69  ? 637 ASN D CG   1 
ATOM   1069 O OD1  . ASN B 2 19 ? -7.116  8.431   -0.263  1.00 42.88  ? 637 ASN D OD1  1 
ATOM   1070 N ND2  . ASN B 2 19 ? -6.216  8.943   1.751   1.00 52.32  ? 637 ASN D ND2  1 
ATOM   1071 H H    . ASN B 2 19 ? -6.678  5.334   1.124   1.00 37.33  ? 637 ASN D H    1 
ATOM   1072 H HA   . ASN B 2 19 ? -6.160  6.433   -1.207  1.00 37.87  ? 637 ASN D HA   1 
ATOM   1073 H HB2  . ASN B 2 19 ? -4.985  6.827   1.320   1.00 38.66  ? 637 ASN D HB2  1 
ATOM   1074 H HB3  . ASN B 2 19 ? -4.424  7.588   0.041   1.00 38.66  ? 637 ASN D HB3  1 
ATOM   1075 H HD21 . ASN B 2 19 ? -5.608  8.776   2.336   1.00 62.83  ? 637 ASN D HD21 1 
ATOM   1076 H HD22 . ASN B 2 19 ? -6.795  9.562   1.897   1.00 62.83  ? 637 ASN D HD22 1 
ATOM   1077 N N    . TYR B 2 20 ? -3.888  4.402   -0.233  1.00 27.63  ? 638 TYR D N    1 
ATOM   1078 C CA   . TYR B 2 20 ? -2.725  3.667   -0.708  1.00 28.26  ? 638 TYR D CA   1 
ATOM   1079 C C    . TYR B 2 20 ? -3.111  2.672   -1.853  1.00 20.06  ? 638 TYR D C    1 
ATOM   1080 O O    . TYR B 2 20 ? -2.319  2.421   -2.768  1.00 28.82  ? 638 TYR D O    1 
ATOM   1081 C CB   . TYR B 2 20 ? -2.015  3.010   0.509   1.00 18.58  ? 638 TYR D CB   1 
ATOM   1082 C CG   . TYR B 2 20 ? -1.017  3.975   1.184   1.00 27.85  ? 638 TYR D CG   1 
ATOM   1083 C CD1  . TYR B 2 20 ? 0.138   4.406   0.505   1.00 28.90  ? 638 TYR D CD1  1 
ATOM   1084 C CD2  . TYR B 2 20 ? -1.263  4.496   2.455   1.00 33.26  ? 638 TYR D CD2  1 
ATOM   1085 C CE1  . TYR B 2 20 ? 1.039   5.286   1.106   1.00 18.27  ? 638 TYR D CE1  1 
ATOM   1086 C CE2  . TYR B 2 20 ? -0.391  5.396   3.060   1.00 28.87  ? 638 TYR D CE2  1 
ATOM   1087 C CZ   . TYR B 2 20 ? 0.760   5.791   2.377   1.00 25.21  ? 638 TYR D CZ   1 
ATOM   1088 O OH   . TYR B 2 20 ? 1.623   6.687   2.970   1.00 22.91  ? 638 TYR D OH   1 
ATOM   1089 H H    . TYR B 2 20 ? -4.145  4.193   0.561   1.00 33.21  ? 638 TYR D H    1 
ATOM   1090 H HA   . TYR B 2 20 ? -2.095  4.313   -1.093  1.00 33.97  ? 638 TYR D HA   1 
ATOM   1091 H HB2  . TYR B 2 20 ? -2.679  2.754   1.166   1.00 22.35  ? 638 TYR D HB2  1 
ATOM   1092 H HB3  . TYR B 2 20 ? -1.523  2.230   0.208   1.00 22.35  ? 638 TYR D HB3  1 
ATOM   1093 H HD1  . TYR B 2 20 ? 0.322   4.071   -0.344  1.00 34.73  ? 638 TYR D HD1  1 
ATOM   1094 H HD2  . TYR B 2 20 ? -2.032  4.237   2.909   1.00 39.97  ? 638 TYR D HD2  1 
ATOM   1095 H HE1  . TYR B 2 20 ? 1.800   5.564   0.648   1.00 21.98  ? 638 TYR D HE1  1 
ATOM   1096 H HE2  . TYR B 2 20 ? -0.570  5.727   3.910   1.00 34.70  ? 638 TYR D HE2  1 
ATOM   1097 H HH   . TYR B 2 20 ? 1.906   6.378   3.675   1.00 27.55  ? 638 TYR D HH   1 
ATOM   1098 N N    . THR B 2 21 ? -4.318  2.125   -1.783  1.00 23.73  ? 639 THR D N    1 
ATOM   1099 C CA   . THR B 2 21 ? -4.827  1.192   -2.765  1.00 22.83  ? 639 THR D CA   1 
ATOM   1100 C C    . THR B 2 21 ? -5.090  1.944   -4.070  1.00 20.14  ? 639 THR D C    1 
ATOM   1101 O O    . THR B 2 21 ? -4.762  1.485   -5.166  1.00 23.06  ? 639 THR D O    1 
ATOM   1102 C CB   . THR B 2 21 ? -6.142  0.538   -2.283  1.00 31.19  ? 639 THR D CB   1 
ATOM   1103 O OG1  . THR B 2 21 ? -5.952  -0.191  -1.045  1.00 29.22  ? 639 THR D OG1  1 
ATOM   1104 C CG2  . THR B 2 21 ? -6.713  -0.386  -3.316  1.00 27.00  ? 639 THR D CG2  1 
ATOM   1105 H H    . THR B 2 21 ? -4.877  2.291   -1.151  1.00 28.53  ? 639 THR D H    1 
ATOM   1106 H HA   . THR B 2 21 ? -4.165  0.488   -2.932  1.00 27.45  ? 639 THR D HA   1 
ATOM   1107 H HB   . THR B 2 21 ? -6.794  1.239   -2.128  1.00 37.49  ? 639 THR D HB   1 
ATOM   1108 H HG1  . THR B 2 21 ? -5.688  0.317   -0.458  1.00 35.12  ? 639 THR D HG1  1 
ATOM   1109 H HG21 . THR B 2 21 ? -7.527  -0.777  -2.991  1.00 32.45  ? 639 THR D HG21 1 
ATOM   1110 H HG22 . THR B 2 21 ? -6.900  0.100   -4.122  1.00 32.45  ? 639 THR D HG22 1 
ATOM   1111 H HG23 . THR B 2 21 ? -6.086  -1.086  -3.511  1.00 32.45  ? 639 THR D HG23 1 
ATOM   1112 N N    . LYS B 2 22 ? -5.669  3.129   -3.954  1.00 27.68  ? 640 LYS D N    1 
ATOM   1113 C CA   . LYS B 2 22 ? -5.852  3.985   -5.108  1.00 30.60  ? 640 LYS D CA   1 
ATOM   1114 C C    . LYS B 2 22 ? -4.497  4.328   -5.734  1.00 21.72  ? 640 LYS D C    1 
ATOM   1115 O O    . LYS B 2 22 ? -4.345  4.283   -6.961  1.00 26.09  ? 640 LYS D O    1 
ATOM   1116 C CB   . LYS B 2 22 ? -6.605  5.273   -4.738  1.00 36.27  ? 640 LYS D CB   1 
ATOM   1117 C CG   . LYS B 2 22 ? -8.065  5.080   -4.447  1.00 34.44  ? 640 LYS D CG   1 
ATOM   1118 C CD   . LYS B 2 22 ? -8.740  6.361   -3.965  1.00 41.29  ? 640 LYS D CD   1 
ATOM   1119 C CE   . LYS B 2 22 ? -10.242 6.138   -3.807  1.00 53.21  ? 640 LYS D CE   1 
ATOM   1120 N NZ   . LYS B 2 22 ? -10.942 7.263   -3.089  1.00 69.62  ? 640 LYS D NZ   1 
ATOM   1121 H H    . LYS B 2 22 ? -5.963  3.459   -3.217  1.00 33.27  ? 640 LYS D H    1 
ATOM   1122 H HA   . LYS B 2 22 ? -6.384  3.507   -5.779  1.00 36.77  ? 640 LYS D HA   1 
ATOM   1123 H HB2  . LYS B 2 22 ? -6.196  5.655   -3.947  1.00 43.58  ? 640 LYS D HB2  1 
ATOM   1124 H HB3  . LYS B 2 22 ? -6.534  5.898   -5.477  1.00 43.58  ? 640 LYS D HB3  1 
ATOM   1125 H HG2  . LYS B 2 22 ? -8.515  4.788   -5.255  1.00 41.39  ? 640 LYS D HG2  1 
ATOM   1126 H HG3  . LYS B 2 22 ? -8.163  4.409   -3.752  1.00 41.39  ? 640 LYS D HG3  1 
ATOM   1127 H HD2  . LYS B 2 22 ? -8.375  6.618   -3.105  1.00 49.60  ? 640 LYS D HD2  1 
ATOM   1128 H HD3  . LYS B 2 22 ? -8.601  7.065   -4.618  1.00 49.60  ? 640 LYS D HD3  1 
ATOM   1129 H HE2  . LYS B 2 22 ? -10.641 6.053   -4.688  1.00 63.91  ? 640 LYS D HE2  1 
ATOM   1130 H HE3  . LYS B 2 22 ? -10.387 5.325   -3.300  1.00 63.91  ? 640 LYS D HE3  1 
ATOM   1131 H HZ1  . LYS B 2 22 ? -11.811 7.087   -3.022  1.00 83.59  ? 640 LYS D HZ1  1 
ATOM   1132 H HZ2  . LYS B 2 22 ? -10.603 7.359   -2.272  1.00 83.59  ? 640 LYS D HZ2  1 
ATOM   1133 H HZ3  . LYS B 2 22 ? -10.835 8.024   -3.538  1.00 83.59  ? 640 LYS D HZ3  1 
ATOM   1134 N N    . LEU B 2 23 ? -3.492  4.655   -4.928  1.00 22.81  ? 641 LEU D N    1 
ATOM   1135 C CA   . LEU B 2 23 ? -2.174  4.969   -5.510  1.00 25.61  ? 641 LEU D CA   1 
ATOM   1136 C C    . LEU B 2 23 ? -1.544  3.728   -6.220  1.00 18.26  ? 641 LEU D C    1 
ATOM   1137 O O    . LEU B 2 23 ? -0.993  3.809   -7.345  1.00 23.28  ? 641 LEU D O    1 
ATOM   1138 C CB   . LEU B 2 23 ? -1.250  5.514   -4.415  1.00 30.17  ? 641 LEU D CB   1 
ATOM   1139 C CG   . LEU B 2 23 ? 0.216   5.797   -4.817  1.00 28.92  ? 641 LEU D CG   1 
ATOM   1140 C CD1  . LEU B 2 23 ? 0.376   6.947   -5.840  1.00 26.46  ? 641 LEU D CD1  1 
ATOM   1141 C CD2  . LEU B 2 23 ? 1.000   6.123   -3.584  1.00 31.25  ? 641 LEU D CD2  1 
ATOM   1142 H H    . LEU B 2 23 ? -3.534  4.704   -4.071  1.00 27.43  ? 641 LEU D H    1 
ATOM   1143 H HA   . LEU B 2 23 ? -2.288  5.672   -6.183  1.00 30.78  ? 641 LEU D HA   1 
ATOM   1144 H HB2  . LEU B 2 23 ? -1.625  6.349   -4.092  1.00 36.26  ? 641 LEU D HB2  1 
ATOM   1145 H HB3  . LEU B 2 23 ? -1.229  4.871   -3.690  1.00 36.26  ? 641 LEU D HB3  1 
ATOM   1146 H HG   . LEU B 2 23 ? 0.595   4.995   -5.208  1.00 34.76  ? 641 LEU D HG   1 
ATOM   1147 H HD11 . LEU B 2 23 ? -0.104  6.722   -6.641  1.00 31.81  ? 641 LEU D HD11 1 
ATOM   1148 H HD12 . LEU B 2 23 ? 0.020   7.755   -5.461  1.00 31.81  ? 641 LEU D HD12 1 
ATOM   1149 H HD13 . LEU B 2 23 ? 1.308   7.062   -6.038  1.00 31.81  ? 641 LEU D HD13 1 
ATOM   1150 H HD21 . LEU B 2 23 ? 0.963   5.375   -2.983  1.00 37.55  ? 641 LEU D HD21 1 
ATOM   1151 H HD22 . LEU B 2 23 ? 1.912   6.299   -3.832  1.00 37.55  ? 641 LEU D HD22 1 
ATOM   1152 H HD23 . LEU B 2 23 ? 0.618   6.899   -3.167  1.00 37.55  ? 641 LEU D HD23 1 
ATOM   1153 N N    . ILE B 2 24 ? -1.674  2.573   -5.580  1.00 23.18  ? 642 ILE D N    1 
ATOM   1154 C CA   . ILE B 2 24 ? -1.140  1.343   -6.175  1.00 23.02  ? 642 ILE D CA   1 
ATOM   1155 C C    . ILE B 2 24 ? -1.847  1.039   -7.473  1.00 23.94  ? 642 ILE D C    1 
ATOM   1156 O O    . ILE B 2 24 ? -1.184  0.706   -8.445  1.00 20.76  ? 642 ILE D O    1 
ATOM   1157 C CB   . ILE B 2 24 ? -1.267  0.131   -5.221  1.00 23.70  ? 642 ILE D CB   1 
ATOM   1158 C CG1  . ILE B 2 24 ? -0.295  0.300   -4.073  1.00 29.96  ? 642 ILE D CG1  1 
ATOM   1159 C CG2  . ILE B 2 24 ? -0.867  -1.116  -5.940  1.00 23.24  ? 642 ILE D CG2  1 
ATOM   1160 C CD1  . ILE B 2 24 ? -0.757  -0.354  -2.801  1.00 32.57  ? 642 ILE D CD1  1 
ATOM   1161 H H    . ILE B 2 24 ? -2.058  2.469   -4.817  1.00 27.87  ? 642 ILE D H    1 
ATOM   1162 H HA   . ILE B 2 24 ? -0.189  1.473   -6.371  1.00 27.68  ? 642 ILE D HA   1 
ATOM   1163 H HB   . ILE B 2 24 ? -2.175  0.053   -4.889  1.00 28.49  ? 642 ILE D HB   1 
ATOM   1164 H HG12 . ILE B 2 24 ? 0.555   -0.095  -4.320  1.00 36.00  ? 642 ILE D HG12 1 
ATOM   1165 H HG13 . ILE B 2 24 ? -0.180  1.247   -3.897  1.00 36.00  ? 642 ILE D HG13 1 
ATOM   1166 H HG21 . ILE B 2 24 ? -0.948  -1.862  -5.341  1.00 27.95  ? 642 ILE D HG21 1 
ATOM   1167 H HG22 . ILE B 2 24 ? -1.444  -1.239  -6.697  1.00 27.95  ? 642 ILE D HG22 1 
ATOM   1168 H HG23 . ILE B 2 24 ? 0.043   -1.028  -6.232  1.00 27.95  ? 642 ILE D HG23 1 
ATOM   1169 H HD11 . ILE B 2 24 ? -0.098  -0.208  -2.118  1.00 39.14  ? 642 ILE D HD11 1 
ATOM   1170 H HD12 . ILE B 2 24 ? -1.595  0.035   -2.536  1.00 39.14  ? 642 ILE D HD12 1 
ATOM   1171 H HD13 . ILE B 2 24 ? -0.867  -1.295  -2.956  1.00 39.14  ? 642 ILE D HD13 1 
ATOM   1172 N N    . TYR B 2 25 ? -3.185  1.153   -7.516  1.00 23.54  ? 643 TYR D N    1 
ATOM   1173 C CA   . TYR B 2 25 ? -3.865  0.974   -8.808  1.00 23.47  ? 643 TYR D CA   1 
ATOM   1174 C C    . TYR B 2 25 ? -3.382  1.934   -9.878  1.00 20.27  ? 643 TYR D C    1 
ATOM   1175 O O    . TYR B 2 25 ? -3.233  1.550   -11.070 1.00 23.43  ? 643 TYR D O    1 
ATOM   1176 C CB   . TYR B 2 25 ? -5.388  0.986   -8.682  1.00 24.61  ? 643 TYR D CB   1 
ATOM   1177 C CG   . TYR B 2 25 ? -5.903  -0.399  -8.486  1.00 28.09  ? 643 TYR D CG   1 
ATOM   1178 C CD1  . TYR B 2 25 ? -6.505  -1.102  -9.526  1.00 22.86  ? 643 TYR D CD1  1 
ATOM   1179 C CD2  . TYR B 2 25 ? -5.751  -1.028  -7.273  1.00 25.63  ? 643 TYR D CD2  1 
ATOM   1180 C CE1  . TYR B 2 25 ? -6.948  -2.416  -9.337  1.00 31.40  ? 643 TYR D CE1  1 
ATOM   1181 C CE2  . TYR B 2 25 ? -6.162  -2.324  -7.072  1.00 27.50  ? 643 TYR D CE2  1 
ATOM   1182 C CZ   . TYR B 2 25 ? -6.774  -3.021  -8.091  1.00 32.93  ? 643 TYR D CZ   1 
ATOM   1183 O OH   . TYR B 2 25 ? -7.153  -4.321  -7.771  1.00 31.94  ? 643 TYR D OH   1 
ATOM   1184 H H    . TYR B 2 25 ? -3.697  1.324   -6.847  1.00 28.30  ? 643 TYR D H    1 
ATOM   1185 H HA   . TYR B 2 25 ? -3.632  0.078   -9.129  1.00 28.22  ? 643 TYR D HA   1 
ATOM   1186 H HB2  . TYR B 2 25 ? -5.644  1.521   -7.914  1.00 29.58  ? 643 TYR D HB2  1 
ATOM   1187 H HB3  . TYR B 2 25 ? -5.778  1.348   -9.493  1.00 29.58  ? 643 TYR D HB3  1 
ATOM   1188 H HD1  . TYR B 2 25 ? -6.612  -0.694  -10.355 1.00 27.48  ? 643 TYR D HD1  1 
ATOM   1189 H HD2  . TYR B 2 25 ? -5.333  -0.574  -6.578  1.00 30.81  ? 643 TYR D HD2  1 
ATOM   1190 H HE1  . TYR B 2 25 ? -7.351  -2.882  -10.033 1.00 37.74  ? 643 TYR D HE1  1 
ATOM   1191 H HE2  . TYR B 2 25 ? -6.050  -2.723  -6.238  1.00 33.06  ? 643 TYR D HE2  1 
ATOM   1192 H HH   . TYR B 2 25 ? -7.696  -4.312  -7.157  1.00 38.38  ? 643 TYR D HH   1 
ATOM   1193 N N    . LYS B 2 26 ? -3.122  3.176   -9.490  1.00 24.84  ? 644 LYS D N    1 
ATOM   1194 C CA   . LYS B 2 26 ? -2.619  4.163   -10.437 1.00 24.94  ? 644 LYS D CA   1 
ATOM   1195 C C    . LYS B 2 26 ? -1.269  3.771   -10.977 1.00 22.01  ? 644 LYS D C    1 
ATOM   1196 O O    . LYS B 2 26 ? -1.001  3.926   -12.155 1.00 21.29  ? 644 LYS D O    1 
ATOM   1197 C CB   . LYS B 2 26 ? -2.544  5.577   -9.802  1.00 26.96  ? 644 LYS D CB   1 
ATOM   1198 C CG   . LYS B 2 26 ? -2.018  6.676   -10.744 1.00 40.03  ? 644 LYS D CG   1 
ATOM   1199 C CD   . LYS B 2 26 ? -1.967  8.057   -10.064 1.00 52.29  ? 644 LYS D CD   1 
ATOM   1200 C CE   . LYS B 2 26 ? -0.984  8.101   -8.872  1.00 66.07  ? 644 LYS D CE   1 
ATOM   1201 N NZ   . LYS B 2 26 ? 0.477   7.935   -9.240  1.00 66.14  ? 644 LYS D NZ   1 
ATOM   1202 H H    . LYS B 2 26 ? -3.227  3.473   -8.690  1.00 29.86  ? 644 LYS D H    1 
ATOM   1203 H HA   . LYS B 2 26 ? -3.238  4.212   -11.195 1.00 29.99  ? 644 LYS D HA   1 
ATOM   1204 H HB2  . LYS B 2 26 ? -3.434  5.836   -9.517  1.00 32.41  ? 644 LYS D HB2  1 
ATOM   1205 H HB3  . LYS B 2 26 ? -1.953  5.541   -9.034  1.00 32.41  ? 644 LYS D HB3  1 
ATOM   1206 H HG2  . LYS B 2 26 ? -1.120  6.446   -11.028 1.00 48.09  ? 644 LYS D HG2  1 
ATOM   1207 H HG3  . LYS B 2 26 ? -2.605  6.741   -11.514 1.00 48.09  ? 644 LYS D HG3  1 
ATOM   1208 H HD2  . LYS B 2 26 ? -1.680  8.718   -10.714 1.00 62.80  ? 644 LYS D HD2  1 
ATOM   1209 H HD3  . LYS B 2 26 ? -2.851  8.279   -9.733  1.00 62.80  ? 644 LYS D HD3  1 
ATOM   1210 H HE2  . LYS B 2 26 ? -1.077  8.958   -8.427  1.00 79.34  ? 644 LYS D HE2  1 
ATOM   1211 H HE3  . LYS B 2 26 ? -1.213  7.389   -8.256  1.00 79.34  ? 644 LYS D HE3  1 
ATOM   1212 H HZ1  . LYS B 2 26 ? 0.727   8.584   -9.796  1.00 79.43  ? 644 LYS D HZ1  1 
ATOM   1213 H HZ2  . LYS B 2 26 ? 0.981   7.970   -8.508  1.00 79.43  ? 644 LYS D HZ2  1 
ATOM   1214 H HZ3  . LYS B 2 26 ? 0.602   7.149   -9.639  1.00 79.43  ? 644 LYS D HZ3  1 
ATOM   1215 N N    . ILE B 2 27 ? -0.400  3.276   -10.108 1.00 23.02  ? 645 ILE D N    1 
ATOM   1216 C CA   . ILE B 2 27 ? 0.952   2.913   -10.511 1.00 23.30  ? 645 ILE D CA   1 
ATOM   1217 C C    . ILE B 2 27 ? 0.889   1.670   -11.400 1.00 20.38  ? 645 ILE D C    1 
ATOM   1218 O O    . ILE B 2 27 ? 1.567   1.574   -12.434 1.00 22.48  ? 645 ILE D O    1 
ATOM   1219 C CB   . ILE B 2 27 ? 1.849   2.662   -9.238  1.00 24.35  ? 645 ILE D CB   1 
ATOM   1220 C CG1  . ILE B 2 27 ? 1.998   3.960   -8.441  1.00 26.82  ? 645 ILE D CG1  1 
ATOM   1221 C CG2  . ILE B 2 27 ? 3.216   2.131   -9.622  1.00 16.06  ? 645 ILE D CG2  1 
ATOM   1222 C CD1  . ILE B 2 27 ? 2.570   3.783   -7.084  1.00 23.31  ? 645 ILE D CD1  1 
ATOM   1223 H H    . ILE B 2 27 ? -0.568  3.140   -9.275  1.00 27.68  ? 645 ILE D H    1 
ATOM   1224 H HA   . ILE B 2 27 ? 1.345   3.645   -11.029 1.00 28.01  ? 645 ILE D HA   1 
ATOM   1225 H HB   . ILE B 2 27 ? 1.410   2.004   -8.675  1.00 29.28  ? 645 ILE D HB   1 
ATOM   1226 H HG12 . ILE B 2 27 ? 2.582   4.561   -8.931  1.00 32.24  ? 645 ILE D HG12 1 
ATOM   1227 H HG13 . ILE B 2 27 ? 1.123   4.365   -8.341  1.00 32.24  ? 645 ILE D HG13 1 
ATOM   1228 H HG21 . ILE B 2 27 ? 3.732   1.991   -8.825  1.00 19.32  ? 645 ILE D HG21 1 
ATOM   1229 H HG22 . ILE B 2 27 ? 3.108   1.301   -10.092 1.00 19.32  ? 645 ILE D HG22 1 
ATOM   1230 H HG23 . ILE B 2 27 ? 3.653   2.773   -10.187 1.00 19.32  ? 645 ILE D HG23 1 
ATOM   1231 H HD11 . ILE B 2 27 ? 2.629   4.640   -6.656  1.00 28.03  ? 645 ILE D HD11 1 
ATOM   1232 H HD12 . ILE B 2 27 ? 1.999   3.202   -6.577  1.00 28.03  ? 645 ILE D HD12 1 
ATOM   1233 H HD13 . ILE B 2 27 ? 3.445   3.395   -7.163  1.00 28.03  ? 645 ILE D HD13 1 
ATOM   1234 N N    . LEU B 2 28 ? 0.038   0.721   -11.029 1.00 22.32  ? 646 LEU D N    1 
ATOM   1235 C CA   . LEU B 2 28 ? -0.128  -0.474  -11.858 1.00 24.08  ? 646 LEU D CA   1 
ATOM   1236 C C    . LEU B 2 28 ? -0.692  -0.085  -13.232 1.00 20.43  ? 646 LEU D C    1 
ATOM   1237 O O    . LEU B 2 28 ? -0.252  -0.577  -14.266 1.00 27.05  ? 646 LEU D O    1 
ATOM   1238 C CB   . LEU B 2 28 ? -1.041  -1.489  -11.146 1.00 21.36  ? 646 LEU D CB   1 
ATOM   1239 C CG   . LEU B 2 28 ? -0.371  -2.120  -9.934  1.00 21.17  ? 646 LEU D CG   1 
ATOM   1240 C CD1  . LEU B 2 28 ? -1.355  -3.029  -9.258  1.00 26.10  ? 646 LEU D CD1  1 
ATOM   1241 C CD2  . LEU B 2 28 ? 0.928   -2.830  -10.325 1.00 27.26  ? 646 LEU D CD2  1 
ATOM   1242 H H    . LEU B 2 28 ? -0.446  0.739   -10.319 1.00 26.84  ? 646 LEU D H    1 
ATOM   1243 H HA   . LEU B 2 28 ? 0.747   -0.893  -11.994 1.00 28.95  ? 646 LEU D HA   1 
ATOM   1244 H HB2  . LEU B 2 28 ? -1.844  -1.036  -10.844 1.00 25.68  ? 646 LEU D HB2  1 
ATOM   1245 H HB3  . LEU B 2 28 ? -1.271  -2.198  -11.766 1.00 25.68  ? 646 LEU D HB3  1 
ATOM   1246 H HG   . LEU B 2 28 ? -0.142  -1.417  -9.306  1.00 25.46  ? 646 LEU D HG   1 
ATOM   1247 H HD11 . LEU B 2 28 ? -0.936  -3.429  -8.493  1.00 31.37  ? 646 LEU D HD11 1 
ATOM   1248 H HD12 . LEU B 2 28 ? -2.117  -2.514  -8.982  1.00 31.37  ? 646 LEU D HD12 1 
ATOM   1249 H HD13 . LEU B 2 28 ? -1.627  -3.710  -9.877  1.00 31.37  ? 646 LEU D HD13 1 
ATOM   1250 H HD21 . LEU B 2 28 ? 1.322   -3.215  -9.538  1.00 32.77  ? 646 LEU D HD21 1 
ATOM   1251 H HD22 . LEU B 2 28 ? 0.727   -3.520  -10.962 1.00 32.77  ? 646 LEU D HD22 1 
ATOM   1252 H HD23 . LEU B 2 28 ? 1.530   -2.190  -10.712 1.00 32.77  ? 646 LEU D HD23 1 
ATOM   1253 N N    . GLU B 2 29 ? -1.654  0.814   -13.267 1.00 26.00  ? 647 GLU D N    1 
ATOM   1254 C CA   . GLU B 2 29 ? -2.148  1.295   -14.567 1.00 22.87  ? 647 GLU D CA   1 
ATOM   1255 C C    . GLU B 2 29 ? -0.999  1.871   -15.446 1.00 27.00  ? 647 GLU D C    1 
ATOM   1256 O O    . GLU B 2 29 ? -0.914  1.553   -16.613 1.00 23.24  ? 647 GLU D O    1 
ATOM   1257 C CB   . GLU B 2 29 ? -3.285  2.315   -14.352 1.00 26.54  ? 647 GLU D CB   1 
ATOM   1258 C CG   . GLU B 2 29 ? -4.134  2.640   -15.587 1.00 28.67  ? 647 GLU D CG   1 
ATOM   1259 C CD   . GLU B 2 29 ? -3.423  3.572   -16.551 1.00 41.45  ? 647 GLU D CD   1 
ATOM   1260 O OE1  . GLU B 2 29 ? -2.610  4.382   -16.054 1.00 38.32  ? 647 GLU D OE1  1 
ATOM   1261 O OE2  . GLU B 2 29 ? -3.647  3.477   -17.789 1.00 41.16  ? 647 GLU D OE2  1 
ATOM   1262 H H    . GLU B 2 29 ? -2.037  1.161   -12.580 1.00 31.25  ? 647 GLU D H    1 
ATOM   1263 H HA   . GLU B 2 29 ? -2.528  0.532   -15.050 1.00 27.50  ? 647 GLU D HA   1 
ATOM   1264 H HB2  . GLU B 2 29 ? -3.884  1.967   -13.672 1.00 31.91  ? 647 GLU D HB2  1 
ATOM   1265 H HB3  . GLU B 2 29 ? -2.894  3.147   -14.042 1.00 31.91  ? 647 GLU D HB3  1 
ATOM   1266 H HG2  . GLU B 2 29 ? -4.337  1.818   -16.058 1.00 34.45  ? 647 GLU D HG2  1 
ATOM   1267 H HG3  . GLU B 2 29 ? -4.956  3.072   -15.302 1.00 34.45  ? 647 GLU D HG3  1 
ATOM   1268 N N    . GLU B 2 30 ? -0.124  2.712   -14.884 1.00 24.93  ? 648 GLU D N    1 
ATOM   1269 C CA   . GLU B 2 30 ? 1.021   3.260   -15.612 1.00 26.45  ? 648 GLU D CA   1 
ATOM   1270 C C    . GLU B 2 30 ? 2.025   2.197   -16.016 1.00 26.96  ? 648 GLU D C    1 
ATOM   1271 O O    . GLU B 2 30 ? 2.733   2.376   -16.989 1.00 32.66  ? 648 GLU D O    1 
ATOM   1272 C CB   . GLU B 2 30 ? 1.735   4.349   -14.770 1.00 33.46  ? 648 GLU D CB   1 
ATOM   1273 C CG   . GLU B 2 30 ? 0.766   5.509   -14.406 1.00 37.06  ? 648 GLU D CG   1 
ATOM   1274 C CD   . GLU B 2 30 ? 1.225   6.444   -13.292 1.00 47.07  ? 648 GLU D CD   1 
ATOM   1275 O OE1  . GLU B 2 30 ? 2.030   6.067   -12.390 1.00 42.08  ? 648 GLU D OE1  1 
ATOM   1276 O OE2  . GLU B 2 30 ? 0.730   7.590   -13.320 1.00 53.92  ? 648 GLU D OE2  1 
ATOM   1277 H H    . GLU B 2 30 ? -0.176  2.984   -14.070 1.00 29.97  ? 648 GLU D H    1 
ATOM   1278 H HA   . GLU B 2 30 ? 0.694   3.685   -16.432 1.00 31.80  ? 648 GLU D HA   1 
ATOM   1279 H HB2  . GLU B 2 30 ? 2.061   3.955   -13.946 1.00 40.21  ? 648 GLU D HB2  1 
ATOM   1280 H HB3  . GLU B 2 30 ? 2.472   4.718   -15.281 1.00 40.21  ? 648 GLU D HB3  1 
ATOM   1281 H HG2  . GLU B 2 30 ? 0.627   6.050   -15.199 1.00 44.53  ? 648 GLU D HG2  1 
ATOM   1282 H HG3  . GLU B 2 30 ? -0.080  5.123   -14.129 1.00 44.53  ? 648 GLU D HG3  1 
ATOM   1283 N N    . SER B 2 31 ? 2.091   1.097   -15.263 1.00 31.62  ? 649 SER D N    1 
ATOM   1284 C CA   . SER B 2 31 ? 3.044   0.016   -15.536 1.00 26.48  ? 649 SER D CA   1 
ATOM   1285 C C    . SER B 2 31 ? 2.618   -0.978  -16.628 1.00 35.28  ? 649 SER D C    1 
ATOM   1286 O O    . SER B 2 31 ? 3.381   -1.880  -16.945 1.00 34.21  ? 649 SER D O    1 
ATOM   1287 C CB   . SER B 2 31 ? 3.295   -0.812  -14.268 1.00 30.07  ? 649 SER D CB   1 
ATOM   1288 O OG   . SER B 2 31 ? 3.628   -0.011  -13.152 1.00 32.95  ? 649 SER D OG   1 
ATOM   1289 H H    . SER B 2 31 ? 1.589   0.951   -14.581 1.00 38.00  ? 649 SER D H    1 
ATOM   1290 H HA   . SER B 2 31 ? 3.898   0.411   -15.809 1.00 31.83  ? 649 SER D HA   1 
ATOM   1291 H HB2  . SER B 2 31 ? 2.490   -1.312  -14.060 1.00 36.14  ? 649 SER D HB2  1 
ATOM   1292 H HB3  . SER B 2 31 ? 4.025   -1.426  -14.437 1.00 36.14  ? 649 SER D HB3  1 
ATOM   1293 H HG   . SER B 2 31 ? 3.635   0.781   -13.367 1.00 39.59  ? 649 SER D HG   1 
ATOM   1294 N N    . GLN B 2 32 ? 1.385   -0.881  -17.127 1.00 43.53  ? 650 GLN D N    1 
ATOM   1295 C CA   A GLN B 2 32 ? 0.937   -1.799  -18.165 0.40 36.80  ? 650 GLN D CA   1 
ATOM   1296 C CA   B GLN B 2 32 ? 0.885   -1.769  -18.177 0.60 36.79  ? 650 GLN D CA   1 
ATOM   1297 C C    . GLN B 2 32 ? 1.155   -1.147  -19.521 1.00 44.44  ? 650 GLN D C    1 
ATOM   1298 O O    . GLN B 2 32 ? 1.227   -1.837  -20.538 1.00 52.63  ? 650 GLN D O    1 
ATOM   1299 C CB   A GLN B 2 32 ? -0.539  -2.203  -17.963 0.40 38.49  ? 650 GLN D CB   1 
ATOM   1300 C CB   B GLN B 2 32 ? -0.635  -1.959  -18.100 0.60 39.17  ? 650 GLN D CB   1 
ATOM   1301 C CG   A GLN B 2 32 ? -0.751  -3.198  -16.818 0.40 30.88  ? 650 GLN D CG   1 
ATOM   1302 C CG   B GLN B 2 32 ? -1.215  -2.144  -16.736 0.60 32.24  ? 650 GLN D CG   1 
ATOM   1303 C CD   A GLN B 2 32 ? -1.013  -4.637  -17.265 0.40 33.12  ? 650 GLN D CD   1 
ATOM   1304 C CD   B GLN B 2 32 ? -0.716  -3.412  -16.023 0.60 27.54  ? 650 GLN D CD   1 
ATOM   1305 O OE1  A GLN B 2 32 ? -1.996  -4.944  -17.977 0.40 30.84  ? 650 GLN D OE1  1 
ATOM   1306 O OE1  B GLN B 2 32 ? -0.900  -4.519  -16.488 0.60 30.41  ? 650 GLN D OE1  1 
ATOM   1307 N NE2  A GLN B 2 32 ? -0.143  -5.544  -16.811 0.40 31.56  ? 650 GLN D NE2  1 
ATOM   1308 N NE2  B GLN B 2 32 ? -0.091  -3.230  -14.894 0.60 22.01  ? 650 GLN D NE2  1 
ATOM   1309 H H    A GLN B 2 32 ? 0.799   -0.300  -16.885 0.40 52.28  ? 650 GLN D H    1 
ATOM   1310 H H    B GLN B 2 32 ? 0.809   -0.297  -16.869 0.60 52.28  ? 650 GLN D H    1 
ATOM   1311 H HA   A GLN B 2 32 ? 1.482   -2.612  -18.128 0.40 44.21  ? 650 GLN D HA   1 
ATOM   1312 H HA   B GLN B 2 32 ? 1.327   -2.642  -18.127 0.60 44.20  ? 650 GLN D HA   1 
ATOM   1313 H HB2  A GLN B 2 32 ? -1.057  -1.408  -17.765 0.40 46.24  ? 650 GLN D HB2  1 
ATOM   1314 H HB2  B GLN B 2 32 ? -1.059  -1.177  -18.489 0.60 47.06  ? 650 GLN D HB2  1 
ATOM   1315 H HB3  A GLN B 2 32 ? -0.865  -2.615  -18.779 0.40 46.24  ? 650 GLN D HB3  1 
ATOM   1316 H HB3  B GLN B 2 32 ? -0.870  -2.742  -18.620 0.60 47.06  ? 650 GLN D HB3  1 
ATOM   1317 H HG2  A GLN B 2 32 ? 0.042   -3.203  -16.261 0.40 37.11  ? 650 GLN D HG2  1 
ATOM   1318 H HG2  B GLN B 2 32 ? -0.976  -1.381  -16.187 0.60 38.74  ? 650 GLN D HG2  1 
ATOM   1319 H HG3  A GLN B 2 32 ? -1.515  -2.909  -16.295 0.40 37.11  ? 650 GLN D HG3  1 
ATOM   1320 H HG3  B GLN B 2 32 ? -2.180  -2.206  -16.811 0.60 38.74  ? 650 GLN D HG3  1 
ATOM   1321 H HE21 A GLN B 2 32 ? -0.235  -6.373  -17.026 0.40 37.92  ? 650 GLN D HE21 1 
ATOM   1322 H HE21 B GLN B 2 32 ? 0.021   -2.434  -14.589 0.60 26.47  ? 650 GLN D HE21 1 
ATOM   1323 H HE22 A GLN B 2 32 ? 0.507   -5.301  -16.304 0.40 37.92  ? 650 GLN D HE22 1 
ATOM   1324 H HE22 B GLN B 2 32 ? 0.209   -3.906  -14.455 0.60 26.47  ? 650 GLN D HE22 1 
ATOM   1325 N N    . GLU B 2 33 ? 1.277   0.176   -19.515 1.00 50.62  ? 651 GLU D N    1 
ATOM   1326 C CA   . GLU B 2 33 ? 1.491   0.932   -20.736 1.00 66.44  ? 651 GLU D CA   1 
ATOM   1327 C C    . GLU B 2 33 ? 2.974   0.975   -21.087 1.00 66.97  ? 651 GLU D C    1 
ATOM   1328 O O    . GLU B 2 33 ? 3.340   1.423   -22.172 1.00 74.44  ? 651 GLU D O    1 
ATOM   1329 C CB   . GLU B 2 33 ? 0.903   2.338   -20.597 1.00 67.56  ? 651 GLU D CB   1 
ATOM   1330 C CG   . GLU B 2 33 ? -0.633  2.346   -20.556 1.00 68.90  ? 651 GLU D CG   1 
ATOM   1331 C CD   . GLU B 2 33 ? -1.283  1.881   -21.871 1.00 75.97  ? 651 GLU D CD   1 
ATOM   1332 O OE1  . GLU B 2 33 ? -0.646  1.992   -22.949 1.00 77.97  ? 651 GLU D OE1  1 
ATOM   1333 O OE2  . GLU B 2 33 ? -2.442  1.409   -21.825 1.00 65.11  ? 651 GLU D OE2  1 
ATOM   1334 H H    . GLU B 2 33 ? 1.239   0.662   -18.806 1.00 60.80  ? 651 GLU D H    1 
ATOM   1335 H HA   . GLU B 2 33 ? 1.023   0.483   -21.471 1.00 79.78  ? 651 GLU D HA   1 
ATOM   1336 H HB2  . GLU B 2 33 ? 1.225   2.736   -19.774 1.00 81.13  ? 651 GLU D HB2  1 
ATOM   1337 H HB3  . GLU B 2 33 ? 1.183   2.874   -21.357 1.00 81.13  ? 651 GLU D HB3  1 
ATOM   1338 H HG2  . GLU B 2 33 ? -0.930  1.751   -19.849 1.00 82.74  ? 651 GLU D HG2  1 
ATOM   1339 H HG3  . GLU B 2 33 ? -0.938  3.249   -20.376 1.00 82.74  ? 651 GLU D HG3  1 
ATOM   1340 N N    . GLN B 2 34 ? 3.806   0.495   -20.160 1.00 61.95  ? 652 GLN D N    1 
ATOM   1341 C CA   . GLN B 2 34 ? 5.217   0.216   -20.408 1.00 65.02  ? 652 GLN D CA   1 
ATOM   1342 C C    . GLN B 2 34 ? 5.395   -1.243  -20.822 1.00 71.52  ? 652 GLN D C    1 
ATOM   1343 O O    . GLN B 2 34 ? 5.855   -2.071  -20.027 1.00 65.36  ? 652 GLN D O    1 
ATOM   1344 C CB   . GLN B 2 34 ? 6.048   0.459   -19.144 1.00 64.64  ? 652 GLN D CB   1 
ATOM   1345 C CG   . GLN B 2 34 ? 5.938   1.865   -18.550 1.00 64.05  ? 652 GLN D CG   1 
ATOM   1346 C CD   . GLN B 2 34 ? 6.644   2.928   -19.391 1.00 79.29  ? 652 GLN D CD   1 
ATOM   1347 O OE1  . GLN B 2 34 ? 7.837   2.798   -19.708 1.00 73.98  ? 652 GLN D OE1  1 
ATOM   1348 N NE2  . GLN B 2 34 ? 5.908   3.987   -19.756 1.00 75.40  ? 652 GLN D NE2  1 
ATOM   1349 H H    . GLN B 2 34 ? 3.564   0.318   -19.354 1.00 74.39  ? 652 GLN D H    1 
ATOM   1350 H HA   . GLN B 2 34 ? 5.552   0.794   -21.126 1.00 78.07  ? 652 GLN D HA   1 
ATOM   1351 H HB2  . GLN B 2 34 ? 5.762   -0.170  -18.463 1.00 77.62  ? 652 GLN D HB2  1 
ATOM   1352 H HB3  . GLN B 2 34 ? 6.982   0.304   -19.357 1.00 77.62  ? 652 GLN D HB3  1 
ATOM   1353 H HG2  . GLN B 2 34 ? 5.001   2.108   -18.488 1.00 76.91  ? 652 GLN D HG2  1 
ATOM   1354 H HG3  . GLN B 2 34 ? 6.339   1.866   -17.668 1.00 76.91  ? 652 GLN D HG3  1 
ATOM   1355 H HE21 . GLN B 2 34 ? 5.084   4.041   -19.516 1.00 90.53  ? 652 GLN D HE21 1 
ATOM   1356 H HE22 . GLN B 2 34 ? 6.261   4.612   -20.230 1.00 90.53  ? 652 GLN D HE22 1 
HETATM 1357 S S    . SO4 C 3 .  ? 6.971   6.511   0.386   0.49 20.74  ? 601 SO4 C S    1 
HETATM 1358 O O1   . SO4 C 3 .  ? 7.530   6.036   1.648   0.49 18.60  ? 601 SO4 C O1   1 
HETATM 1359 O O2   . SO4 C 3 .  ? 5.544   6.255   0.192   0.49 20.04  ? 601 SO4 C O2   1 
HETATM 1360 O O3   . SO4 C 3 .  ? 7.212   7.947   0.342   0.49 22.55  ? 601 SO4 C O3   1 
HETATM 1361 O O4   . SO4 C 3 .  ? 7.681   5.800   -0.671  0.49 15.09  ? 601 SO4 C O4   1 
HETATM 1362 O O    . HOH D 4 .  ? 9.587   6.365   2.899   1.00 26.71  ? 701 HOH C O    1 
HETATM 1363 O O    . HOH D 4 .  ? 5.674   9.600   -0.690  1.00 19.07  ? 702 HOH C O    1 
HETATM 1364 O O    . HOH D 4 .  ? 4.108   8.558   -2.703  1.00 31.31  ? 703 HOH C O    1 
HETATM 1365 O O    . HOH D 4 .  ? 11.619  3.818   -0.222  1.00 30.14  ? 704 HOH C O    1 
HETATM 1366 O O    . HOH D 4 .  ? 10.451  5.938   -5.474  1.00 33.68  ? 705 HOH C O    1 
HETATM 1367 O O    . HOH D 4 .  ? 11.021  7.727   1.687   1.00 31.05  ? 706 HOH C O    1 
HETATM 1368 O O    . HOH D 4 .  ? 4.063   6.913   -5.967  1.00 32.65  ? 707 HOH C O    1 
HETATM 1369 O O    . HOH D 4 .  ? 3.639   9.335   -5.324  1.00 32.85  ? 708 HOH C O    1 
HETATM 1370 O O    . HOH D 4 .  ? -5.836  -5.212  26.115  1.00 50.91  ? 709 HOH C O    1 
HETATM 1371 O O    . HOH D 4 .  ? -10.769 -14.840 33.065  1.00 67.05  ? 710 HOH C O    1 
HETATM 1372 O O    . HOH D 4 .  ? -10.347 -7.040  30.134  1.00 53.66  ? 711 HOH C O    1 
HETATM 1373 O O    . HOH D 4 .  ? -6.157  -7.002  28.291  1.00 45.02  ? 712 HOH C O    1 
HETATM 1374 O O    . HOH D 4 .  ? -1.422  -7.918  5.021   0.33 16.62  ? 713 HOH C O    1 
HETATM 1375 O O    . HOH D 4 .  ? 4.085   10.441  1.290   1.00 17.73  ? 714 HOH C O    1 
HETATM 1376 O O    . HOH E 4 .  ? 3.822   7.719   1.880   1.00 25.28  ? 701 HOH D O    1 
HETATM 1377 O O    . HOH E 4 .  ? -6.663  4.461   -8.396  1.00 34.20  ? 702 HOH D O    1 
HETATM 1378 O O    . HOH E 4 .  ? -4.033  8.246   -3.472  1.00 40.11  ? 703 HOH D O    1 
HETATM 1379 O O    . HOH E 4 .  ? -9.363  5.244   -8.105  1.00 47.69  ? 704 HOH D O    1 
HETATM 1380 O O    . HOH E 4 .  ? -6.029  9.616   -3.450  1.00 52.93  ? 705 HOH D O    1 
HETATM 1381 O O    . HOH E 4 .  ? -11.291 3.825   -7.755  1.00 49.09  ? 706 HOH D O    1 
HETATM 1382 O O    . HOH E 4 .  ? -6.585  3.130   -10.987 0.50 38.03  ? 707 HOH D O    1 
HETATM 1383 O O    . HOH E 4 .  ? -3.580  8.373   -5.534  1.00 39.23  ? 708 HOH D O    1 
# 
loop_
_pdbx_poly_seq_scheme.asym_id 
_pdbx_poly_seq_scheme.entity_id 
_pdbx_poly_seq_scheme.seq_id 
_pdbx_poly_seq_scheme.mon_id 
_pdbx_poly_seq_scheme.ndb_seq_num 
_pdbx_poly_seq_scheme.pdb_seq_num 
_pdbx_poly_seq_scheme.auth_seq_num 
_pdbx_poly_seq_scheme.pdb_mon_id 
_pdbx_poly_seq_scheme.auth_mon_id 
_pdbx_poly_seq_scheme.pdb_strand_id 
_pdbx_poly_seq_scheme.pdb_ins_code 
_pdbx_poly_seq_scheme.hetero 
A 1 1  GLY 1  -10 ?   ?   ?   C . n 
A 1 2  SER 2  -9  ?   ?   ?   C . n 
A 1 3  ALA 3  -8  ?   ?   ?   C . n 
A 1 4  MET 4  -7  ?   ?   ?   C . n 
A 1 5  ALA 5  -6  -6  ALA ALA C . n 
A 1 6  ASP 6  -5  -5  ASP ASP C . n 
A 1 7  ILE 7  -4  -4  ILE ILE C . n 
A 1 8  GLY 8  -3  -3  GLY GLY C . n 
A 1 9  SER 9  -2  -2  SER SER C . n 
A 1 10 GLU 10 -1  -1  GLU GLU C . n 
A 1 11 PHE 11 0   0   PHE PHE C . n 
A 1 12 SER 12 546 546 SER SER C . n 
A 1 13 GLY 13 547 547 GLY GLY C . n 
A 1 14 ILE 14 548 548 ILE ILE C . n 
A 1 15 VAL 15 549 549 VAL VAL C . n 
A 1 16 GLN 16 550 550 GLN GLN C . n 
A 1 17 GLN 17 551 551 GLN GLN C . n 
A 1 18 GLN 18 552 552 GLN GLN C . n 
A 1 19 ASN 19 553 553 ASN ASN C . n 
A 1 20 ASN 20 554 554 ASN ASN C . n 
A 1 21 LEU 21 555 555 LEU LEU C . n 
A 1 22 LEU 22 556 556 LEU LEU C . n 
A 1 23 ARG 23 557 557 ARG ARG C . n 
A 1 24 ALA 24 558 558 ALA ALA C . n 
A 1 25 ILE 25 559 559 ILE ILE C . n 
A 1 26 GLU 26 560 560 GLU GLU C . n 
A 1 27 ALA 27 561 561 ALA ALA C . n 
A 1 28 GLN 28 562 562 GLN GLN C . n 
A 1 29 GLN 29 563 563 GLN GLN C . n 
A 1 30 HIS 30 564 564 HIS HIS C . n 
A 1 31 LEU 31 565 565 LEU LEU C . n 
A 1 32 LEU 32 566 566 LEU LEU C . n 
A 1 33 GLN 33 567 567 GLN GLN C . n 
A 1 34 LEU 34 568 568 LEU LEU C . n 
A 1 35 THR 35 569 569 THR THR C . n 
A 1 36 VAL 36 570 570 VAL VAL C . n 
A 1 37 TRP 37 571 571 TRP TRP C . n 
A 1 38 GLY 38 572 572 GLY GLY C . n 
A 1 39 ILE 39 573 573 ILE ILE C . n 
A 1 40 LYS 40 574 574 LYS LYS C . n 
A 1 41 GLN 41 575 575 GLN GLN C . n 
A 1 42 LEU 42 576 576 LEU LEU C . n 
A 1 43 GLN 43 577 577 GLN GLN C . n 
A 1 44 ALA 44 578 578 ALA ALA C . n 
A 1 45 ARG 45 579 579 ARG ARG C . n 
A 1 46 ILE 46 580 580 ILE ILE C . n 
A 1 47 LEU 47 581 581 LEU LEU C . n 
A 1 48 ALA 48 582 582 ALA ALA C . n 
A 1 49 VAL 49 583 583 VAL VAL C . n 
A 1 50 GLU 50 584 584 GLU GLU C . n 
A 1 51 ARG 51 585 585 ARG ARG C . n 
A 1 52 TYR 52 586 586 TYR TYR C . n 
A 1 53 LEU 53 587 587 LEU LEU C . n 
A 1 54 LYS 54 588 ?   ?   ?   C . n 
A 1 55 SER 55 589 ?   ?   ?   C . n 
A 1 56 GLY 56 590 ?   ?   ?   C . n 
A 1 57 GLY 57 591 ?   ?   ?   C . n 
A 1 58 ARG 58 592 ?   ?   ?   C . n 
B 2 1  GLY 1  619 ?   ?   ?   D . n 
B 2 2  GLY 2  620 ?   ?   ?   D . n 
B 2 3  VAL 3  621 ?   ?   ?   D . n 
B 2 4  GLU 4  622 ?   ?   ?   D . n 
B 2 5  TRP 5  623 623 TRP TRP D . n 
B 2 6  ASN 6  624 624 ASN ASN D . n 
B 2 7  GLU 7  625 625 GLU GLU D . n 
B 2 8  MET 8  626 626 MET MET D . n 
B 2 9  THR 9  627 627 THR THR D . n 
B 2 10 TRP 10 628 628 TRP TRP D . n 
B 2 11 MET 11 629 629 MET MET D . n 
B 2 12 GLU 12 630 630 GLU GLU D . n 
B 2 13 TRP 13 631 631 TRP TRP D . n 
B 2 14 GLU 14 632 632 GLU GLU D . n 
B 2 15 ARG 15 633 633 ARG ARG D . n 
B 2 16 GLU 16 634 634 GLU GLU D . n 
B 2 17 ILE 17 635 635 ILE ILE D . n 
B 2 18 GLU 18 636 636 GLU GLU D . n 
B 2 19 ASN 19 637 637 ASN ASN D . n 
B 2 20 TYR 20 638 638 TYR TYR D . n 
B 2 21 THR 21 639 639 THR THR D . n 
B 2 22 LYS 22 640 640 LYS LYS D . n 
B 2 23 LEU 23 641 641 LEU LEU D . n 
B 2 24 ILE 24 642 642 ILE ILE D . n 
B 2 25 TYR 25 643 643 TYR TYR D . n 
B 2 26 LYS 26 644 644 LYS LYS D . n 
B 2 27 ILE 27 645 645 ILE ILE D . n 
B 2 28 LEU 28 646 646 LEU LEU D . n 
B 2 29 GLU 29 647 647 GLU GLU D . n 
B 2 30 GLU 30 648 648 GLU GLU D . n 
B 2 31 SER 31 649 649 SER SER D . n 
B 2 32 GLN 32 650 650 GLN GLN D . n 
B 2 33 GLU 33 651 651 GLU GLU D . n 
B 2 34 GLN 34 652 652 GLN GLN D . n 
# 
loop_
_pdbx_nonpoly_scheme.asym_id 
_pdbx_nonpoly_scheme.entity_id 
_pdbx_nonpoly_scheme.mon_id 
_pdbx_nonpoly_scheme.ndb_seq_num 
_pdbx_nonpoly_scheme.pdb_seq_num 
_pdbx_nonpoly_scheme.auth_seq_num 
_pdbx_nonpoly_scheme.pdb_mon_id 
_pdbx_nonpoly_scheme.auth_mon_id 
_pdbx_nonpoly_scheme.pdb_strand_id 
_pdbx_nonpoly_scheme.pdb_ins_code 
C 3 SO4 1  601 1  SO4 SO4 C . 
D 4 HOH 1  701 1  HOH HOH C . 
D 4 HOH 2  702 2  HOH HOH C . 
D 4 HOH 3  703 3  HOH HOH C . 
D 4 HOH 4  704 4  HOH HOH C . 
D 4 HOH 5  705 5  HOH HOH C . 
D 4 HOH 6  706 6  HOH HOH C . 
D 4 HOH 7  707 7  HOH HOH C . 
D 4 HOH 8  708 8  HOH HOH C . 
D 4 HOH 9  709 9  HOH HOH C . 
D 4 HOH 10 710 10 HOH HOH C . 
D 4 HOH 11 711 11 HOH HOH C . 
D 4 HOH 12 712 12 HOH HOH C . 
D 4 HOH 13 713 13 HOH HOH C . 
D 4 HOH 14 714 22 HOH HOH C . 
E 4 HOH 1  701 14 HOH HOH D . 
E 4 HOH 2  702 15 HOH HOH D . 
E 4 HOH 3  703 16 HOH HOH D . 
E 4 HOH 4  704 17 HOH HOH D . 
E 4 HOH 5  705 18 HOH HOH D . 
E 4 HOH 6  706 19 HOH HOH D . 
E 4 HOH 7  707 20 HOH HOH D . 
E 4 HOH 8  708 21 HOH HOH D . 
# 
_pdbx_struct_assembly.id                   1 
_pdbx_struct_assembly.details              author_and_software_defined_assembly 
_pdbx_struct_assembly.method_details       PISA 
_pdbx_struct_assembly.oligomeric_details   hexameric 
_pdbx_struct_assembly.oligomeric_count     6 
# 
_pdbx_struct_assembly_gen.assembly_id       1 
_pdbx_struct_assembly_gen.oper_expression   1,2,3 
_pdbx_struct_assembly_gen.asym_id_list      A,B,C,D,E 
# 
loop_
_pdbx_struct_assembly_prop.biol_id 
_pdbx_struct_assembly_prop.type 
_pdbx_struct_assembly_prop.value 
_pdbx_struct_assembly_prop.details 
1 'ABSA (A^2)' 11740 ? 
1 MORE         -93   ? 
1 'SSA (A^2)'  12470 ? 
# 
loop_
_pdbx_struct_oper_list.id 
_pdbx_struct_oper_list.type 
_pdbx_struct_oper_list.name 
_pdbx_struct_oper_list.symmetry_operation 
_pdbx_struct_oper_list.matrix[1][1] 
_pdbx_struct_oper_list.matrix[1][2] 
_pdbx_struct_oper_list.matrix[1][3] 
_pdbx_struct_oper_list.vector[1] 
_pdbx_struct_oper_list.matrix[2][1] 
_pdbx_struct_oper_list.matrix[2][2] 
_pdbx_struct_oper_list.matrix[2][3] 
_pdbx_struct_oper_list.vector[2] 
_pdbx_struct_oper_list.matrix[3][1] 
_pdbx_struct_oper_list.matrix[3][2] 
_pdbx_struct_oper_list.matrix[3][3] 
_pdbx_struct_oper_list.vector[3] 
1 'identity operation'         1_555 x,y,z       1.0000000000 0.0000000000  0.0000000000  0.0000000000  0.0000000000  1.0000000000  0.0000000000  0.0000000000   0.0000000000  0.0000000000  1.0000000000 0.0000000000  
2 'crystal symmetry operation' 2_565 -y,x-y+1,z  0.0644718635 0.8171018805  -0.5728768592 8.0155929822  -0.5223357276 -0.4615184164 -0.7170537909 -8.7161182847  -0.8502992218 0.3454638452  0.3970465529 4.5531518179  
3 'crystal symmetry operation' 3_455 -x+y-1,-x,z 0.0644718635 -0.5223357276 -0.8502992218 -1.1979787545 0.8171018805  -0.4615184164 0.3454638452  -12.1451545408 -0.5728768592 -0.7170537909 0.3970465529 -3.4657911598 
# 
loop_
_pdbx_struct_special_symmetry.id 
_pdbx_struct_special_symmetry.PDB_model_num 
_pdbx_struct_special_symmetry.auth_asym_id 
_pdbx_struct_special_symmetry.auth_comp_id 
_pdbx_struct_special_symmetry.auth_seq_id 
_pdbx_struct_special_symmetry.PDB_ins_code 
_pdbx_struct_special_symmetry.label_asym_id 
_pdbx_struct_special_symmetry.label_comp_id 
_pdbx_struct_special_symmetry.label_seq_id 
1 1 C SO4 601 ? C SO4 . 
2 1 C HOH 713 ? D HOH . 
3 1 D HOH 707 ? E HOH . 
# 
loop_
_pdbx_audit_revision_history.ordinal 
_pdbx_audit_revision_history.data_content_type 
_pdbx_audit_revision_history.major_revision 
_pdbx_audit_revision_history.minor_revision 
_pdbx_audit_revision_history.revision_date 
1 'Structure model' 1 0 2012-06-13 
2 'Structure model' 1 1 2013-06-26 
3 'Structure model' 1 2 2023-11-08 
# 
_pdbx_audit_revision_details.ordinal             1 
_pdbx_audit_revision_details.revision_ordinal    1 
_pdbx_audit_revision_details.data_content_type   'Structure model' 
_pdbx_audit_revision_details.provider            repository 
_pdbx_audit_revision_details.type                'Initial release' 
_pdbx_audit_revision_details.description         ? 
_pdbx_audit_revision_details.details             ? 
# 
loop_
_pdbx_audit_revision_group.ordinal 
_pdbx_audit_revision_group.revision_ordinal 
_pdbx_audit_revision_group.data_content_type 
_pdbx_audit_revision_group.group 
1 2 'Structure model' 'Database references'    
2 3 'Structure model' 'Data collection'        
3 3 'Structure model' 'Database references'    
4 3 'Structure model' 'Derived calculations'   
5 3 'Structure model' 'Refinement description' 
# 
loop_
_pdbx_audit_revision_category.ordinal 
_pdbx_audit_revision_category.revision_ordinal 
_pdbx_audit_revision_category.data_content_type 
_pdbx_audit_revision_category.category 
1 3 'Structure model' chem_comp_atom                
2 3 'Structure model' chem_comp_bond                
3 3 'Structure model' database_2                    
4 3 'Structure model' pdbx_initial_refinement_model 
5 3 'Structure model' pdbx_struct_special_symmetry  
6 3 'Structure model' struct_ref_seq_dif            
7 3 'Structure model' struct_site                   
# 
loop_
_pdbx_audit_revision_item.ordinal 
_pdbx_audit_revision_item.revision_ordinal 
_pdbx_audit_revision_item.data_content_type 
_pdbx_audit_revision_item.item 
1 3 'Structure model' '_database_2.pdbx_DOI'                
2 3 'Structure model' '_database_2.pdbx_database_accession' 
3 3 'Structure model' '_struct_ref_seq_dif.details'         
4 3 'Structure model' '_struct_site.pdbx_auth_asym_id'      
5 3 'Structure model' '_struct_site.pdbx_auth_comp_id'      
6 3 'Structure model' '_struct_site.pdbx_auth_seq_id'       
# 
loop_
_software.name 
_software.classification 
_software.version 
_software.citation_id 
_software.pdbx_ordinal 
RemDAq 'data collection' .                            ? 1 
PHASER phasing           .                            ? 2 
PHENIX refinement        '(phenix.refine: 1.6.1_357)' ? 3 
XDS    'data reduction'  package                      ? 4 
XDS    'data scaling'    package                      ? 5 
# 
_pdbx_validate_close_contact.id               1 
_pdbx_validate_close_contact.PDB_model_num    1 
_pdbx_validate_close_contact.auth_atom_id_1   O 
_pdbx_validate_close_contact.auth_asym_id_1   D 
_pdbx_validate_close_contact.auth_comp_id_1   HOH 
_pdbx_validate_close_contact.auth_seq_id_1    703 
_pdbx_validate_close_contact.PDB_ins_code_1   ? 
_pdbx_validate_close_contact.label_alt_id_1   ? 
_pdbx_validate_close_contact.auth_atom_id_2   O 
_pdbx_validate_close_contact.auth_asym_id_2   D 
_pdbx_validate_close_contact.auth_comp_id_2   HOH 
_pdbx_validate_close_contact.auth_seq_id_2    708 
_pdbx_validate_close_contact.PDB_ins_code_2   ? 
_pdbx_validate_close_contact.label_alt_id_2   ? 
_pdbx_validate_close_contact.dist             2.12 
# 
_pdbx_validate_symm_contact.id                1 
_pdbx_validate_symm_contact.PDB_model_num     1 
_pdbx_validate_symm_contact.auth_atom_id_1    O 
_pdbx_validate_symm_contact.auth_asym_id_1    C 
_pdbx_validate_symm_contact.auth_comp_id_1    HOH 
_pdbx_validate_symm_contact.auth_seq_id_1     703 
_pdbx_validate_symm_contact.PDB_ins_code_1    ? 
_pdbx_validate_symm_contact.label_alt_id_1    ? 
_pdbx_validate_symm_contact.site_symmetry_1   1_555 
_pdbx_validate_symm_contact.auth_atom_id_2    O 
_pdbx_validate_symm_contact.auth_asym_id_2    C 
_pdbx_validate_symm_contact.auth_comp_id_2    HOH 
_pdbx_validate_symm_contact.auth_seq_id_2     703 
_pdbx_validate_symm_contact.PDB_ins_code_2    ? 
_pdbx_validate_symm_contact.label_alt_id_2    ? 
_pdbx_validate_symm_contact.site_symmetry_2   6_556 
_pdbx_validate_symm_contact.dist              2.09 
# 
_pdbx_validate_rmsd_angle.id                         1 
_pdbx_validate_rmsd_angle.PDB_model_num              1 
_pdbx_validate_rmsd_angle.auth_atom_id_1             NE 
_pdbx_validate_rmsd_angle.auth_asym_id_1             C 
_pdbx_validate_rmsd_angle.auth_comp_id_1             ARG 
_pdbx_validate_rmsd_angle.auth_seq_id_1              557 
_pdbx_validate_rmsd_angle.PDB_ins_code_1             ? 
_pdbx_validate_rmsd_angle.label_alt_id_1             ? 
_pdbx_validate_rmsd_angle.auth_atom_id_2             CZ 
_pdbx_validate_rmsd_angle.auth_asym_id_2             C 
_pdbx_validate_rmsd_angle.auth_comp_id_2             ARG 
_pdbx_validate_rmsd_angle.auth_seq_id_2              557 
_pdbx_validate_rmsd_angle.PDB_ins_code_2             ? 
_pdbx_validate_rmsd_angle.label_alt_id_2             ? 
_pdbx_validate_rmsd_angle.auth_atom_id_3             NH2 
_pdbx_validate_rmsd_angle.auth_asym_id_3             C 
_pdbx_validate_rmsd_angle.auth_comp_id_3             ARG 
_pdbx_validate_rmsd_angle.auth_seq_id_3              557 
_pdbx_validate_rmsd_angle.PDB_ins_code_3             ? 
_pdbx_validate_rmsd_angle.label_alt_id_3             ? 
_pdbx_validate_rmsd_angle.angle_value                117.05 
_pdbx_validate_rmsd_angle.angle_target_value         120.30 
_pdbx_validate_rmsd_angle.angle_deviation            -3.25 
_pdbx_validate_rmsd_angle.angle_standard_deviation   0.50 
_pdbx_validate_rmsd_angle.linker_flag                N 
# 
loop_
_pdbx_unobs_or_zero_occ_residues.id 
_pdbx_unobs_or_zero_occ_residues.PDB_model_num 
_pdbx_unobs_or_zero_occ_residues.polymer_flag 
_pdbx_unobs_or_zero_occ_residues.occupancy_flag 
_pdbx_unobs_or_zero_occ_residues.auth_asym_id 
_pdbx_unobs_or_zero_occ_residues.auth_comp_id 
_pdbx_unobs_or_zero_occ_residues.auth_seq_id 
_pdbx_unobs_or_zero_occ_residues.PDB_ins_code 
_pdbx_unobs_or_zero_occ_residues.label_asym_id 
_pdbx_unobs_or_zero_occ_residues.label_comp_id 
_pdbx_unobs_or_zero_occ_residues.label_seq_id 
1  1 Y 1 C GLY -10 ? A GLY 1  
2  1 Y 1 C SER -9  ? A SER 2  
3  1 Y 1 C ALA -8  ? A ALA 3  
4  1 Y 1 C MET -7  ? A MET 4  
5  1 Y 1 C LYS 588 ? A LYS 54 
6  1 Y 1 C SER 589 ? A SER 55 
7  1 Y 1 C GLY 590 ? A GLY 56 
8  1 Y 1 C GLY 591 ? A GLY 57 
9  1 Y 1 C ARG 592 ? A ARG 58 
10 1 Y 1 D GLY 619 ? B GLY 1  
11 1 Y 1 D GLY 620 ? B GLY 2  
12 1 Y 1 D VAL 621 ? B VAL 3  
13 1 Y 1 D GLU 622 ? B GLU 4  
# 
loop_
_chem_comp_atom.comp_id 
_chem_comp_atom.atom_id 
_chem_comp_atom.type_symbol 
_chem_comp_atom.pdbx_aromatic_flag 
_chem_comp_atom.pdbx_stereo_config 
_chem_comp_atom.pdbx_ordinal 
ALA N    N N N 1   
ALA CA   C N S 2   
ALA C    C N N 3   
ALA O    O N N 4   
ALA CB   C N N 5   
ALA OXT  O N N 6   
ALA H    H N N 7   
ALA H2   H N N 8   
ALA HA   H N N 9   
ALA HB1  H N N 10  
ALA HB2  H N N 11  
ALA HB3  H N N 12  
ALA HXT  H N N 13  
ARG N    N N N 14  
ARG CA   C N S 15  
ARG C    C N N 16  
ARG O    O N N 17  
ARG CB   C N N 18  
ARG CG   C N N 19  
ARG CD   C N N 20  
ARG NE   N N N 21  
ARG CZ   C N N 22  
ARG NH1  N N N 23  
ARG NH2  N N N 24  
ARG OXT  O N N 25  
ARG H    H N N 26  
ARG H2   H N N 27  
ARG HA   H N N 28  
ARG HB2  H N N 29  
ARG HB3  H N N 30  
ARG HG2  H N N 31  
ARG HG3  H N N 32  
ARG HD2  H N N 33  
ARG HD3  H N N 34  
ARG HE   H N N 35  
ARG HH11 H N N 36  
ARG HH12 H N N 37  
ARG HH21 H N N 38  
ARG HH22 H N N 39  
ARG HXT  H N N 40  
ASN N    N N N 41  
ASN CA   C N S 42  
ASN C    C N N 43  
ASN O    O N N 44  
ASN CB   C N N 45  
ASN CG   C N N 46  
ASN OD1  O N N 47  
ASN ND2  N N N 48  
ASN OXT  O N N 49  
ASN H    H N N 50  
ASN H2   H N N 51  
ASN HA   H N N 52  
ASN HB2  H N N 53  
ASN HB3  H N N 54  
ASN HD21 H N N 55  
ASN HD22 H N N 56  
ASN HXT  H N N 57  
ASP N    N N N 58  
ASP CA   C N S 59  
ASP C    C N N 60  
ASP O    O N N 61  
ASP CB   C N N 62  
ASP CG   C N N 63  
ASP OD1  O N N 64  
ASP OD2  O N N 65  
ASP OXT  O N N 66  
ASP H    H N N 67  
ASP H2   H N N 68  
ASP HA   H N N 69  
ASP HB2  H N N 70  
ASP HB3  H N N 71  
ASP HD2  H N N 72  
ASP HXT  H N N 73  
GLN N    N N N 74  
GLN CA   C N S 75  
GLN C    C N N 76  
GLN O    O N N 77  
GLN CB   C N N 78  
GLN CG   C N N 79  
GLN CD   C N N 80  
GLN OE1  O N N 81  
GLN NE2  N N N 82  
GLN OXT  O N N 83  
GLN H    H N N 84  
GLN H2   H N N 85  
GLN HA   H N N 86  
GLN HB2  H N N 87  
GLN HB3  H N N 88  
GLN HG2  H N N 89  
GLN HG3  H N N 90  
GLN HE21 H N N 91  
GLN HE22 H N N 92  
GLN HXT  H N N 93  
GLU N    N N N 94  
GLU CA   C N S 95  
GLU C    C N N 96  
GLU O    O N N 97  
GLU CB   C N N 98  
GLU CG   C N N 99  
GLU CD   C N N 100 
GLU OE1  O N N 101 
GLU OE2  O N N 102 
GLU OXT  O N N 103 
GLU H    H N N 104 
GLU H2   H N N 105 
GLU HA   H N N 106 
GLU HB2  H N N 107 
GLU HB3  H N N 108 
GLU HG2  H N N 109 
GLU HG3  H N N 110 
GLU HE2  H N N 111 
GLU HXT  H N N 112 
GLY N    N N N 113 
GLY CA   C N N 114 
GLY C    C N N 115 
GLY O    O N N 116 
GLY OXT  O N N 117 
GLY H    H N N 118 
GLY H2   H N N 119 
GLY HA2  H N N 120 
GLY HA3  H N N 121 
GLY HXT  H N N 122 
HIS N    N N N 123 
HIS CA   C N S 124 
HIS C    C N N 125 
HIS O    O N N 126 
HIS CB   C N N 127 
HIS CG   C Y N 128 
HIS ND1  N Y N 129 
HIS CD2  C Y N 130 
HIS CE1  C Y N 131 
HIS NE2  N Y N 132 
HIS OXT  O N N 133 
HIS H    H N N 134 
HIS H2   H N N 135 
HIS HA   H N N 136 
HIS HB2  H N N 137 
HIS HB3  H N N 138 
HIS HD1  H N N 139 
HIS HD2  H N N 140 
HIS HE1  H N N 141 
HIS HE2  H N N 142 
HIS HXT  H N N 143 
HOH O    O N N 144 
HOH H1   H N N 145 
HOH H2   H N N 146 
ILE N    N N N 147 
ILE CA   C N S 148 
ILE C    C N N 149 
ILE O    O N N 150 
ILE CB   C N S 151 
ILE CG1  C N N 152 
ILE CG2  C N N 153 
ILE CD1  C N N 154 
ILE OXT  O N N 155 
ILE H    H N N 156 
ILE H2   H N N 157 
ILE HA   H N N 158 
ILE HB   H N N 159 
ILE HG12 H N N 160 
ILE HG13 H N N 161 
ILE HG21 H N N 162 
ILE HG22 H N N 163 
ILE HG23 H N N 164 
ILE HD11 H N N 165 
ILE HD12 H N N 166 
ILE HD13 H N N 167 
ILE HXT  H N N 168 
LEU N    N N N 169 
LEU CA   C N S 170 
LEU C    C N N 171 
LEU O    O N N 172 
LEU CB   C N N 173 
LEU CG   C N N 174 
LEU CD1  C N N 175 
LEU CD2  C N N 176 
LEU OXT  O N N 177 
LEU H    H N N 178 
LEU H2   H N N 179 
LEU HA   H N N 180 
LEU HB2  H N N 181 
LEU HB3  H N N 182 
LEU HG   H N N 183 
LEU HD11 H N N 184 
LEU HD12 H N N 185 
LEU HD13 H N N 186 
LEU HD21 H N N 187 
LEU HD22 H N N 188 
LEU HD23 H N N 189 
LEU HXT  H N N 190 
LYS N    N N N 191 
LYS CA   C N S 192 
LYS C    C N N 193 
LYS O    O N N 194 
LYS CB   C N N 195 
LYS CG   C N N 196 
LYS CD   C N N 197 
LYS CE   C N N 198 
LYS NZ   N N N 199 
LYS OXT  O N N 200 
LYS H    H N N 201 
LYS H2   H N N 202 
LYS HA   H N N 203 
LYS HB2  H N N 204 
LYS HB3  H N N 205 
LYS HG2  H N N 206 
LYS HG3  H N N 207 
LYS HD2  H N N 208 
LYS HD3  H N N 209 
LYS HE2  H N N 210 
LYS HE3  H N N 211 
LYS HZ1  H N N 212 
LYS HZ2  H N N 213 
LYS HZ3  H N N 214 
LYS HXT  H N N 215 
MET N    N N N 216 
MET CA   C N S 217 
MET C    C N N 218 
MET O    O N N 219 
MET CB   C N N 220 
MET CG   C N N 221 
MET SD   S N N 222 
MET CE   C N N 223 
MET OXT  O N N 224 
MET H    H N N 225 
MET H2   H N N 226 
MET HA   H N N 227 
MET HB2  H N N 228 
MET HB3  H N N 229 
MET HG2  H N N 230 
MET HG3  H N N 231 
MET HE1  H N N 232 
MET HE2  H N N 233 
MET HE3  H N N 234 
MET HXT  H N N 235 
PHE N    N N N 236 
PHE CA   C N S 237 
PHE C    C N N 238 
PHE O    O N N 239 
PHE CB   C N N 240 
PHE CG   C Y N 241 
PHE CD1  C Y N 242 
PHE CD2  C Y N 243 
PHE CE1  C Y N 244 
PHE CE2  C Y N 245 
PHE CZ   C Y N 246 
PHE OXT  O N N 247 
PHE H    H N N 248 
PHE H2   H N N 249 
PHE HA   H N N 250 
PHE HB2  H N N 251 
PHE HB3  H N N 252 
PHE HD1  H N N 253 
PHE HD2  H N N 254 
PHE HE1  H N N 255 
PHE HE2  H N N 256 
PHE HZ   H N N 257 
PHE HXT  H N N 258 
SER N    N N N 259 
SER CA   C N S 260 
SER C    C N N 261 
SER O    O N N 262 
SER CB   C N N 263 
SER OG   O N N 264 
SER OXT  O N N 265 
SER H    H N N 266 
SER H2   H N N 267 
SER HA   H N N 268 
SER HB2  H N N 269 
SER HB3  H N N 270 
SER HG   H N N 271 
SER HXT  H N N 272 
SO4 S    S N N 273 
SO4 O1   O N N 274 
SO4 O2   O N N 275 
SO4 O3   O N N 276 
SO4 O4   O N N 277 
THR N    N N N 278 
THR CA   C N S 279 
THR C    C N N 280 
THR O    O N N 281 
THR CB   C N R 282 
THR OG1  O N N 283 
THR CG2  C N N 284 
THR OXT  O N N 285 
THR H    H N N 286 
THR H2   H N N 287 
THR HA   H N N 288 
THR HB   H N N 289 
THR HG1  H N N 290 
THR HG21 H N N 291 
THR HG22 H N N 292 
THR HG23 H N N 293 
THR HXT  H N N 294 
TRP N    N N N 295 
TRP CA   C N S 296 
TRP C    C N N 297 
TRP O    O N N 298 
TRP CB   C N N 299 
TRP CG   C Y N 300 
TRP CD1  C Y N 301 
TRP CD2  C Y N 302 
TRP NE1  N Y N 303 
TRP CE2  C Y N 304 
TRP CE3  C Y N 305 
TRP CZ2  C Y N 306 
TRP CZ3  C Y N 307 
TRP CH2  C Y N 308 
TRP OXT  O N N 309 
TRP H    H N N 310 
TRP H2   H N N 311 
TRP HA   H N N 312 
TRP HB2  H N N 313 
TRP HB3  H N N 314 
TRP HD1  H N N 315 
TRP HE1  H N N 316 
TRP HE3  H N N 317 
TRP HZ2  H N N 318 
TRP HZ3  H N N 319 
TRP HH2  H N N 320 
TRP HXT  H N N 321 
TYR N    N N N 322 
TYR CA   C N S 323 
TYR C    C N N 324 
TYR O    O N N 325 
TYR CB   C N N 326 
TYR CG   C Y N 327 
TYR CD1  C Y N 328 
TYR CD2  C Y N 329 
TYR CE1  C Y N 330 
TYR CE2  C Y N 331 
TYR CZ   C Y N 332 
TYR OH   O N N 333 
TYR OXT  O N N 334 
TYR H    H N N 335 
TYR H2   H N N 336 
TYR HA   H N N 337 
TYR HB2  H N N 338 
TYR HB3  H N N 339 
TYR HD1  H N N 340 
TYR HD2  H N N 341 
TYR HE1  H N N 342 
TYR HE2  H N N 343 
TYR HH   H N N 344 
TYR HXT  H N N 345 
VAL N    N N N 346 
VAL CA   C N S 347 
VAL C    C N N 348 
VAL O    O N N 349 
VAL CB   C N N 350 
VAL CG1  C N N 351 
VAL CG2  C N N 352 
VAL OXT  O N N 353 
VAL H    H N N 354 
VAL H2   H N N 355 
VAL HA   H N N 356 
VAL HB   H N N 357 
VAL HG11 H N N 358 
VAL HG12 H N N 359 
VAL HG13 H N N 360 
VAL HG21 H N N 361 
VAL HG22 H N N 362 
VAL HG23 H N N 363 
VAL HXT  H N N 364 
# 
loop_
_chem_comp_bond.comp_id 
_chem_comp_bond.atom_id_1 
_chem_comp_bond.atom_id_2 
_chem_comp_bond.value_order 
_chem_comp_bond.pdbx_aromatic_flag 
_chem_comp_bond.pdbx_stereo_config 
_chem_comp_bond.pdbx_ordinal 
ALA N   CA   sing N N 1   
ALA N   H    sing N N 2   
ALA N   H2   sing N N 3   
ALA CA  C    sing N N 4   
ALA CA  CB   sing N N 5   
ALA CA  HA   sing N N 6   
ALA C   O    doub N N 7   
ALA C   OXT  sing N N 8   
ALA CB  HB1  sing N N 9   
ALA CB  HB2  sing N N 10  
ALA CB  HB3  sing N N 11  
ALA OXT HXT  sing N N 12  
ARG N   CA   sing N N 13  
ARG N   H    sing N N 14  
ARG N   H2   sing N N 15  
ARG CA  C    sing N N 16  
ARG CA  CB   sing N N 17  
ARG CA  HA   sing N N 18  
ARG C   O    doub N N 19  
ARG C   OXT  sing N N 20  
ARG CB  CG   sing N N 21  
ARG CB  HB2  sing N N 22  
ARG CB  HB3  sing N N 23  
ARG CG  CD   sing N N 24  
ARG CG  HG2  sing N N 25  
ARG CG  HG3  sing N N 26  
ARG CD  NE   sing N N 27  
ARG CD  HD2  sing N N 28  
ARG CD  HD3  sing N N 29  
ARG NE  CZ   sing N N 30  
ARG NE  HE   sing N N 31  
ARG CZ  NH1  sing N N 32  
ARG CZ  NH2  doub N N 33  
ARG NH1 HH11 sing N N 34  
ARG NH1 HH12 sing N N 35  
ARG NH2 HH21 sing N N 36  
ARG NH2 HH22 sing N N 37  
ARG OXT HXT  sing N N 38  
ASN N   CA   sing N N 39  
ASN N   H    sing N N 40  
ASN N   H2   sing N N 41  
ASN CA  C    sing N N 42  
ASN CA  CB   sing N N 43  
ASN CA  HA   sing N N 44  
ASN C   O    doub N N 45  
ASN C   OXT  sing N N 46  
ASN CB  CG   sing N N 47  
ASN CB  HB2  sing N N 48  
ASN CB  HB3  sing N N 49  
ASN CG  OD1  doub N N 50  
ASN CG  ND2  sing N N 51  
ASN ND2 HD21 sing N N 52  
ASN ND2 HD22 sing N N 53  
ASN OXT HXT  sing N N 54  
ASP N   CA   sing N N 55  
ASP N   H    sing N N 56  
ASP N   H2   sing N N 57  
ASP CA  C    sing N N 58  
ASP CA  CB   sing N N 59  
ASP CA  HA   sing N N 60  
ASP C   O    doub N N 61  
ASP C   OXT  sing N N 62  
ASP CB  CG   sing N N 63  
ASP CB  HB2  sing N N 64  
ASP CB  HB3  sing N N 65  
ASP CG  OD1  doub N N 66  
ASP CG  OD2  sing N N 67  
ASP OD2 HD2  sing N N 68  
ASP OXT HXT  sing N N 69  
GLN N   CA   sing N N 70  
GLN N   H    sing N N 71  
GLN N   H2   sing N N 72  
GLN CA  C    sing N N 73  
GLN CA  CB   sing N N 74  
GLN CA  HA   sing N N 75  
GLN C   O    doub N N 76  
GLN C   OXT  sing N N 77  
GLN CB  CG   sing N N 78  
GLN CB  HB2  sing N N 79  
GLN CB  HB3  sing N N 80  
GLN CG  CD   sing N N 81  
GLN CG  HG2  sing N N 82  
GLN CG  HG3  sing N N 83  
GLN CD  OE1  doub N N 84  
GLN CD  NE2  sing N N 85  
GLN NE2 HE21 sing N N 86  
GLN NE2 HE22 sing N N 87  
GLN OXT HXT  sing N N 88  
GLU N   CA   sing N N 89  
GLU N   H    sing N N 90  
GLU N   H2   sing N N 91  
GLU CA  C    sing N N 92  
GLU CA  CB   sing N N 93  
GLU CA  HA   sing N N 94  
GLU C   O    doub N N 95  
GLU C   OXT  sing N N 96  
GLU CB  CG   sing N N 97  
GLU CB  HB2  sing N N 98  
GLU CB  HB3  sing N N 99  
GLU CG  CD   sing N N 100 
GLU CG  HG2  sing N N 101 
GLU CG  HG3  sing N N 102 
GLU CD  OE1  doub N N 103 
GLU CD  OE2  sing N N 104 
GLU OE2 HE2  sing N N 105 
GLU OXT HXT  sing N N 106 
GLY N   CA   sing N N 107 
GLY N   H    sing N N 108 
GLY N   H2   sing N N 109 
GLY CA  C    sing N N 110 
GLY CA  HA2  sing N N 111 
GLY CA  HA3  sing N N 112 
GLY C   O    doub N N 113 
GLY C   OXT  sing N N 114 
GLY OXT HXT  sing N N 115 
HIS N   CA   sing N N 116 
HIS N   H    sing N N 117 
HIS N   H2   sing N N 118 
HIS CA  C    sing N N 119 
HIS CA  CB   sing N N 120 
HIS CA  HA   sing N N 121 
HIS C   O    doub N N 122 
HIS C   OXT  sing N N 123 
HIS CB  CG   sing N N 124 
HIS CB  HB2  sing N N 125 
HIS CB  HB3  sing N N 126 
HIS CG  ND1  sing Y N 127 
HIS CG  CD2  doub Y N 128 
HIS ND1 CE1  doub Y N 129 
HIS ND1 HD1  sing N N 130 
HIS CD2 NE2  sing Y N 131 
HIS CD2 HD2  sing N N 132 
HIS CE1 NE2  sing Y N 133 
HIS CE1 HE1  sing N N 134 
HIS NE2 HE2  sing N N 135 
HIS OXT HXT  sing N N 136 
HOH O   H1   sing N N 137 
HOH O   H2   sing N N 138 
ILE N   CA   sing N N 139 
ILE N   H    sing N N 140 
ILE N   H2   sing N N 141 
ILE CA  C    sing N N 142 
ILE CA  CB   sing N N 143 
ILE CA  HA   sing N N 144 
ILE C   O    doub N N 145 
ILE C   OXT  sing N N 146 
ILE CB  CG1  sing N N 147 
ILE CB  CG2  sing N N 148 
ILE CB  HB   sing N N 149 
ILE CG1 CD1  sing N N 150 
ILE CG1 HG12 sing N N 151 
ILE CG1 HG13 sing N N 152 
ILE CG2 HG21 sing N N 153 
ILE CG2 HG22 sing N N 154 
ILE CG2 HG23 sing N N 155 
ILE CD1 HD11 sing N N 156 
ILE CD1 HD12 sing N N 157 
ILE CD1 HD13 sing N N 158 
ILE OXT HXT  sing N N 159 
LEU N   CA   sing N N 160 
LEU N   H    sing N N 161 
LEU N   H2   sing N N 162 
LEU CA  C    sing N N 163 
LEU CA  CB   sing N N 164 
LEU CA  HA   sing N N 165 
LEU C   O    doub N N 166 
LEU C   OXT  sing N N 167 
LEU CB  CG   sing N N 168 
LEU CB  HB2  sing N N 169 
LEU CB  HB3  sing N N 170 
LEU CG  CD1  sing N N 171 
LEU CG  CD2  sing N N 172 
LEU CG  HG   sing N N 173 
LEU CD1 HD11 sing N N 174 
LEU CD1 HD12 sing N N 175 
LEU CD1 HD13 sing N N 176 
LEU CD2 HD21 sing N N 177 
LEU CD2 HD22 sing N N 178 
LEU CD2 HD23 sing N N 179 
LEU OXT HXT  sing N N 180 
LYS N   CA   sing N N 181 
LYS N   H    sing N N 182 
LYS N   H2   sing N N 183 
LYS CA  C    sing N N 184 
LYS CA  CB   sing N N 185 
LYS CA  HA   sing N N 186 
LYS C   O    doub N N 187 
LYS C   OXT  sing N N 188 
LYS CB  CG   sing N N 189 
LYS CB  HB2  sing N N 190 
LYS CB  HB3  sing N N 191 
LYS CG  CD   sing N N 192 
LYS CG  HG2  sing N N 193 
LYS CG  HG3  sing N N 194 
LYS CD  CE   sing N N 195 
LYS CD  HD2  sing N N 196 
LYS CD  HD3  sing N N 197 
LYS CE  NZ   sing N N 198 
LYS CE  HE2  sing N N 199 
LYS CE  HE3  sing N N 200 
LYS NZ  HZ1  sing N N 201 
LYS NZ  HZ2  sing N N 202 
LYS NZ  HZ3  sing N N 203 
LYS OXT HXT  sing N N 204 
MET N   CA   sing N N 205 
MET N   H    sing N N 206 
MET N   H2   sing N N 207 
MET CA  C    sing N N 208 
MET CA  CB   sing N N 209 
MET CA  HA   sing N N 210 
MET C   O    doub N N 211 
MET C   OXT  sing N N 212 
MET CB  CG   sing N N 213 
MET CB  HB2  sing N N 214 
MET CB  HB3  sing N N 215 
MET CG  SD   sing N N 216 
MET CG  HG2  sing N N 217 
MET CG  HG3  sing N N 218 
MET SD  CE   sing N N 219 
MET CE  HE1  sing N N 220 
MET CE  HE2  sing N N 221 
MET CE  HE3  sing N N 222 
MET OXT HXT  sing N N 223 
PHE N   CA   sing N N 224 
PHE N   H    sing N N 225 
PHE N   H2   sing N N 226 
PHE CA  C    sing N N 227 
PHE CA  CB   sing N N 228 
PHE CA  HA   sing N N 229 
PHE C   O    doub N N 230 
PHE C   OXT  sing N N 231 
PHE CB  CG   sing N N 232 
PHE CB  HB2  sing N N 233 
PHE CB  HB3  sing N N 234 
PHE CG  CD1  doub Y N 235 
PHE CG  CD2  sing Y N 236 
PHE CD1 CE1  sing Y N 237 
PHE CD1 HD1  sing N N 238 
PHE CD2 CE2  doub Y N 239 
PHE CD2 HD2  sing N N 240 
PHE CE1 CZ   doub Y N 241 
PHE CE1 HE1  sing N N 242 
PHE CE2 CZ   sing Y N 243 
PHE CE2 HE2  sing N N 244 
PHE CZ  HZ   sing N N 245 
PHE OXT HXT  sing N N 246 
SER N   CA   sing N N 247 
SER N   H    sing N N 248 
SER N   H2   sing N N 249 
SER CA  C    sing N N 250 
SER CA  CB   sing N N 251 
SER CA  HA   sing N N 252 
SER C   O    doub N N 253 
SER C   OXT  sing N N 254 
SER CB  OG   sing N N 255 
SER CB  HB2  sing N N 256 
SER CB  HB3  sing N N 257 
SER OG  HG   sing N N 258 
SER OXT HXT  sing N N 259 
SO4 S   O1   doub N N 260 
SO4 S   O2   doub N N 261 
SO4 S   O3   sing N N 262 
SO4 S   O4   sing N N 263 
THR N   CA   sing N N 264 
THR N   H    sing N N 265 
THR N   H2   sing N N 266 
THR CA  C    sing N N 267 
THR CA  CB   sing N N 268 
THR CA  HA   sing N N 269 
THR C   O    doub N N 270 
THR C   OXT  sing N N 271 
THR CB  OG1  sing N N 272 
THR CB  CG2  sing N N 273 
THR CB  HB   sing N N 274 
THR OG1 HG1  sing N N 275 
THR CG2 HG21 sing N N 276 
THR CG2 HG22 sing N N 277 
THR CG2 HG23 sing N N 278 
THR OXT HXT  sing N N 279 
TRP N   CA   sing N N 280 
TRP N   H    sing N N 281 
TRP N   H2   sing N N 282 
TRP CA  C    sing N N 283 
TRP CA  CB   sing N N 284 
TRP CA  HA   sing N N 285 
TRP C   O    doub N N 286 
TRP C   OXT  sing N N 287 
TRP CB  CG   sing N N 288 
TRP CB  HB2  sing N N 289 
TRP CB  HB3  sing N N 290 
TRP CG  CD1  doub Y N 291 
TRP CG  CD2  sing Y N 292 
TRP CD1 NE1  sing Y N 293 
TRP CD1 HD1  sing N N 294 
TRP CD2 CE2  doub Y N 295 
TRP CD2 CE3  sing Y N 296 
TRP NE1 CE2  sing Y N 297 
TRP NE1 HE1  sing N N 298 
TRP CE2 CZ2  sing Y N 299 
TRP CE3 CZ3  doub Y N 300 
TRP CE3 HE3  sing N N 301 
TRP CZ2 CH2  doub Y N 302 
TRP CZ2 HZ2  sing N N 303 
TRP CZ3 CH2  sing Y N 304 
TRP CZ3 HZ3  sing N N 305 
TRP CH2 HH2  sing N N 306 
TRP OXT HXT  sing N N 307 
TYR N   CA   sing N N 308 
TYR N   H    sing N N 309 
TYR N   H2   sing N N 310 
TYR CA  C    sing N N 311 
TYR CA  CB   sing N N 312 
TYR CA  HA   sing N N 313 
TYR C   O    doub N N 314 
TYR C   OXT  sing N N 315 
TYR CB  CG   sing N N 316 
TYR CB  HB2  sing N N 317 
TYR CB  HB3  sing N N 318 
TYR CG  CD1  doub Y N 319 
TYR CG  CD2  sing Y N 320 
TYR CD1 CE1  sing Y N 321 
TYR CD1 HD1  sing N N 322 
TYR CD2 CE2  doub Y N 323 
TYR CD2 HD2  sing N N 324 
TYR CE1 CZ   doub Y N 325 
TYR CE1 HE1  sing N N 326 
TYR CE2 CZ   sing Y N 327 
TYR CE2 HE2  sing N N 328 
TYR CZ  OH   sing N N 329 
TYR OH  HH   sing N N 330 
TYR OXT HXT  sing N N 331 
VAL N   CA   sing N N 332 
VAL N   H    sing N N 333 
VAL N   H2   sing N N 334 
VAL CA  C    sing N N 335 
VAL CA  CB   sing N N 336 
VAL CA  HA   sing N N 337 
VAL C   O    doub N N 338 
VAL C   OXT  sing N N 339 
VAL CB  CG1  sing N N 340 
VAL CB  CG2  sing N N 341 
VAL CB  HB   sing N N 342 
VAL CG1 HG11 sing N N 343 
VAL CG1 HG12 sing N N 344 
VAL CG1 HG13 sing N N 345 
VAL CG2 HG21 sing N N 346 
VAL CG2 HG22 sing N N 347 
VAL CG2 HG23 sing N N 348 
VAL OXT HXT  sing N N 349 
# 
loop_
_pdbx_entity_nonpoly.entity_id 
_pdbx_entity_nonpoly.name 
_pdbx_entity_nonpoly.comp_id 
3 'SULFATE ION' SO4 
4 water         HOH 
# 
_pdbx_initial_refinement_model.id               1 
_pdbx_initial_refinement_model.entity_id_list   ? 
_pdbx_initial_refinement_model.type             'experimental model' 
_pdbx_initial_refinement_model.source_name      PDB 
_pdbx_initial_refinement_model.accession_code   3F4Y 
_pdbx_initial_refinement_model.details          'PDB ID 3F4Y' 
# 
